data_9R3Z
#
_entry.id   9R3Z
#
_cell.length_a   82.841
_cell.length_b   139.478
_cell.length_c   85.171
_cell.angle_alpha   90.000
_cell.angle_beta   93.927
_cell.angle_gamma   90.000
#
_symmetry.space_group_name_H-M   'P 1 21 1'
#
loop_
_entity.id
_entity.type
_entity.pdbx_description
1 polymer 'Retinal dehydrogenase 2'
2 water water
#
_entity_poly.entity_id   1
_entity_poly.type   'polypeptide(L)'
_entity_poly.pdbx_seq_one_letter_code
;MTSSKIEMPGEVKADPAALMASLHLLPSPTPNLEIKYTKIFINNEWQNSESGRVFPVYNPATGEQVCEVQEADKADIDKA
VQAARLAFSLGSVWRRMDASERGRLLDKLADLVERDRAVLATMESLNGGKPFLQAFYVDLQGVIKTFRYYAGWADKIHGM
TIPVDGDYFTFTRHEPIGVCGQIIPWNFPLLMFAWKIAPALCCGNTVVIKPAEQTPLSALYMGALIKEAGFPPGVINILP
GYGPTAGAAIASHIGIDKIAFTGSTEVGKLIQEAAGRSNLKRVTLELGGKSPNIIFADADLDYAVEQAHQGVFFNQGQCC
TAGSRIFVEESIYEEFVRRSVERAKRRVVGSPFDPTTEQGPQIDKKQYNKILELIQSGVAEGAKLECGGKGLGRKGFFIE
PTVFSNVTDDMRIAKEEIFGPVQEILRFKTMDEVIERANNSDFGLVAAVFTNDINKALTVSSAMQAGTVWINCYNALNAQ
SPFGGFKMSGNGREMGEFGLREYSEVKTVTVKIPQKNS
;
_entity_poly.pdbx_strand_id   A,B,C,D
#
# COMPACT_ATOMS: atom_id res chain seq x y z
N LEU A 26 13.61 17.95 -37.59
CA LEU A 26 12.78 16.77 -37.87
C LEU A 26 13.65 15.57 -38.22
N PRO A 27 13.21 14.36 -37.84
CA PRO A 27 14.01 13.16 -38.13
C PRO A 27 13.58 12.42 -39.38
N SER A 28 14.51 11.67 -39.97
CA SER A 28 14.32 11.05 -41.27
C SER A 28 14.48 9.53 -41.18
N PRO A 29 13.65 8.80 -41.90
CA PRO A 29 13.76 7.33 -41.91
C PRO A 29 15.15 6.85 -42.31
N THR A 30 15.46 5.60 -41.99
CA THR A 30 16.76 5.04 -42.33
C THR A 30 16.80 4.68 -43.81
N PRO A 31 17.79 5.19 -44.57
CA PRO A 31 17.76 5.02 -46.03
C PRO A 31 17.92 3.58 -46.47
N ASN A 32 19.01 2.95 -46.06
CA ASN A 32 19.30 1.55 -46.42
C ASN A 32 18.83 0.69 -45.26
N LEU A 33 17.57 0.25 -45.32
CA LEU A 33 16.99 -0.52 -44.23
C LEU A 33 17.15 -2.01 -44.50
N GLU A 34 18.38 -2.47 -44.31
CA GLU A 34 18.61 -3.90 -44.29
C GLU A 34 17.90 -4.49 -43.08
N ILE A 35 16.94 -5.38 -43.35
CA ILE A 35 16.30 -6.15 -42.29
C ILE A 35 17.25 -7.28 -41.91
N LYS A 36 18.24 -6.95 -41.08
CA LYS A 36 19.29 -7.90 -40.70
C LYS A 36 18.73 -9.10 -39.93
N TYR A 37 17.71 -8.88 -39.10
CA TYR A 37 17.28 -9.85 -38.11
C TYR A 37 15.98 -10.52 -38.58
N THR A 38 16.09 -11.82 -38.91
CA THR A 38 15.00 -12.61 -39.50
C THR A 38 14.87 -13.99 -38.89
N LYS A 39 15.86 -14.48 -38.16
CA LYS A 39 15.83 -15.79 -37.53
C LYS A 39 15.03 -15.75 -36.23
N ILE A 40 14.62 -16.93 -35.78
CA ILE A 40 14.04 -17.07 -34.45
C ILE A 40 15.11 -16.83 -33.39
N PHE A 41 14.66 -16.58 -32.16
CA PHE A 41 15.52 -16.17 -31.05
C PHE A 41 15.28 -17.10 -29.85
N ILE A 42 16.26 -17.97 -29.55
CA ILE A 42 16.26 -18.83 -28.37
C ILE A 42 17.62 -18.75 -27.70
N ASN A 43 17.63 -18.65 -26.37
CA ASN A 43 18.88 -18.65 -25.59
C ASN A 43 19.85 -17.61 -26.12
N ASN A 44 19.31 -16.49 -26.60
CA ASN A 44 20.09 -15.39 -27.17
C ASN A 44 20.90 -15.86 -28.37
N GLU A 45 20.47 -16.93 -29.01
CA GLU A 45 21.04 -17.44 -30.25
C GLU A 45 20.02 -17.34 -31.36
N TRP A 46 20.42 -16.82 -32.50
CA TRP A 46 19.53 -16.79 -33.65
C TRP A 46 19.48 -18.16 -34.29
N GLN A 47 18.27 -18.67 -34.51
CA GLN A 47 18.06 -20.05 -34.90
C GLN A 47 17.09 -20.15 -36.07
N ASN A 48 17.17 -21.29 -36.76
CA ASN A 48 16.31 -21.58 -37.90
C ASN A 48 15.19 -22.50 -37.48
N SER A 49 14.21 -22.63 -38.36
CA SER A 49 13.07 -23.50 -38.07
C SER A 49 13.54 -24.94 -37.98
N GLU A 50 13.06 -25.65 -36.94
CA GLU A 50 13.33 -27.08 -36.88
C GLU A 50 12.85 -27.76 -38.14
N SER A 51 11.77 -27.26 -38.72
CA SER A 51 11.27 -27.76 -39.99
C SER A 51 12.01 -27.17 -41.16
N GLY A 52 12.72 -26.07 -40.96
CA GLY A 52 13.29 -25.32 -42.05
C GLY A 52 12.37 -24.29 -42.67
N ARG A 53 11.07 -24.37 -42.40
CA ARG A 53 10.10 -23.51 -43.06
C ARG A 53 10.24 -22.06 -42.60
N VAL A 54 10.05 -21.14 -43.55
CA VAL A 54 10.02 -19.69 -43.32
C VAL A 54 8.65 -19.19 -43.77
N PHE A 55 8.37 -17.90 -43.58
CA PHE A 55 7.10 -17.32 -43.99
C PHE A 55 7.35 -15.89 -44.44
N PRO A 56 6.42 -15.29 -45.18
CA PRO A 56 6.66 -13.95 -45.71
C PRO A 56 6.21 -12.84 -44.76
N VAL A 57 6.81 -11.67 -44.94
CA VAL A 57 6.43 -10.45 -44.24
C VAL A 57 6.35 -9.31 -45.25
N TYR A 58 5.20 -8.64 -45.31
CA TYR A 58 4.87 -7.71 -46.36
C TYR A 58 4.85 -6.28 -45.85
N ASN A 59 4.72 -5.34 -46.79
CA ASN A 59 4.67 -3.91 -46.50
C ASN A 59 3.31 -3.38 -46.95
N PRO A 60 2.37 -3.15 -46.03
CA PRO A 60 1.00 -2.80 -46.44
C PRO A 60 0.89 -1.48 -47.20
N ALA A 61 1.95 -0.66 -47.24
CA ALA A 61 1.92 0.54 -48.06
C ALA A 61 2.04 0.19 -49.53
N THR A 62 2.85 -0.82 -49.84
CA THR A 62 3.11 -1.22 -51.21
C THR A 62 2.49 -2.54 -51.60
N GLY A 63 2.08 -3.35 -50.64
CA GLY A 63 1.82 -4.72 -50.96
C GLY A 63 3.05 -5.50 -51.35
N GLU A 64 4.23 -4.90 -51.27
CA GLU A 64 5.47 -5.59 -51.60
C GLU A 64 5.88 -6.54 -50.47
N GLN A 65 6.73 -7.50 -50.81
CA GLN A 65 7.25 -8.45 -49.84
C GLN A 65 8.59 -7.95 -49.34
N VAL A 66 8.80 -7.99 -48.03
CA VAL A 66 9.89 -7.24 -47.45
C VAL A 66 11.02 -8.17 -47.00
N CYS A 67 10.68 -9.41 -46.60
CA CYS A 67 11.66 -10.43 -46.30
C CYS A 67 11.01 -11.76 -45.95
N GLU A 68 11.82 -12.76 -45.61
CA GLU A 68 11.34 -14.07 -45.22
C GLU A 68 11.91 -14.41 -43.85
N VAL A 69 11.03 -14.80 -42.92
CA VAL A 69 11.39 -14.97 -41.52
C VAL A 69 11.09 -16.40 -41.11
N GLN A 70 12.01 -17.01 -40.34
CA GLN A 70 11.82 -18.38 -39.86
C GLN A 70 10.45 -18.54 -39.20
N GLU A 71 9.70 -19.55 -39.64
CA GLU A 71 8.40 -19.84 -39.05
C GLU A 71 8.54 -20.81 -37.88
N ALA A 72 7.86 -20.49 -36.79
CA ALA A 72 7.98 -21.22 -35.55
C ALA A 72 6.82 -22.17 -35.36
N ASP A 73 7.10 -23.31 -34.74
CA ASP A 73 6.05 -24.28 -34.49
C ASP A 73 6.33 -24.94 -33.13
N LYS A 74 5.53 -25.96 -32.81
CA LYS A 74 5.54 -26.53 -31.46
C LYS A 74 6.92 -26.98 -31.05
N ALA A 75 7.71 -27.50 -31.99
CA ALA A 75 9.07 -27.93 -31.68
C ALA A 75 10.03 -26.75 -31.53
N ASP A 76 9.70 -25.60 -32.13
CA ASP A 76 10.42 -24.36 -31.85
C ASP A 76 9.98 -23.77 -30.52
N ILE A 77 8.72 -24.01 -30.15
CA ILE A 77 8.20 -23.51 -28.88
C ILE A 77 8.84 -24.29 -27.73
N ASP A 78 8.82 -25.62 -27.81
CA ASP A 78 9.81 -26.36 -27.04
C ASP A 78 11.19 -25.86 -27.48
N LYS A 79 12.20 -26.21 -26.68
CA LYS A 79 13.51 -25.56 -26.78
C LYS A 79 13.37 -24.12 -26.29
N ALA A 80 12.46 -23.34 -26.87
CA ALA A 80 12.19 -22.01 -26.34
C ALA A 80 11.61 -22.07 -24.93
N VAL A 81 10.69 -22.99 -24.66
CA VAL A 81 10.16 -23.13 -23.30
C VAL A 81 11.23 -23.69 -22.38
N GLN A 82 12.12 -24.55 -22.90
CA GLN A 82 13.20 -25.10 -22.09
C GLN A 82 14.26 -24.06 -21.78
N ALA A 83 14.59 -23.23 -22.77
CA ALA A 83 15.48 -22.10 -22.59
C ALA A 83 15.02 -21.32 -21.38
N ALA A 84 13.87 -20.67 -21.53
CA ALA A 84 13.24 -19.97 -20.43
C ALA A 84 13.14 -20.83 -19.19
N ARG A 85 12.99 -22.15 -19.34
CA ARG A 85 12.82 -22.97 -18.15
C ARG A 85 14.13 -23.08 -17.38
N LEU A 86 15.24 -23.22 -18.10
CA LEU A 86 16.52 -23.31 -17.42
C LEU A 86 17.04 -21.94 -16.99
N ALA A 87 16.68 -20.90 -17.73
CA ALA A 87 17.02 -19.54 -17.34
C ALA A 87 16.31 -19.13 -16.05
N PHE A 88 15.19 -19.79 -15.72
CA PHE A 88 14.44 -19.47 -14.52
C PHE A 88 14.65 -20.47 -13.38
N SER A 89 15.25 -21.63 -13.64
CA SER A 89 15.49 -22.63 -12.61
C SER A 89 16.30 -22.05 -11.45
N LEU A 90 16.10 -22.60 -10.24
CA LEU A 90 16.50 -21.94 -8.99
C LEU A 90 17.92 -21.40 -8.96
N GLY A 91 18.93 -22.25 -8.93
CA GLY A 91 20.26 -21.70 -9.07
C GLY A 91 20.47 -21.14 -10.47
N SER A 92 20.11 -19.87 -10.69
CA SER A 92 20.29 -19.24 -11.98
C SER A 92 20.79 -17.83 -11.77
N VAL A 93 21.43 -17.28 -12.81
CA VAL A 93 21.79 -15.86 -12.79
C VAL A 93 20.56 -14.98 -12.62
N TRP A 94 19.65 -15.03 -13.58
CA TRP A 94 18.45 -14.21 -13.55
C TRP A 94 17.65 -14.35 -12.27
N ARG A 95 17.84 -15.45 -11.55
CA ARG A 95 17.16 -15.67 -10.28
C ARG A 95 17.95 -15.06 -9.12
N ARG A 96 19.19 -15.52 -8.94
CA ARG A 96 20.05 -15.04 -7.87
C ARG A 96 20.33 -13.55 -7.98
N MET A 97 20.03 -12.97 -9.14
CA MET A 97 20.24 -11.55 -9.38
C MET A 97 19.55 -10.69 -8.32
N ASP A 98 20.16 -9.55 -8.02
CA ASP A 98 19.44 -8.53 -7.27
C ASP A 98 18.31 -8.01 -8.13
N ALA A 99 17.17 -7.71 -7.52
CA ALA A 99 16.10 -7.10 -8.30
C ALA A 99 16.57 -5.78 -8.88
N SER A 100 17.47 -5.09 -8.17
CA SER A 100 17.93 -3.80 -8.66
C SER A 100 18.71 -3.93 -9.95
N GLU A 101 19.48 -5.02 -10.09
CA GLU A 101 20.17 -5.31 -11.36
C GLU A 101 19.16 -5.55 -12.49
N ARG A 102 18.16 -6.40 -12.24
CA ARG A 102 17.05 -6.50 -13.20
C ARG A 102 16.57 -5.11 -13.58
N GLY A 103 16.46 -4.22 -12.61
CA GLY A 103 16.15 -2.85 -12.93
C GLY A 103 17.15 -2.25 -13.87
N ARG A 104 18.45 -2.37 -13.54
CA ARG A 104 19.50 -1.85 -14.42
C ARG A 104 19.40 -2.40 -15.84
N LEU A 105 19.15 -3.70 -15.97
CA LEU A 105 19.00 -4.29 -17.30
C LEU A 105 17.88 -3.62 -18.08
N LEU A 106 16.67 -3.64 -17.52
CA LEU A 106 15.54 -2.98 -18.18
C LEU A 106 15.89 -1.55 -18.54
N ASP A 107 16.67 -0.90 -17.68
CA ASP A 107 17.04 0.49 -17.91
C ASP A 107 18.01 0.62 -19.06
N LYS A 108 18.97 -0.30 -19.16
CA LYS A 108 19.85 -0.33 -20.32
C LYS A 108 19.07 -0.55 -21.61
N LEU A 109 18.01 -1.36 -21.57
CA LEU A 109 17.22 -1.61 -22.79
C LEU A 109 16.67 -0.32 -23.35
N ALA A 110 16.09 0.52 -22.50
CA ALA A 110 15.58 1.80 -22.96
C ALA A 110 16.69 2.61 -23.64
N ASP A 111 17.92 2.53 -23.14
CA ASP A 111 19.03 3.23 -23.80
C ASP A 111 19.14 2.80 -25.25
N LEU A 112 19.37 1.51 -25.51
CA LEU A 112 19.51 1.03 -26.88
C LEU A 112 18.31 1.39 -27.74
N VAL A 113 17.10 1.34 -27.17
CA VAL A 113 15.96 1.73 -27.97
C VAL A 113 15.96 3.23 -28.24
N GLU A 114 16.51 4.02 -27.30
CA GLU A 114 16.70 5.45 -27.52
C GLU A 114 17.76 5.71 -28.59
N ARG A 115 18.78 4.84 -28.63
CA ARG A 115 19.84 4.94 -29.62
C ARG A 115 19.32 4.61 -31.01
N ASP A 116 18.71 3.44 -31.16
CA ASP A 116 18.19 2.98 -32.44
C ASP A 116 16.79 3.49 -32.69
N ARG A 117 16.41 4.60 -32.06
CA ARG A 117 15.03 5.08 -32.17
C ARG A 117 14.59 5.20 -33.62
N ALA A 118 15.42 5.84 -34.44
CA ALA A 118 15.07 6.07 -35.84
C ALA A 118 14.96 4.75 -36.60
N VAL A 119 16.00 3.93 -36.55
CA VAL A 119 15.98 2.56 -37.04
C VAL A 119 14.63 1.90 -36.72
N LEU A 120 14.31 1.77 -35.43
CA LEU A 120 13.13 1.00 -35.01
C LEU A 120 11.81 1.70 -35.32
N ALA A 121 11.80 3.02 -35.50
CA ALA A 121 10.61 3.67 -36.01
C ALA A 121 10.46 3.42 -37.51
N THR A 122 11.59 3.41 -38.22
CA THR A 122 11.58 3.07 -39.64
C THR A 122 11.09 1.64 -39.86
N MET A 123 11.68 0.68 -39.16
CA MET A 123 11.25 -0.71 -39.31
C MET A 123 9.80 -0.89 -38.91
N GLU A 124 9.33 -0.10 -37.93
CA GLU A 124 7.94 -0.20 -37.51
C GLU A 124 7.00 0.41 -38.54
N SER A 125 7.46 1.45 -39.22
CA SER A 125 6.64 2.14 -40.21
C SER A 125 6.50 1.31 -41.48
N LEU A 126 7.61 0.79 -42.00
CA LEU A 126 7.58 0.01 -43.24
C LEU A 126 6.77 -1.26 -43.08
N ASN A 127 6.93 -1.94 -41.93
CA ASN A 127 6.36 -3.27 -41.74
C ASN A 127 4.90 -3.20 -41.33
N GLY A 128 4.54 -2.22 -40.53
CA GLY A 128 3.18 -2.13 -40.03
C GLY A 128 2.37 -1.01 -40.63
N GLY A 129 3.04 -0.09 -41.30
CA GLY A 129 2.35 0.94 -42.06
C GLY A 129 1.94 2.17 -41.27
N LYS A 130 2.38 2.32 -40.05
CA LYS A 130 2.05 3.56 -39.38
C LYS A 130 2.99 4.68 -39.86
N PRO A 131 2.51 5.91 -39.92
CA PRO A 131 3.38 7.04 -40.32
C PRO A 131 4.65 7.07 -39.47
N PHE A 132 5.80 7.14 -40.14
CA PHE A 132 7.09 7.01 -39.46
C PHE A 132 7.30 8.12 -38.44
N LEU A 133 6.74 9.29 -38.65
CA LEU A 133 6.83 10.35 -37.66
C LEU A 133 6.08 9.96 -36.39
N GLN A 134 4.89 9.37 -36.55
CA GLN A 134 4.15 8.82 -35.42
C GLN A 134 4.92 7.68 -34.78
N ALA A 135 5.49 6.79 -35.59
CA ALA A 135 6.35 5.74 -35.07
C ALA A 135 7.47 6.32 -34.20
N PHE A 136 8.05 7.45 -34.60
CA PHE A 136 9.18 8.03 -33.89
C PHE A 136 8.75 8.79 -32.63
N TYR A 137 7.53 9.33 -32.61
CA TYR A 137 7.19 10.27 -31.56
C TYR A 137 6.12 9.81 -30.57
N VAL A 138 5.37 8.74 -30.87
CA VAL A 138 4.43 8.16 -29.91
C VAL A 138 4.79 6.72 -29.57
N ASP A 139 4.90 5.85 -30.58
CA ASP A 139 5.23 4.46 -30.33
C ASP A 139 6.57 4.33 -29.59
N LEU A 140 7.64 4.85 -30.20
CA LEU A 140 8.97 4.78 -29.60
C LEU A 140 9.02 5.60 -28.31
N GLN A 141 8.38 6.78 -28.29
CA GLN A 141 8.17 7.48 -27.02
C GLN A 141 7.66 6.51 -25.98
N GLY A 142 6.59 5.81 -26.29
CA GLY A 142 6.01 4.88 -25.34
C GLY A 142 6.96 3.78 -24.91
N VAL A 143 7.57 3.11 -25.88
CA VAL A 143 8.46 1.98 -25.56
C VAL A 143 9.54 2.42 -24.58
N ILE A 144 10.27 3.47 -24.94
CA ILE A 144 11.37 3.94 -24.09
C ILE A 144 10.87 4.22 -22.67
N LYS A 145 9.74 4.92 -22.54
CA LYS A 145 9.26 5.28 -21.23
C LYS A 145 8.83 4.07 -20.43
N THR A 146 8.24 3.06 -21.10
CA THR A 146 7.80 1.84 -20.43
C THR A 146 8.97 1.11 -19.78
N PHE A 147 10.04 0.90 -20.55
CA PHE A 147 11.22 0.26 -19.97
C PHE A 147 11.78 1.05 -18.79
N ARG A 148 11.68 2.38 -18.84
CA ARG A 148 12.22 3.19 -17.76
C ARG A 148 11.33 3.13 -16.53
N TYR A 149 10.03 3.33 -16.72
CA TYR A 149 9.11 3.18 -15.61
C TYR A 149 9.26 1.80 -14.96
N TYR A 150 9.45 0.76 -15.76
CA TYR A 150 9.52 -0.57 -15.18
C TYR A 150 10.91 -0.94 -14.67
N ALA A 151 11.98 -0.27 -15.14
CA ALA A 151 13.26 -0.36 -14.47
C ALA A 151 13.11 0.11 -13.04
N GLY A 152 12.33 1.18 -12.83
CA GLY A 152 12.10 1.78 -11.53
C GLY A 152 11.19 0.96 -10.62
N TRP A 153 10.36 0.06 -11.18
CA TRP A 153 9.57 -0.82 -10.32
C TRP A 153 10.33 -2.04 -9.86
N ALA A 154 11.30 -2.51 -10.65
CA ALA A 154 11.90 -3.83 -10.46
C ALA A 154 12.30 -4.11 -9.03
N ASP A 155 12.60 -3.08 -8.27
CA ASP A 155 13.32 -3.22 -7.02
C ASP A 155 12.49 -2.65 -5.87
N LYS A 156 11.27 -2.17 -6.17
CA LYS A 156 10.29 -1.70 -5.19
C LYS A 156 9.02 -2.57 -5.16
N ILE A 157 9.13 -3.87 -5.43
CA ILE A 157 7.97 -4.75 -5.36
C ILE A 157 7.93 -5.34 -3.96
N HIS A 158 7.00 -4.88 -3.14
CA HIS A 158 7.07 -5.11 -1.71
C HIS A 158 6.01 -6.10 -1.24
N GLY A 159 6.41 -6.97 -0.30
CA GLY A 159 5.48 -7.79 0.45
C GLY A 159 4.87 -7.14 1.67
N MET A 160 4.67 -7.92 2.72
CA MET A 160 3.66 -7.57 3.73
C MET A 160 3.92 -8.37 5.00
N THR A 161 4.12 -7.70 6.12
CA THR A 161 3.99 -8.36 7.41
C THR A 161 2.58 -8.12 7.93
N ILE A 162 1.95 -9.17 8.46
CA ILE A 162 0.55 -9.13 8.88
C ILE A 162 0.47 -9.48 10.37
N PRO A 163 -0.28 -8.74 11.19
CA PRO A 163 -0.62 -9.25 12.53
C PRO A 163 -1.58 -10.44 12.43
N VAL A 164 -1.33 -11.45 13.24
CA VAL A 164 -2.04 -12.72 13.18
C VAL A 164 -2.32 -13.17 14.61
N ASP A 165 -3.53 -13.60 14.89
CA ASP A 165 -3.82 -14.03 16.27
C ASP A 165 -2.86 -15.14 16.68
N GLY A 166 -2.38 -15.08 17.90
CA GLY A 166 -1.52 -16.12 18.41
C GLY A 166 -0.05 -15.74 18.39
N ASP A 167 0.77 -16.70 18.82
CA ASP A 167 2.21 -16.47 18.90
C ASP A 167 2.85 -16.85 17.56
N TYR A 168 2.76 -15.91 16.62
CA TYR A 168 3.09 -16.21 15.24
C TYR A 168 3.56 -14.92 14.60
N PHE A 169 4.04 -15.04 13.38
CA PHE A 169 4.59 -13.90 12.66
C PHE A 169 4.52 -14.26 11.19
N THR A 170 3.64 -13.59 10.46
CA THR A 170 3.36 -13.92 9.07
C THR A 170 3.82 -12.80 8.15
N PHE A 171 4.58 -13.16 7.14
CA PHE A 171 4.91 -12.19 6.12
C PHE A 171 4.76 -12.79 4.73
N THR A 172 4.91 -11.89 3.76
CA THR A 172 4.53 -12.12 2.38
C THR A 172 5.74 -11.76 1.51
N ARG A 173 5.99 -12.59 0.50
CA ARG A 173 6.94 -12.25 -0.56
C ARG A 173 6.22 -12.29 -1.90
N HIS A 174 6.47 -11.28 -2.73
CA HIS A 174 6.05 -11.31 -4.12
C HIS A 174 7.17 -11.92 -4.95
N GLU A 175 6.89 -13.05 -5.58
CA GLU A 175 7.86 -13.84 -6.31
C GLU A 175 7.37 -14.06 -7.74
N PRO A 176 8.29 -14.13 -8.70
CA PRO A 176 7.88 -14.28 -10.10
C PRO A 176 7.06 -15.55 -10.30
N ILE A 177 6.31 -15.59 -11.41
CA ILE A 177 5.49 -16.76 -11.73
C ILE A 177 6.31 -17.80 -12.47
N GLY A 178 7.11 -17.36 -13.45
CA GLY A 178 8.02 -18.25 -14.16
C GLY A 178 8.02 -18.06 -15.67
N VAL A 179 7.83 -19.16 -16.39
CA VAL A 179 7.77 -19.14 -17.84
C VAL A 179 6.43 -18.56 -18.28
N CYS A 180 6.47 -17.48 -19.03
CA CYS A 180 5.28 -16.73 -19.39
C CYS A 180 5.20 -16.68 -20.90
N GLY A 181 4.24 -17.39 -21.48
CA GLY A 181 3.96 -17.23 -22.90
C GLY A 181 3.17 -15.98 -23.15
N GLN A 182 3.69 -15.08 -23.98
CA GLN A 182 2.99 -13.85 -24.35
C GLN A 182 2.67 -13.89 -25.84
N ILE A 183 1.44 -13.52 -26.17
CA ILE A 183 0.95 -13.49 -27.55
C ILE A 183 0.40 -12.09 -27.81
N ILE A 184 1.18 -11.27 -28.52
CA ILE A 184 0.81 -9.88 -28.78
C ILE A 184 0.24 -9.76 -30.18
N PRO A 185 -0.59 -8.75 -30.44
CA PRO A 185 -1.14 -8.56 -31.79
C PRO A 185 -0.25 -7.73 -32.70
N TRP A 186 -0.89 -6.94 -33.58
CA TRP A 186 -0.19 -6.22 -34.64
C TRP A 186 -0.53 -4.73 -34.72
N ASN A 187 -1.39 -4.21 -33.84
CA ASN A 187 -1.79 -2.81 -33.85
C ASN A 187 -0.62 -1.89 -33.53
N PHE A 188 0.05 -2.16 -32.41
CA PHE A 188 1.15 -1.34 -31.93
C PHE A 188 2.31 -2.29 -31.67
N PRO A 189 2.80 -2.98 -32.71
CA PRO A 189 3.70 -4.14 -32.50
C PRO A 189 4.82 -3.93 -31.50
N LEU A 190 5.56 -2.83 -31.63
CA LEU A 190 6.69 -2.59 -30.73
C LEU A 190 6.22 -2.21 -29.33
N LEU A 191 5.35 -1.21 -29.24
CA LEU A 191 4.79 -0.79 -27.96
C LEU A 191 4.24 -1.98 -27.18
N MET A 192 3.26 -2.67 -27.77
CA MET A 192 2.68 -3.87 -27.19
C MET A 192 3.75 -4.86 -26.75
N PHE A 193 4.81 -4.99 -27.53
CA PHE A 193 5.94 -5.83 -27.13
C PHE A 193 6.54 -5.36 -25.82
N ALA A 194 6.67 -4.04 -25.65
CA ALA A 194 7.26 -3.48 -24.44
C ALA A 194 6.29 -3.55 -23.25
N TRP A 195 5.01 -3.22 -23.49
CA TRP A 195 4.02 -3.27 -22.43
C TRP A 195 3.92 -4.66 -21.82
N LYS A 196 4.22 -5.71 -22.59
CA LYS A 196 4.08 -7.08 -22.12
C LYS A 196 5.35 -7.64 -21.50
N ILE A 197 6.50 -7.00 -21.71
CA ILE A 197 7.75 -7.61 -21.32
C ILE A 197 8.40 -6.88 -20.16
N ALA A 198 8.27 -5.56 -20.10
CA ALA A 198 8.70 -4.76 -18.95
C ALA A 198 8.19 -5.36 -17.65
N PRO A 199 6.87 -5.49 -17.43
CA PRO A 199 6.42 -5.95 -16.12
C PRO A 199 6.87 -7.36 -15.81
N ALA A 200 6.68 -8.30 -16.74
CA ALA A 200 7.04 -9.69 -16.49
C ALA A 200 8.50 -9.82 -16.07
N LEU A 201 9.41 -9.21 -16.85
CA LEU A 201 10.83 -9.23 -16.50
C LEU A 201 11.13 -8.38 -15.27
N CYS A 202 10.36 -7.31 -15.09
CA CYS A 202 10.45 -6.52 -13.86
C CYS A 202 10.34 -7.42 -12.62
N CYS A 203 9.23 -8.16 -12.53
CA CYS A 203 9.03 -9.13 -11.47
C CYS A 203 9.94 -10.36 -11.56
N GLY A 204 10.87 -10.43 -12.52
CA GLY A 204 11.79 -11.54 -12.62
C GLY A 204 11.24 -12.79 -13.25
N ASN A 205 10.25 -12.66 -14.11
CA ASN A 205 9.75 -13.76 -14.93
C ASN A 205 10.69 -14.05 -16.10
N THR A 206 10.24 -14.95 -16.96
CA THR A 206 10.92 -15.23 -18.22
C THR A 206 9.87 -15.46 -19.31
N VAL A 207 10.21 -15.06 -20.53
CA VAL A 207 9.22 -14.84 -21.57
C VAL A 207 9.52 -15.69 -22.80
N VAL A 208 8.46 -16.30 -23.34
CA VAL A 208 8.42 -16.82 -24.70
C VAL A 208 7.31 -16.06 -25.42
N ILE A 209 7.67 -14.98 -26.09
CA ILE A 209 6.70 -14.10 -26.74
C ILE A 209 6.64 -14.41 -28.24
N LYS A 210 5.44 -14.36 -28.82
CA LYS A 210 5.22 -14.60 -30.25
C LYS A 210 4.50 -13.40 -30.87
N PRO A 211 5.18 -12.58 -31.65
CA PRO A 211 4.55 -11.40 -32.25
C PRO A 211 3.80 -11.77 -33.52
N ALA A 212 2.81 -10.94 -33.83
CA ALA A 212 1.93 -11.16 -34.97
C ALA A 212 2.70 -11.60 -36.19
N GLU A 213 2.15 -12.57 -36.92
CA GLU A 213 2.78 -12.95 -38.19
C GLU A 213 2.91 -11.74 -39.11
N GLN A 214 1.99 -10.79 -39.01
CA GLN A 214 2.05 -9.58 -39.83
C GLN A 214 3.33 -8.78 -39.55
N THR A 215 3.76 -8.73 -38.29
CA THR A 215 4.78 -7.77 -37.85
C THR A 215 5.73 -8.40 -36.85
N PRO A 216 6.52 -9.38 -37.29
CA PRO A 216 7.60 -9.89 -36.41
C PRO A 216 8.85 -9.04 -36.44
N LEU A 217 8.94 -8.06 -37.34
CA LEU A 217 10.22 -7.43 -37.64
C LEU A 217 10.68 -6.54 -36.49
N SER A 218 9.80 -5.66 -36.00
CA SER A 218 10.16 -4.83 -34.86
C SER A 218 10.65 -5.66 -33.69
N ALA A 219 9.98 -6.79 -33.44
CA ALA A 219 10.26 -7.59 -32.25
C ALA A 219 11.56 -8.35 -32.38
N LEU A 220 11.91 -8.81 -33.59
CA LEU A 220 13.17 -9.51 -33.72
C LEU A 220 14.35 -8.56 -33.56
N TYR A 221 14.17 -7.28 -33.85
CA TYR A 221 15.25 -6.34 -33.56
C TYR A 221 15.52 -6.28 -32.07
N MET A 222 14.45 -6.15 -31.28
CA MET A 222 14.58 -6.10 -29.84
C MET A 222 15.46 -7.22 -29.33
N GLY A 223 15.34 -8.40 -29.94
CA GLY A 223 16.16 -9.52 -29.51
C GLY A 223 17.64 -9.23 -29.61
N ALA A 224 18.05 -8.52 -30.65
CA ALA A 224 19.44 -8.09 -30.72
C ALA A 224 19.80 -7.26 -29.49
N LEU A 225 19.05 -6.19 -29.24
CA LEU A 225 19.35 -5.28 -28.14
C LEU A 225 19.23 -5.96 -26.79
N ILE A 226 18.24 -6.86 -26.63
CA ILE A 226 18.10 -7.62 -25.39
C ILE A 226 19.40 -8.36 -25.11
N LYS A 227 20.04 -8.87 -26.16
CA LYS A 227 21.33 -9.50 -25.93
C LYS A 227 22.40 -8.44 -25.68
N GLU A 228 22.43 -7.37 -26.48
CA GLU A 228 23.48 -6.36 -26.33
C GLU A 228 23.48 -5.80 -24.90
N ALA A 229 22.30 -5.42 -24.39
CA ALA A 229 22.23 -5.01 -22.99
C ALA A 229 22.59 -6.15 -22.08
N GLY A 230 22.23 -7.37 -22.46
CA GLY A 230 22.80 -8.52 -21.81
C GLY A 230 21.91 -9.14 -20.78
N PHE A 231 20.69 -9.48 -21.16
CA PHE A 231 19.89 -10.35 -20.30
C PHE A 231 20.51 -11.75 -20.33
N PRO A 232 20.34 -12.52 -19.26
CA PRO A 232 20.78 -13.93 -19.28
C PRO A 232 20.10 -14.70 -20.39
N PRO A 233 20.83 -15.53 -21.13
CA PRO A 233 20.23 -16.31 -22.21
C PRO A 233 18.99 -17.08 -21.76
N GLY A 234 17.95 -17.02 -22.59
CA GLY A 234 16.71 -17.66 -22.28
C GLY A 234 15.74 -16.83 -21.47
N VAL A 235 16.19 -15.70 -20.91
CA VAL A 235 15.27 -14.85 -20.14
C VAL A 235 14.24 -14.22 -21.06
N ILE A 236 14.58 -13.93 -22.32
CA ILE A 236 13.57 -13.56 -23.32
C ILE A 236 13.74 -14.46 -24.54
N ASN A 237 12.62 -14.80 -25.17
CA ASN A 237 12.62 -15.65 -26.37
C ASN A 237 11.54 -15.19 -27.33
N ILE A 238 11.94 -14.69 -28.48
CA ILE A 238 11.03 -14.21 -29.51
C ILE A 238 10.70 -15.32 -30.51
N LEU A 239 9.43 -15.43 -30.91
CA LEU A 239 8.95 -16.52 -31.76
C LEU A 239 8.11 -16.00 -32.91
N PRO A 240 8.62 -15.97 -34.14
CA PRO A 240 7.83 -15.49 -35.28
C PRO A 240 7.04 -16.59 -35.98
N GLY A 241 5.77 -16.31 -36.27
CA GLY A 241 4.93 -17.34 -36.85
C GLY A 241 3.45 -17.01 -36.68
N TYR A 242 2.64 -18.06 -36.71
CA TYR A 242 1.21 -17.95 -36.86
C TYR A 242 0.47 -18.32 -35.59
N GLY A 243 -0.73 -17.75 -35.44
CA GLY A 243 -1.54 -17.95 -34.28
C GLY A 243 -1.86 -19.42 -34.03
N PRO A 244 -2.47 -20.07 -35.02
CA PRO A 244 -2.77 -21.50 -34.86
C PRO A 244 -1.53 -22.37 -34.78
N THR A 245 -0.44 -22.02 -35.46
CA THR A 245 0.73 -22.88 -35.44
C THR A 245 1.50 -22.74 -34.13
N ALA A 246 1.95 -21.53 -33.80
CA ALA A 246 2.76 -21.33 -32.62
C ALA A 246 1.97 -20.81 -31.43
N GLY A 247 0.91 -20.03 -31.70
CA GLY A 247 0.12 -19.47 -30.62
C GLY A 247 -0.55 -20.53 -29.77
N ALA A 248 -1.06 -21.59 -30.41
CA ALA A 248 -1.59 -22.72 -29.66
C ALA A 248 -0.48 -23.59 -29.09
N ALA A 249 0.70 -23.55 -29.72
CA ALA A 249 1.84 -24.29 -29.21
C ALA A 249 2.19 -23.86 -27.80
N ILE A 250 2.17 -22.56 -27.52
CA ILE A 250 2.39 -22.10 -26.15
C ILE A 250 1.09 -22.09 -25.36
N ALA A 251 -0.05 -21.95 -26.03
CA ALA A 251 -1.32 -21.89 -25.32
C ALA A 251 -1.61 -23.18 -24.57
N SER A 252 -1.11 -24.32 -25.06
CA SER A 252 -1.41 -25.62 -24.47
C SER A 252 -0.18 -26.31 -23.93
N HIS A 253 0.89 -25.55 -23.68
CA HIS A 253 2.19 -26.16 -23.46
C HIS A 253 2.39 -26.46 -21.99
N ILE A 254 2.63 -27.73 -21.71
CA ILE A 254 2.69 -28.30 -20.36
C ILE A 254 3.68 -27.56 -19.45
N GLY A 255 4.72 -26.94 -20.01
CA GLY A 255 5.79 -26.33 -19.24
C GLY A 255 5.76 -24.82 -19.13
N ILE A 256 4.64 -24.18 -19.50
CA ILE A 256 4.45 -22.75 -19.39
C ILE A 256 3.51 -22.49 -18.22
N ASP A 257 3.81 -21.46 -17.42
CA ASP A 257 3.06 -21.25 -16.19
C ASP A 257 1.93 -20.26 -16.38
N LYS A 258 2.11 -19.30 -17.28
CA LYS A 258 1.13 -18.25 -17.53
C LYS A 258 1.07 -17.96 -19.02
N ILE A 259 -0.09 -17.52 -19.49
CA ILE A 259 -0.27 -17.15 -20.89
C ILE A 259 -0.89 -15.77 -20.91
N ALA A 260 -0.38 -14.92 -21.82
CA ALA A 260 -0.70 -13.50 -21.85
C ALA A 260 -1.11 -13.16 -23.28
N PHE A 261 -2.40 -13.26 -23.55
CA PHE A 261 -2.93 -13.07 -24.89
C PHE A 261 -3.58 -11.70 -25.00
N THR A 262 -3.40 -11.07 -26.14
CA THR A 262 -4.17 -9.90 -26.55
C THR A 262 -4.61 -10.16 -27.98
N GLY A 263 -5.88 -9.92 -28.27
CA GLY A 263 -6.39 -10.12 -29.62
C GLY A 263 -7.90 -10.02 -29.67
N SER A 264 -8.49 -10.80 -30.58
CA SER A 264 -9.93 -10.80 -30.80
C SER A 264 -10.66 -11.58 -29.70
N THR A 265 -11.96 -11.28 -29.54
CA THR A 265 -12.77 -11.97 -28.54
C THR A 265 -12.86 -13.47 -28.84
N GLU A 266 -12.75 -13.84 -30.11
CA GLU A 266 -12.83 -15.25 -30.46
C GLU A 266 -11.57 -15.99 -30.05
N VAL A 267 -10.43 -15.62 -30.64
CA VAL A 267 -9.15 -16.35 -30.46
C VAL A 267 -8.78 -16.54 -29.00
N GLY A 268 -9.25 -15.67 -28.11
CA GLY A 268 -8.98 -15.83 -26.70
C GLY A 268 -9.78 -16.92 -26.00
N LYS A 269 -11.06 -17.09 -26.37
CA LYS A 269 -11.88 -18.14 -25.78
C LYS A 269 -11.25 -19.51 -25.99
N LEU A 270 -10.63 -19.72 -27.15
CA LEU A 270 -9.92 -20.96 -27.38
C LEU A 270 -8.67 -21.05 -26.50
N ILE A 271 -8.01 -19.93 -26.26
CA ILE A 271 -6.86 -19.91 -25.36
C ILE A 271 -7.27 -20.29 -23.95
N GLN A 272 -8.37 -19.69 -23.46
CA GLN A 272 -8.83 -19.97 -22.10
C GLN A 272 -9.19 -21.43 -21.91
N GLU A 273 -9.86 -22.02 -22.90
CA GLU A 273 -10.14 -23.44 -22.86
C GLU A 273 -8.87 -24.27 -23.05
N ALA A 274 -8.02 -23.88 -24.01
CA ALA A 274 -6.77 -24.61 -24.26
C ALA A 274 -5.94 -24.74 -22.99
N ALA A 275 -6.15 -23.86 -22.03
CA ALA A 275 -5.43 -23.90 -20.77
C ALA A 275 -6.05 -24.90 -19.80
N GLY A 276 -7.35 -24.77 -19.55
CA GLY A 276 -8.02 -25.65 -18.62
C GLY A 276 -7.75 -27.12 -18.88
N ARG A 277 -7.53 -27.49 -20.14
CA ARG A 277 -7.29 -28.88 -20.54
C ARG A 277 -5.82 -29.28 -20.47
N SER A 278 -4.91 -28.33 -20.33
CA SER A 278 -3.47 -28.58 -20.48
C SER A 278 -2.74 -28.50 -19.15
N ASN A 279 -2.71 -27.36 -18.50
CA ASN A 279 -1.80 -27.19 -17.38
C ASN A 279 -2.43 -26.43 -16.22
N LEU A 280 -3.66 -25.95 -16.37
CA LEU A 280 -4.21 -24.95 -15.45
C LEU A 280 -3.25 -23.77 -15.29
N LYS A 281 -2.81 -23.25 -16.44
CA LYS A 281 -2.03 -22.03 -16.47
C LYS A 281 -2.88 -20.84 -16.03
N ARG A 282 -2.23 -19.88 -15.38
CA ARG A 282 -2.84 -18.57 -15.25
C ARG A 282 -3.06 -17.97 -16.63
N VAL A 283 -4.25 -17.42 -16.87
CA VAL A 283 -4.64 -16.89 -18.18
C VAL A 283 -5.17 -15.49 -18.02
N THR A 284 -4.52 -14.52 -18.64
CA THR A 284 -5.10 -13.21 -18.86
C THR A 284 -5.36 -13.02 -20.35
N LEU A 285 -6.49 -12.36 -20.67
CA LEU A 285 -6.95 -12.17 -22.05
C LEU A 285 -7.33 -10.71 -22.22
N GLU A 286 -6.60 -10.00 -23.06
CA GLU A 286 -6.95 -8.62 -23.41
C GLU A 286 -7.73 -8.70 -24.71
N LEU A 287 -8.99 -8.25 -24.68
CA LEU A 287 -9.90 -8.41 -25.79
C LEU A 287 -10.50 -7.06 -26.18
N GLY A 288 -10.52 -6.79 -27.47
CA GLY A 288 -11.01 -5.50 -27.93
C GLY A 288 -12.48 -5.31 -27.66
N GLY A 289 -12.85 -4.06 -27.35
CA GLY A 289 -14.21 -3.71 -27.05
C GLY A 289 -14.50 -2.33 -27.62
N LYS A 290 -15.76 -1.91 -27.52
CA LYS A 290 -16.13 -0.60 -28.02
C LYS A 290 -15.57 0.51 -27.15
N SER A 291 -15.20 1.62 -27.78
CA SER A 291 -14.86 2.85 -27.07
C SER A 291 -15.89 3.92 -27.44
N PRO A 292 -16.97 4.02 -26.69
CA PRO A 292 -17.94 5.10 -26.94
C PRO A 292 -17.40 6.44 -26.42
N ASN A 293 -17.47 7.45 -27.27
CA ASN A 293 -17.24 8.82 -26.85
C ASN A 293 -18.58 9.45 -26.58
N ILE A 294 -18.64 10.30 -25.55
CA ILE A 294 -19.84 11.04 -25.23
C ILE A 294 -19.46 12.52 -25.19
N ILE A 295 -19.94 13.26 -26.20
CA ILE A 295 -19.69 14.68 -26.29
C ILE A 295 -20.97 15.41 -25.95
N PHE A 296 -21.14 15.77 -24.69
CA PHE A 296 -22.22 16.68 -24.34
C PHE A 296 -22.01 18.00 -25.05
N ALA A 297 -23.09 18.78 -25.12
CA ALA A 297 -23.09 19.98 -25.93
C ALA A 297 -22.39 21.16 -25.26
N ASP A 298 -22.08 21.07 -23.96
CA ASP A 298 -21.29 22.13 -23.34
C ASP A 298 -19.79 22.00 -23.64
N ALA A 299 -19.38 20.96 -24.35
CA ALA A 299 -17.97 20.71 -24.63
C ALA A 299 -17.42 21.67 -25.68
N ASP A 300 -16.10 21.89 -25.62
CA ASP A 300 -15.37 22.68 -26.61
C ASP A 300 -15.42 21.98 -27.95
N LEU A 301 -16.15 22.53 -28.92
CA LEU A 301 -16.34 21.80 -30.17
C LEU A 301 -15.08 21.77 -31.03
N ASP A 302 -14.23 22.81 -30.95
CA ASP A 302 -12.93 22.72 -31.60
C ASP A 302 -12.19 21.48 -31.10
N TYR A 303 -12.09 21.36 -29.77
CA TYR A 303 -11.38 20.25 -29.12
C TYR A 303 -12.05 18.92 -29.41
N ALA A 304 -13.39 18.87 -29.32
CA ALA A 304 -14.09 17.59 -29.40
C ALA A 304 -14.00 16.99 -30.79
N VAL A 305 -14.28 17.80 -31.82
CA VAL A 305 -14.32 17.24 -33.17
C VAL A 305 -12.96 16.68 -33.56
N GLU A 306 -11.88 17.20 -32.97
CA GLU A 306 -10.52 16.78 -33.30
C GLU A 306 -10.02 15.67 -32.39
N GLN A 307 -10.27 15.78 -31.08
CA GLN A 307 -9.88 14.73 -30.14
C GLN A 307 -10.63 13.44 -30.41
N ALA A 308 -11.88 13.52 -30.87
CA ALA A 308 -12.61 12.34 -31.32
C ALA A 308 -12.30 11.95 -32.75
N HIS A 309 -11.62 12.84 -33.51
CA HIS A 309 -11.09 12.47 -34.82
C HIS A 309 -9.74 11.78 -34.70
N GLN A 310 -8.95 12.11 -33.69
CA GLN A 310 -7.69 11.44 -33.46
C GLN A 310 -7.83 10.18 -32.62
N GLY A 311 -8.97 10.00 -31.94
CA GLY A 311 -9.23 8.73 -31.30
C GLY A 311 -9.72 7.69 -32.27
N VAL A 312 -10.44 8.11 -33.30
CA VAL A 312 -10.99 7.20 -34.30
C VAL A 312 -9.98 6.89 -35.39
N PHE A 313 -9.17 7.87 -35.80
CA PHE A 313 -8.32 7.74 -36.97
C PHE A 313 -6.84 7.56 -36.66
N PHE A 314 -6.43 7.64 -35.39
CA PHE A 314 -5.02 7.40 -35.07
C PHE A 314 -4.68 5.93 -35.23
N ASN A 315 -3.51 5.67 -35.85
CA ASN A 315 -3.06 4.31 -36.16
C ASN A 315 -3.94 3.64 -37.21
N GLN A 316 -4.53 4.44 -38.11
CA GLN A 316 -5.35 3.94 -39.21
C GLN A 316 -6.50 3.08 -38.70
N GLY A 317 -7.12 3.53 -37.60
CA GLY A 317 -8.27 2.88 -37.00
C GLY A 317 -7.95 1.67 -36.15
N GLN A 318 -6.88 0.93 -36.46
CA GLN A 318 -6.56 -0.36 -35.85
C GLN A 318 -6.10 -0.12 -34.41
N CYS A 319 -7.06 -0.04 -33.48
CA CYS A 319 -6.79 0.43 -32.12
C CYS A 319 -7.47 -0.47 -31.10
N CYS A 320 -6.63 -1.12 -30.28
CA CYS A 320 -7.04 -1.81 -29.08
C CYS A 320 -7.09 -0.87 -27.89
N THR A 321 -6.87 0.45 -28.10
CA THR A 321 -7.00 1.51 -27.09
C THR A 321 -7.77 2.72 -27.65
N ALA A 322 -8.85 2.43 -28.39
CA ALA A 322 -9.81 3.41 -28.89
C ALA A 322 -10.92 2.69 -29.66
N GLY A 323 -11.94 3.45 -30.07
CA GLY A 323 -13.11 2.86 -30.69
C GLY A 323 -13.91 3.85 -31.52
N SER A 324 -15.03 3.37 -32.06
CA SER A 324 -15.66 4.03 -33.19
C SER A 324 -17.03 4.63 -32.90
N ARG A 325 -17.72 4.22 -31.84
CA ARG A 325 -19.03 4.80 -31.55
C ARG A 325 -18.88 6.18 -30.94
N ILE A 326 -19.59 7.16 -31.50
CA ILE A 326 -19.55 8.55 -31.04
C ILE A 326 -20.98 9.01 -30.80
N PHE A 327 -21.28 9.42 -29.58
CA PHE A 327 -22.62 9.89 -29.21
C PHE A 327 -22.54 11.39 -28.96
N VAL A 328 -23.17 12.18 -29.82
CA VAL A 328 -23.14 13.63 -29.75
C VAL A 328 -24.51 14.14 -29.34
N GLU A 329 -24.54 15.16 -28.48
CA GLU A 329 -25.82 15.65 -28.02
C GLU A 329 -26.61 16.23 -29.20
N GLU A 330 -27.94 16.11 -29.10
CA GLU A 330 -28.85 16.51 -30.17
C GLU A 330 -28.60 17.95 -30.62
N SER A 331 -28.38 18.86 -29.66
CA SER A 331 -28.28 20.28 -29.97
C SER A 331 -27.06 20.61 -30.80
N ILE A 332 -25.96 19.88 -30.60
CA ILE A 332 -24.70 20.13 -31.26
C ILE A 332 -24.44 19.08 -32.35
N TYR A 333 -25.49 18.40 -32.80
CA TYR A 333 -25.31 17.24 -33.67
C TYR A 333 -24.79 17.61 -35.05
N GLU A 334 -25.58 18.36 -35.83
CA GLU A 334 -25.20 18.55 -37.23
C GLU A 334 -23.90 19.34 -37.35
N GLU A 335 -23.66 20.27 -36.43
CA GLU A 335 -22.44 21.08 -36.46
C GLU A 335 -21.21 20.24 -36.19
N PHE A 336 -21.32 19.25 -35.30
CA PHE A 336 -20.28 18.25 -35.07
C PHE A 336 -19.92 17.57 -36.38
N VAL A 337 -20.80 16.69 -36.86
CA VAL A 337 -20.55 15.92 -38.09
C VAL A 337 -20.11 16.82 -39.22
N ARG A 338 -20.53 18.07 -39.23
CA ARG A 338 -19.98 19.02 -40.19
C ARG A 338 -18.49 19.22 -39.95
N ARG A 339 -18.11 19.73 -38.78
CA ARG A 339 -16.70 19.88 -38.46
C ARG A 339 -15.94 18.57 -38.58
N SER A 340 -16.62 17.42 -38.47
CA SER A 340 -15.92 16.15 -38.52
C SER A 340 -15.65 15.72 -39.94
N VAL A 341 -16.62 15.85 -40.83
CA VAL A 341 -16.38 15.54 -42.24
C VAL A 341 -15.34 16.50 -42.79
N GLU A 342 -15.29 17.73 -42.28
CA GLU A 342 -14.25 18.64 -42.73
C GLU A 342 -12.88 18.12 -42.31
N ARG A 343 -12.78 17.50 -41.13
CA ARG A 343 -11.49 16.95 -40.72
C ARG A 343 -11.14 15.71 -41.51
N ALA A 344 -12.12 14.85 -41.81
CA ALA A 344 -11.81 13.58 -42.48
C ALA A 344 -11.48 13.76 -43.97
N LYS A 345 -12.06 14.78 -44.62
CA LYS A 345 -11.64 15.07 -45.98
C LYS A 345 -10.20 15.58 -46.01
N ARG A 346 -9.87 16.52 -45.11
CA ARG A 346 -8.54 17.10 -45.05
C ARG A 346 -7.46 16.11 -44.60
N ARG A 347 -7.83 15.02 -43.93
CA ARG A 347 -6.85 14.07 -43.37
C ARG A 347 -5.99 13.47 -44.48
N VAL A 348 -4.68 13.78 -44.46
CA VAL A 348 -3.79 13.37 -45.53
C VAL A 348 -3.49 11.87 -45.43
N VAL A 349 -3.61 11.18 -46.55
CA VAL A 349 -3.28 9.77 -46.65
C VAL A 349 -2.12 9.61 -47.61
N GLY A 350 -1.23 8.67 -47.31
CA GLY A 350 -0.15 8.40 -48.24
C GLY A 350 0.87 7.43 -47.68
N SER A 351 2.08 7.51 -48.23
CA SER A 351 3.16 6.64 -47.76
C SER A 351 3.48 6.96 -46.32
N PRO A 352 3.70 5.95 -45.48
CA PRO A 352 3.99 6.20 -44.07
C PRO A 352 5.23 7.04 -43.84
N PHE A 353 6.17 7.04 -44.80
CA PHE A 353 7.42 7.78 -44.66
C PHE A 353 7.31 9.23 -45.11
N ASP A 354 6.15 9.66 -45.60
CA ASP A 354 5.94 11.05 -46.02
C ASP A 354 5.65 11.90 -44.79
N PRO A 355 6.46 12.92 -44.48
CA PRO A 355 6.25 13.70 -43.24
C PRO A 355 4.89 14.37 -43.17
N THR A 356 4.08 14.28 -44.23
CA THR A 356 2.75 14.83 -44.30
C THR A 356 1.65 13.80 -44.00
N THR A 357 1.96 12.51 -44.13
CA THR A 357 0.94 11.49 -44.03
C THR A 357 0.42 11.38 -42.60
N GLU A 358 -0.88 11.56 -42.42
CA GLU A 358 -1.48 11.30 -41.12
C GLU A 358 -1.98 9.87 -41.02
N GLN A 359 -2.54 9.34 -42.11
CA GLN A 359 -3.04 7.97 -42.18
C GLN A 359 -2.24 7.17 -43.19
N GLY A 360 -1.81 5.98 -42.80
CA GLY A 360 -1.17 5.05 -43.70
C GLY A 360 -2.13 3.95 -44.06
N PRO A 361 -1.61 2.81 -44.52
CA PRO A 361 -2.47 1.71 -44.96
C PRO A 361 -3.09 0.92 -43.80
N GLN A 362 -3.99 0.02 -44.17
CA GLN A 362 -4.46 -1.02 -43.28
C GLN A 362 -3.50 -2.20 -43.34
N ILE A 363 -3.61 -3.10 -42.35
CA ILE A 363 -2.47 -3.97 -42.05
C ILE A 363 -2.25 -5.01 -43.15
N ASP A 364 -3.31 -5.63 -43.65
CA ASP A 364 -3.17 -6.60 -44.73
C ASP A 364 -4.47 -6.61 -45.51
N LYS A 365 -4.54 -7.48 -46.54
CA LYS A 365 -5.68 -7.45 -47.45
C LYS A 365 -6.93 -7.99 -46.77
N LYS A 366 -6.79 -9.00 -45.92
CA LYS A 366 -7.93 -9.48 -45.15
C LYS A 366 -8.52 -8.35 -44.33
N GLN A 367 -7.65 -7.59 -43.66
CA GLN A 367 -8.08 -6.40 -42.95
C GLN A 367 -8.71 -5.40 -43.90
N TYR A 368 -8.06 -5.15 -45.04
CA TYR A 368 -8.58 -4.21 -46.03
C TYR A 368 -10.02 -4.52 -46.39
N ASN A 369 -10.29 -5.78 -46.74
CA ASN A 369 -11.63 -6.19 -47.16
C ASN A 369 -12.64 -6.08 -46.03
N LYS A 370 -12.34 -6.69 -44.88
CA LYS A 370 -13.26 -6.63 -43.76
C LYS A 370 -13.67 -5.20 -43.44
N ILE A 371 -12.79 -4.25 -43.72
CA ILE A 371 -13.19 -2.85 -43.63
C ILE A 371 -14.22 -2.55 -44.70
N LEU A 372 -13.80 -2.50 -45.97
CA LEU A 372 -14.74 -2.14 -47.03
C LEU A 372 -16.04 -2.93 -47.01
N GLU A 373 -15.99 -4.23 -46.68
CA GLU A 373 -17.20 -5.02 -46.48
C GLU A 373 -18.17 -4.30 -45.54
N LEU A 374 -17.65 -3.84 -44.39
CA LEU A 374 -18.47 -3.18 -43.39
C LEU A 374 -18.91 -1.77 -43.83
N ILE A 375 -18.07 -1.05 -44.58
CA ILE A 375 -18.52 0.27 -45.02
C ILE A 375 -19.64 0.11 -46.06
N GLN A 376 -19.62 -1.00 -46.78
CA GLN A 376 -20.73 -1.31 -47.67
C GLN A 376 -21.91 -1.86 -46.87
N SER A 377 -21.64 -2.49 -45.74
CA SER A 377 -22.73 -2.88 -44.84
C SER A 377 -23.54 -1.67 -44.42
N GLY A 378 -22.85 -0.62 -43.95
CA GLY A 378 -23.55 0.52 -43.36
C GLY A 378 -24.30 1.37 -44.36
N VAL A 379 -23.71 1.60 -45.56
CA VAL A 379 -24.41 2.34 -46.60
C VAL A 379 -25.72 1.64 -46.95
N ALA A 380 -25.76 0.32 -46.81
CA ALA A 380 -26.93 -0.50 -47.10
C ALA A 380 -27.90 -0.59 -45.94
N GLU A 381 -27.74 0.21 -44.91
CA GLU A 381 -28.61 0.11 -43.75
C GLU A 381 -29.22 1.43 -43.34
N GLY A 382 -29.03 2.48 -44.12
CA GLY A 382 -29.60 3.77 -43.80
C GLY A 382 -28.65 4.75 -43.14
N ALA A 383 -27.36 4.44 -43.10
CA ALA A 383 -26.37 5.35 -42.55
C ALA A 383 -25.90 6.25 -43.68
N LYS A 384 -26.23 7.54 -43.57
CA LYS A 384 -25.73 8.53 -44.52
C LYS A 384 -24.21 8.45 -44.58
N LEU A 385 -23.66 8.05 -45.72
CA LEU A 385 -22.22 8.07 -45.92
C LEU A 385 -21.80 9.51 -46.19
N GLU A 386 -21.32 10.20 -45.15
CA GLU A 386 -20.99 11.61 -45.28
C GLU A 386 -19.70 11.84 -46.06
N CYS A 387 -18.71 10.97 -45.91
CA CYS A 387 -17.40 11.16 -46.51
C CYS A 387 -16.82 9.79 -46.79
N GLY A 388 -15.87 9.73 -47.73
CA GLY A 388 -15.18 8.48 -48.01
C GLY A 388 -16.14 7.34 -48.38
N GLY A 389 -15.63 6.11 -48.27
CA GLY A 389 -16.45 4.92 -48.43
C GLY A 389 -15.79 3.76 -49.15
N LYS A 390 -14.78 4.05 -49.97
CA LYS A 390 -14.17 3.07 -50.85
C LYS A 390 -12.66 3.00 -50.58
N GLY A 391 -11.93 2.36 -51.49
CA GLY A 391 -10.48 2.28 -51.40
C GLY A 391 -9.86 3.56 -51.92
N LEU A 392 -8.54 3.54 -52.05
CA LEU A 392 -7.81 4.70 -52.56
C LEU A 392 -7.10 4.40 -53.87
N GLY A 393 -6.21 3.40 -53.89
CA GLY A 393 -5.52 2.98 -55.10
C GLY A 393 -5.11 1.54 -54.89
N ARG A 394 -4.36 1.02 -55.85
CA ARG A 394 -3.85 -0.33 -55.73
C ARG A 394 -2.52 -0.30 -54.98
N LYS A 395 -1.71 -1.35 -55.14
CA LYS A 395 -0.39 -1.50 -54.53
C LYS A 395 -0.35 -0.89 -53.13
N GLY A 396 -1.15 -1.45 -52.25
CA GLY A 396 -1.21 -0.94 -50.90
C GLY A 396 -2.63 -0.96 -50.39
N PHE A 397 -2.78 -0.79 -49.08
CA PHE A 397 -4.09 -1.02 -48.49
C PHE A 397 -4.73 0.25 -47.95
N PHE A 398 -4.95 1.25 -48.82
CA PHE A 398 -5.32 2.59 -48.41
C PHE A 398 -6.83 2.83 -48.60
N ILE A 399 -7.52 3.17 -47.51
CA ILE A 399 -8.97 3.41 -47.47
C ILE A 399 -9.21 4.89 -47.23
N GLU A 400 -10.19 5.45 -47.94
CA GLU A 400 -10.54 6.84 -47.70
C GLU A 400 -11.03 7.02 -46.27
N PRO A 401 -10.67 8.11 -45.61
CA PRO A 401 -11.36 8.47 -44.37
C PRO A 401 -12.85 8.64 -44.63
N THR A 402 -13.66 7.78 -44.01
CA THR A 402 -15.10 7.81 -44.16
C THR A 402 -15.76 8.36 -42.90
N VAL A 403 -16.93 8.98 -43.05
CA VAL A 403 -17.72 9.46 -41.93
C VAL A 403 -19.18 9.06 -42.16
N PHE A 404 -19.80 8.46 -41.14
CA PHE A 404 -21.22 8.13 -41.18
C PHE A 404 -21.97 9.00 -40.19
N SER A 405 -23.10 9.55 -40.63
CA SER A 405 -24.06 10.22 -39.77
C SER A 405 -25.30 9.34 -39.64
N ASN A 406 -26.15 9.67 -38.67
CA ASN A 406 -27.46 9.03 -38.56
C ASN A 406 -27.31 7.52 -38.44
N VAL A 407 -26.42 7.09 -37.58
CA VAL A 407 -26.27 5.67 -37.30
C VAL A 407 -27.04 5.35 -36.03
N THR A 408 -28.01 4.42 -36.13
CA THR A 408 -28.75 3.93 -34.99
C THR A 408 -27.92 2.89 -34.25
N ASP A 409 -28.47 2.36 -33.16
CA ASP A 409 -27.80 1.26 -32.46
C ASP A 409 -28.03 -0.08 -33.15
N ASP A 410 -29.10 -0.20 -33.95
CA ASP A 410 -29.46 -1.47 -34.58
C ASP A 410 -28.59 -1.80 -35.78
N MET A 411 -27.97 -0.79 -36.38
CA MET A 411 -27.10 -1.01 -37.53
C MET A 411 -25.93 -1.92 -37.18
N ARG A 412 -25.61 -2.83 -38.10
CA ARG A 412 -24.52 -3.78 -37.88
C ARG A 412 -23.15 -3.11 -37.78
N ILE A 413 -23.02 -1.84 -38.17
CA ILE A 413 -21.73 -1.15 -38.03
C ILE A 413 -21.57 -0.52 -36.65
N ALA A 414 -22.65 -0.35 -35.90
CA ALA A 414 -22.57 0.13 -34.54
C ALA A 414 -22.63 -1.00 -33.51
N LYS A 415 -23.07 -2.20 -33.92
CA LYS A 415 -23.01 -3.38 -33.06
C LYS A 415 -21.64 -4.06 -33.10
N GLU A 416 -20.89 -3.88 -34.17
CA GLU A 416 -19.69 -4.66 -34.47
C GLU A 416 -18.50 -3.71 -34.59
N GLU A 417 -17.33 -4.14 -34.12
CA GLU A 417 -16.20 -3.22 -34.16
C GLU A 417 -15.74 -3.01 -35.58
N ILE A 418 -15.53 -1.76 -35.94
CA ILE A 418 -14.90 -1.40 -37.20
C ILE A 418 -13.45 -1.07 -36.91
N PHE A 419 -12.54 -1.92 -37.36
CA PHE A 419 -11.11 -1.75 -37.13
C PHE A 419 -10.46 -0.89 -38.18
N GLY A 420 -11.08 0.20 -38.59
CA GLY A 420 -10.50 1.04 -39.61
C GLY A 420 -10.79 2.50 -39.43
N PRO A 421 -10.51 3.30 -40.45
CA PRO A 421 -10.74 4.75 -40.40
C PRO A 421 -12.20 5.13 -40.62
N VAL A 422 -13.07 4.65 -39.73
CA VAL A 422 -14.51 4.84 -39.85
C VAL A 422 -15.03 5.49 -38.58
N GLN A 423 -15.58 6.68 -38.74
CA GLN A 423 -16.13 7.47 -37.63
C GLN A 423 -17.64 7.51 -37.82
N GLU A 424 -18.36 6.69 -37.04
CA GLU A 424 -19.82 6.68 -37.04
C GLU A 424 -20.32 7.56 -35.90
N ILE A 425 -21.29 8.43 -36.19
CA ILE A 425 -21.82 9.36 -35.20
C ILE A 425 -23.30 9.09 -34.99
N LEU A 426 -23.67 8.88 -33.72
CA LEU A 426 -25.02 8.64 -33.25
C LEU A 426 -25.54 9.91 -32.58
N ARG A 427 -26.85 10.00 -32.39
CA ARG A 427 -27.47 11.12 -31.68
C ARG A 427 -27.94 10.65 -30.31
N PHE A 428 -28.04 11.61 -29.38
CA PHE A 428 -28.66 11.36 -28.09
C PHE A 428 -29.20 12.68 -27.56
N LYS A 429 -30.26 12.58 -26.76
CA LYS A 429 -31.09 13.71 -26.34
C LYS A 429 -31.01 13.97 -24.84
N THR A 430 -30.77 12.93 -24.03
CA THR A 430 -30.66 13.09 -22.58
C THR A 430 -29.54 12.21 -22.04
N MET A 431 -29.10 12.55 -20.82
CA MET A 431 -27.88 11.95 -20.27
C MET A 431 -28.11 10.52 -19.83
N ASP A 432 -29.17 10.27 -19.04
CA ASP A 432 -29.48 8.89 -18.68
C ASP A 432 -29.73 8.04 -19.93
N GLU A 433 -30.02 8.67 -21.07
CA GLU A 433 -30.17 7.93 -22.33
C GLU A 433 -28.81 7.57 -22.92
N VAL A 434 -27.89 8.53 -22.98
CA VAL A 434 -26.57 8.23 -23.55
C VAL A 434 -25.81 7.26 -22.66
N ILE A 435 -26.09 7.25 -21.37
CA ILE A 435 -25.41 6.31 -20.49
C ILE A 435 -25.94 4.88 -20.67
N GLU A 436 -27.21 4.74 -21.03
CA GLU A 436 -27.78 3.41 -21.19
C GLU A 436 -27.30 2.74 -22.48
N ARG A 437 -27.00 3.54 -23.50
CA ARG A 437 -26.58 2.95 -24.76
C ARG A 437 -25.12 2.52 -24.73
N ALA A 438 -24.25 3.32 -24.12
CA ALA A 438 -22.84 2.99 -24.04
C ALA A 438 -22.62 1.64 -23.36
N ASN A 439 -23.10 1.50 -22.12
CA ASN A 439 -22.86 0.29 -21.35
C ASN A 439 -23.27 -0.97 -22.11
N ASN A 440 -24.23 -0.86 -23.01
CA ASN A 440 -24.71 -1.99 -23.78
C ASN A 440 -23.58 -2.57 -24.63
N SER A 441 -22.86 -3.54 -24.08
CA SER A 441 -21.78 -4.25 -24.74
C SER A 441 -21.42 -5.45 -23.86
N ASP A 442 -21.25 -6.61 -24.50
CA ASP A 442 -21.18 -7.85 -23.72
C ASP A 442 -19.89 -7.94 -22.93
N PHE A 443 -18.77 -7.54 -23.52
CA PHE A 443 -17.49 -7.67 -22.87
C PHE A 443 -16.91 -6.28 -22.54
N GLY A 444 -15.59 -6.21 -22.43
CA GLY A 444 -14.88 -5.00 -22.00
C GLY A 444 -15.14 -3.77 -22.85
N LEU A 445 -14.60 -2.63 -22.41
CA LEU A 445 -15.02 -1.34 -22.95
C LEU A 445 -14.28 -0.18 -22.29
N VAL A 446 -13.84 0.78 -23.08
CA VAL A 446 -13.36 2.04 -22.57
C VAL A 446 -14.32 3.13 -23.03
N ALA A 447 -14.55 4.13 -22.18
CA ALA A 447 -15.41 5.25 -22.55
C ALA A 447 -14.68 6.58 -22.34
N ALA A 448 -15.11 7.60 -23.10
CA ALA A 448 -14.46 8.91 -23.10
C ALA A 448 -15.54 9.97 -23.14
N VAL A 449 -15.56 10.84 -22.12
CA VAL A 449 -16.58 11.85 -21.95
C VAL A 449 -15.96 13.21 -22.26
N PHE A 450 -16.78 14.13 -22.76
CA PHE A 450 -16.38 15.52 -22.97
C PHE A 450 -17.47 16.40 -22.38
N THR A 451 -17.17 17.07 -21.28
CA THR A 451 -18.15 17.98 -20.68
C THR A 451 -17.40 18.93 -19.78
N ASN A 452 -17.94 20.13 -19.65
CA ASN A 452 -17.49 21.02 -18.58
C ASN A 452 -18.33 20.87 -17.33
N ASP A 453 -19.54 20.34 -17.44
CA ASP A 453 -20.37 20.07 -16.28
C ASP A 453 -19.68 19.06 -15.38
N ILE A 454 -19.22 19.50 -14.21
CA ILE A 454 -18.50 18.60 -13.31
C ILE A 454 -19.40 17.45 -12.93
N ASN A 455 -20.68 17.74 -12.70
CA ASN A 455 -21.62 16.72 -12.22
C ASN A 455 -22.01 15.75 -13.33
N LYS A 456 -22.10 16.22 -14.58
CA LYS A 456 -22.31 15.32 -15.71
C LYS A 456 -21.12 14.38 -15.87
N ALA A 457 -19.91 14.94 -15.90
CA ALA A 457 -18.73 14.10 -15.83
C ALA A 457 -18.86 13.08 -14.71
N LEU A 458 -19.16 13.56 -13.50
CA LEU A 458 -19.27 12.69 -12.34
C LEU A 458 -20.14 11.47 -12.63
N THR A 459 -21.41 11.72 -13.00
CA THR A 459 -22.35 10.63 -13.13
C THR A 459 -21.96 9.68 -14.27
N VAL A 460 -21.53 10.22 -15.42
CA VAL A 460 -21.21 9.38 -16.57
C VAL A 460 -20.08 8.41 -16.25
N SER A 461 -19.04 8.92 -15.57
CA SER A 461 -17.82 8.13 -15.36
C SER A 461 -18.05 7.03 -14.35
N SER A 462 -18.88 7.30 -13.33
CA SER A 462 -19.32 6.23 -12.45
C SER A 462 -20.20 5.24 -13.20
N ALA A 463 -21.26 5.75 -13.84
CA ALA A 463 -22.29 4.89 -14.41
C ALA A 463 -21.76 3.98 -15.51
N MET A 464 -20.79 4.44 -16.29
CA MET A 464 -20.16 3.56 -17.27
C MET A 464 -19.64 2.29 -16.59
N GLN A 465 -20.01 1.13 -17.14
CA GLN A 465 -19.35 -0.12 -16.82
C GLN A 465 -18.13 -0.22 -17.74
N ALA A 466 -17.18 0.67 -17.47
CA ALA A 466 -16.02 0.85 -18.32
C ALA A 466 -14.76 0.55 -17.52
N GLY A 467 -13.80 -0.11 -18.16
CA GLY A 467 -12.49 -0.29 -17.56
C GLY A 467 -11.81 1.05 -17.29
N THR A 468 -11.60 1.83 -18.35
CA THR A 468 -10.96 3.14 -18.28
C THR A 468 -11.96 4.20 -18.74
N VAL A 469 -11.86 5.39 -18.14
CA VAL A 469 -12.71 6.52 -18.53
C VAL A 469 -11.85 7.78 -18.64
N TRP A 470 -11.89 8.43 -19.81
CA TRP A 470 -11.15 9.67 -20.07
C TRP A 470 -12.10 10.84 -20.15
N ILE A 471 -12.02 11.74 -19.17
CA ILE A 471 -12.78 12.97 -19.19
C ILE A 471 -11.93 14.02 -19.91
N ASN A 472 -12.47 14.55 -21.01
CA ASN A 472 -11.86 15.64 -21.78
C ASN A 472 -10.49 15.28 -22.36
N CYS A 473 -10.39 14.07 -22.88
CA CYS A 473 -9.27 13.58 -23.69
C CYS A 473 -9.67 12.21 -24.27
N TYR A 474 -8.72 11.53 -24.91
CA TYR A 474 -8.94 10.16 -25.41
C TYR A 474 -7.81 9.21 -24.99
N GLY A 496 -0.78 0.62 -14.25
CA GLY A 496 0.64 0.72 -13.92
C GLY A 496 1.13 -0.37 -12.97
N GLU A 497 0.94 -0.13 -11.68
CA GLU A 497 1.13 -1.20 -10.71
C GLU A 497 0.14 -2.34 -10.94
N PHE A 498 -1.06 -2.03 -11.40
CA PHE A 498 -2.08 -3.05 -11.63
C PHE A 498 -1.79 -3.91 -12.82
N GLY A 499 -0.60 -3.72 -13.40
CA GLY A 499 -0.06 -4.61 -14.40
C GLY A 499 1.07 -5.41 -13.81
N LEU A 500 1.65 -4.87 -12.74
CA LEU A 500 2.70 -5.59 -12.00
C LEU A 500 2.13 -6.78 -11.23
N ARG A 501 0.98 -6.61 -10.56
CA ARG A 501 0.44 -7.68 -9.73
C ARG A 501 0.09 -8.93 -10.54
N GLU A 502 0.03 -8.81 -11.87
CA GLU A 502 -0.26 -9.91 -12.77
C GLU A 502 0.97 -10.78 -13.05
N TYR A 503 2.17 -10.28 -12.76
CA TYR A 503 3.37 -11.01 -13.08
C TYR A 503 4.07 -11.55 -11.84
N SER A 504 3.37 -11.58 -10.71
CA SER A 504 3.91 -12.13 -9.48
C SER A 504 2.85 -12.98 -8.80
N GLU A 505 3.30 -14.01 -8.09
CA GLU A 505 2.46 -14.69 -7.12
C GLU A 505 2.95 -14.35 -5.71
N VAL A 506 2.11 -14.69 -4.73
CA VAL A 506 2.34 -14.38 -3.34
C VAL A 506 2.86 -15.63 -2.65
N LYS A 507 3.96 -15.49 -1.92
CA LYS A 507 4.36 -16.50 -0.95
C LYS A 507 4.16 -15.95 0.46
N THR A 508 3.59 -16.79 1.33
CA THR A 508 3.31 -16.43 2.71
C THR A 508 4.09 -17.32 3.65
N VAL A 509 4.78 -16.74 4.60
CA VAL A 509 5.47 -17.51 5.63
C VAL A 509 5.00 -17.06 7.01
N THR A 510 4.54 -18.01 7.83
CA THR A 510 4.25 -17.84 9.24
C THR A 510 5.34 -18.50 10.09
N VAL A 511 6.01 -17.74 10.93
CA VAL A 511 6.92 -18.34 11.90
C VAL A 511 6.24 -18.45 13.27
N LYS A 512 6.41 -19.59 13.92
CA LYS A 512 6.01 -19.73 15.31
C LYS A 512 7.01 -18.99 16.18
N ILE A 513 6.51 -18.18 17.10
CA ILE A 513 7.39 -17.38 17.96
C ILE A 513 7.14 -17.81 19.40
N PRO A 514 8.08 -17.50 20.33
CA PRO A 514 7.90 -17.86 21.75
C PRO A 514 6.81 -17.12 22.53
N GLN A 515 6.79 -15.77 22.50
CA GLN A 515 5.77 -14.98 23.21
C GLN A 515 5.51 -13.71 22.41
N LYS A 516 4.23 -13.39 22.19
CA LYS A 516 3.88 -12.26 21.32
C LYS A 516 3.77 -10.96 22.11
N ASN A 517 4.30 -9.89 21.53
CA ASN A 517 4.23 -8.55 22.12
C ASN A 517 4.11 -7.51 21.02
N SER A 518 3.34 -6.46 21.30
CA SER A 518 3.09 -5.38 20.35
C SER A 518 4.38 -4.76 19.73
N LEU B 26 -16.67 -26.78 29.11
CA LEU B 26 -17.08 -27.48 27.89
C LEU B 26 -18.52 -27.14 27.57
N PRO B 27 -18.79 -26.89 26.30
CA PRO B 27 -20.16 -26.74 25.84
C PRO B 27 -20.77 -28.09 25.49
N SER B 28 -22.10 -28.09 25.41
CA SER B 28 -22.82 -29.32 25.12
C SER B 28 -23.57 -29.21 23.80
N PRO B 29 -23.49 -30.24 22.95
CA PRO B 29 -24.23 -30.21 21.67
C PRO B 29 -25.72 -29.99 21.87
N THR B 30 -26.31 -29.25 20.94
CA THR B 30 -27.75 -29.08 20.95
C THR B 30 -28.42 -30.44 20.94
N PRO B 31 -29.36 -30.71 21.86
CA PRO B 31 -29.92 -32.05 21.98
C PRO B 31 -31.14 -32.24 21.09
N ASN B 32 -31.14 -33.33 20.32
CA ASN B 32 -32.24 -33.65 19.40
C ASN B 32 -32.46 -32.53 18.39
N LEU B 33 -31.36 -32.10 17.77
CA LEU B 33 -31.37 -30.97 16.85
C LEU B 33 -32.41 -31.17 15.76
N GLU B 34 -33.32 -30.23 15.61
CA GLU B 34 -34.22 -30.29 14.48
C GLU B 34 -33.61 -29.53 13.32
N ILE B 35 -33.31 -30.25 12.24
CA ILE B 35 -32.87 -29.57 11.04
C ILE B 35 -34.10 -28.89 10.49
N LYS B 36 -34.19 -27.60 10.76
CA LYS B 36 -35.33 -26.76 10.41
C LYS B 36 -35.21 -26.16 9.02
N TYR B 37 -34.02 -26.10 8.42
CA TYR B 37 -33.79 -25.30 7.22
C TYR B 37 -33.34 -26.20 6.07
N THR B 38 -34.30 -26.79 5.40
CA THR B 38 -34.02 -27.81 4.42
C THR B 38 -34.29 -27.39 2.97
N LYS B 39 -34.70 -26.14 2.74
CA LYS B 39 -35.15 -25.69 1.43
C LYS B 39 -34.13 -24.76 0.77
N ILE B 40 -34.24 -24.60 -0.55
CA ILE B 40 -33.39 -23.66 -1.28
C ILE B 40 -33.53 -22.26 -0.67
N PHE B 41 -32.46 -21.46 -0.80
CA PHE B 41 -32.45 -20.08 -0.29
C PHE B 41 -32.26 -19.06 -1.42
N ILE B 42 -33.36 -18.51 -1.95
CA ILE B 42 -33.29 -17.57 -3.07
C ILE B 42 -34.13 -16.34 -2.74
N ASN B 43 -33.51 -15.15 -2.86
CA ASN B 43 -34.20 -13.89 -2.63
C ASN B 43 -34.64 -13.73 -1.19
N ASN B 44 -33.91 -14.32 -0.25
CA ASN B 44 -34.30 -14.41 1.15
C ASN B 44 -35.69 -15.05 1.33
N GLU B 45 -36.12 -15.88 0.38
CA GLU B 45 -37.29 -16.73 0.54
C GLU B 45 -36.88 -18.19 0.44
N TRP B 46 -37.44 -19.03 1.30
CA TRP B 46 -37.18 -20.47 1.25
C TRP B 46 -38.05 -21.09 0.17
N GLN B 47 -37.47 -21.82 -0.77
CA GLN B 47 -38.25 -22.35 -1.88
C GLN B 47 -37.95 -23.83 -2.11
N ASN B 48 -38.97 -24.56 -2.59
CA ASN B 48 -38.76 -25.89 -3.11
C ASN B 48 -38.07 -25.86 -4.46
N SER B 49 -37.52 -27.00 -4.83
CA SER B 49 -36.96 -27.15 -6.16
C SER B 49 -38.06 -27.04 -7.19
N GLU B 50 -37.71 -26.44 -8.33
CA GLU B 50 -38.68 -26.32 -9.41
C GLU B 50 -39.22 -27.68 -9.82
N SER B 51 -38.35 -28.68 -10.00
CA SER B 51 -38.80 -30.05 -10.23
C SER B 51 -39.50 -30.67 -9.02
N GLY B 52 -39.18 -30.22 -7.81
CA GLY B 52 -39.77 -30.83 -6.64
C GLY B 52 -39.05 -32.07 -6.19
N ARG B 53 -37.92 -32.39 -6.82
CA ARG B 53 -37.03 -33.46 -6.41
C ARG B 53 -36.41 -33.13 -5.05
N VAL B 54 -35.87 -34.16 -4.41
CA VAL B 54 -35.34 -34.06 -3.06
C VAL B 54 -34.17 -35.01 -2.99
N PHE B 55 -33.22 -34.74 -2.11
CA PHE B 55 -32.11 -35.65 -1.89
C PHE B 55 -31.85 -35.78 -0.40
N PRO B 56 -31.18 -36.85 0.04
CA PRO B 56 -30.99 -37.03 1.48
C PRO B 56 -29.59 -36.68 1.95
N VAL B 57 -29.45 -36.56 3.26
CA VAL B 57 -28.21 -36.19 3.91
C VAL B 57 -27.97 -37.21 5.01
N TYR B 58 -26.79 -37.84 5.00
CA TYR B 58 -26.49 -38.91 5.94
C TYR B 58 -25.64 -38.39 7.10
N ASN B 59 -25.61 -39.18 8.18
CA ASN B 59 -24.73 -39.00 9.33
C ASN B 59 -23.52 -39.89 9.13
N PRO B 60 -22.34 -39.35 8.86
CA PRO B 60 -21.19 -40.23 8.56
C PRO B 60 -20.74 -41.07 9.71
N ALA B 61 -21.22 -40.80 10.92
CA ALA B 61 -20.79 -41.61 12.04
C ALA B 61 -21.58 -42.90 12.09
N THR B 62 -22.86 -42.82 11.75
CA THR B 62 -23.77 -43.95 11.83
C THR B 62 -24.24 -44.47 10.48
N GLY B 63 -24.08 -43.68 9.42
CA GLY B 63 -24.65 -43.98 8.13
C GLY B 63 -26.14 -43.77 8.03
N GLU B 64 -26.80 -43.29 9.08
CA GLU B 64 -28.23 -43.07 8.96
C GLU B 64 -28.49 -41.69 8.35
N GLN B 65 -29.49 -41.63 7.48
CA GLN B 65 -29.93 -40.37 6.91
C GLN B 65 -30.45 -39.45 8.00
N VAL B 66 -30.03 -38.19 7.94
CA VAL B 66 -30.43 -37.16 8.91
C VAL B 66 -31.75 -36.49 8.52
N CYS B 67 -31.94 -36.21 7.22
CA CYS B 67 -33.08 -35.46 6.67
C CYS B 67 -33.00 -35.45 5.15
N GLU B 68 -33.92 -34.74 4.49
CA GLU B 68 -33.86 -34.54 3.04
C GLU B 68 -33.82 -33.04 2.75
N VAL B 69 -33.33 -32.68 1.55
CA VAL B 69 -33.09 -31.29 1.15
C VAL B 69 -33.56 -31.09 -0.28
N GLN B 70 -34.14 -29.90 -0.55
CA GLN B 70 -34.63 -29.57 -1.90
C GLN B 70 -33.50 -29.55 -2.90
N GLU B 71 -33.57 -30.39 -3.92
CA GLU B 71 -32.43 -30.51 -4.81
C GLU B 71 -32.44 -29.40 -5.85
N ALA B 72 -31.28 -28.78 -6.08
CA ALA B 72 -31.20 -27.66 -7.00
C ALA B 72 -30.56 -28.08 -8.32
N ASP B 73 -31.07 -27.49 -9.40
CA ASP B 73 -30.71 -27.83 -10.77
C ASP B 73 -30.68 -26.55 -11.59
N LYS B 74 -30.65 -26.69 -12.92
CA LYS B 74 -30.50 -25.54 -13.80
C LYS B 74 -31.65 -24.56 -13.65
N ALA B 75 -32.87 -25.08 -13.52
CA ALA B 75 -34.00 -24.19 -13.30
C ALA B 75 -33.77 -23.34 -12.07
N ASP B 76 -33.42 -23.97 -10.95
CA ASP B 76 -33.24 -23.21 -9.72
C ASP B 76 -32.12 -22.18 -9.84
N ILE B 77 -31.00 -22.56 -10.46
CA ILE B 77 -29.84 -21.67 -10.56
C ILE B 77 -30.22 -20.38 -11.28
N ASP B 78 -31.13 -20.46 -12.24
CA ASP B 78 -31.52 -19.28 -13.01
C ASP B 78 -32.38 -18.32 -12.20
N LYS B 79 -33.19 -18.83 -11.27
CA LYS B 79 -33.78 -17.98 -10.24
C LYS B 79 -32.70 -17.34 -9.37
N ALA B 80 -31.78 -18.16 -8.84
CA ALA B 80 -30.71 -17.61 -8.02
C ALA B 80 -29.96 -16.51 -8.76
N VAL B 81 -29.61 -16.75 -10.03
CA VAL B 81 -28.79 -15.78 -10.74
C VAL B 81 -29.59 -14.55 -11.12
N GLN B 82 -30.91 -14.66 -11.30
CA GLN B 82 -31.68 -13.42 -11.52
C GLN B 82 -31.84 -12.64 -10.22
N ALA B 83 -32.01 -13.32 -9.09
CA ALA B 83 -32.18 -12.61 -7.83
C ALA B 83 -30.93 -11.82 -7.46
N ALA B 84 -29.74 -12.39 -7.74
CA ALA B 84 -28.49 -11.74 -7.33
C ALA B 84 -28.08 -10.68 -8.31
N ARG B 85 -28.31 -10.92 -9.60
CA ARG B 85 -28.10 -9.85 -10.57
C ARG B 85 -29.02 -8.68 -10.28
N LEU B 86 -30.23 -8.95 -9.81
CA LEU B 86 -31.12 -7.86 -9.47
C LEU B 86 -30.63 -7.15 -8.21
N ALA B 87 -30.17 -7.91 -7.20
CA ALA B 87 -29.65 -7.29 -6.00
C ALA B 87 -28.47 -6.36 -6.31
N PHE B 88 -27.77 -6.63 -7.41
CA PHE B 88 -26.60 -5.87 -7.81
C PHE B 88 -26.93 -4.68 -8.70
N SER B 89 -28.17 -4.57 -9.16
CA SER B 89 -28.58 -3.51 -10.07
C SER B 89 -28.23 -2.13 -9.50
N LEU B 90 -28.33 -1.09 -10.33
CA LEU B 90 -27.70 0.17 -9.98
C LEU B 90 -28.46 0.92 -8.89
N GLY B 91 -29.76 0.89 -8.92
CA GLY B 91 -30.24 1.63 -7.76
C GLY B 91 -30.50 0.82 -6.51
N SER B 92 -29.93 -0.38 -6.39
CA SER B 92 -30.41 -1.32 -5.37
C SER B 92 -29.94 -0.91 -3.98
N VAL B 93 -30.65 -1.41 -2.97
CA VAL B 93 -30.19 -1.18 -1.61
C VAL B 93 -28.72 -1.55 -1.48
N TRP B 94 -28.37 -2.76 -1.92
CA TRP B 94 -27.01 -3.25 -1.76
C TRP B 94 -26.01 -2.39 -2.50
N ARG B 95 -26.43 -1.71 -3.57
CA ARG B 95 -25.47 -0.87 -4.29
C ARG B 95 -25.40 0.56 -3.73
N ARG B 96 -26.51 1.18 -3.34
CA ARG B 96 -26.41 2.52 -2.77
C ARG B 96 -25.94 2.50 -1.33
N MET B 97 -25.94 1.33 -0.69
CA MET B 97 -25.46 1.19 0.68
C MET B 97 -24.05 1.75 0.84
N ASP B 98 -23.79 2.30 2.03
CA ASP B 98 -22.46 2.77 2.33
C ASP B 98 -21.57 1.57 2.58
N ALA B 99 -20.31 1.64 2.11
CA ALA B 99 -19.39 0.53 2.31
C ALA B 99 -19.41 0.06 3.76
N SER B 100 -19.23 0.99 4.69
CA SER B 100 -19.20 0.68 6.12
C SER B 100 -20.44 -0.04 6.60
N GLU B 101 -21.54 0.05 5.85
CA GLU B 101 -22.76 -0.64 6.24
C GLU B 101 -22.69 -2.12 5.85
N ARG B 102 -22.23 -2.42 4.63
CA ARG B 102 -21.85 -3.79 4.29
C ARG B 102 -20.96 -4.42 5.34
N GLY B 103 -20.10 -3.62 5.97
CA GLY B 103 -19.31 -4.15 7.07
C GLY B 103 -20.13 -4.30 8.34
N ARG B 104 -21.11 -3.41 8.56
CA ARG B 104 -21.98 -3.59 9.71
C ARG B 104 -22.74 -4.89 9.58
N LEU B 105 -23.32 -5.13 8.41
CA LEU B 105 -24.08 -6.35 8.15
C LEU B 105 -23.24 -7.59 8.45
N LEU B 106 -22.07 -7.72 7.80
CA LEU B 106 -21.10 -8.77 8.13
C LEU B 106 -20.83 -8.88 9.63
N ASP B 107 -20.89 -7.79 10.38
CA ASP B 107 -20.68 -7.91 11.82
C ASP B 107 -21.90 -8.49 12.56
N LYS B 108 -23.13 -8.21 12.12
CA LYS B 108 -24.29 -8.86 12.72
C LYS B 108 -24.30 -10.34 12.46
N LEU B 109 -23.64 -10.75 11.39
CA LEU B 109 -23.74 -12.15 11.01
C LEU B 109 -22.79 -12.99 11.84
N ALA B 110 -21.63 -12.42 12.19
CA ALA B 110 -20.76 -13.07 13.19
C ALA B 110 -21.40 -13.01 14.57
N ASP B 111 -22.09 -11.90 14.89
CA ASP B 111 -22.88 -11.86 16.12
C ASP B 111 -23.80 -13.08 16.19
N LEU B 112 -24.60 -13.29 15.14
CA LEU B 112 -25.61 -14.35 15.11
C LEU B 112 -24.99 -15.74 15.10
N VAL B 113 -23.91 -15.92 14.33
CA VAL B 113 -23.14 -17.16 14.40
C VAL B 113 -22.70 -17.42 15.84
N GLU B 114 -22.17 -16.38 16.50
CA GLU B 114 -21.76 -16.47 17.90
C GLU B 114 -22.93 -16.86 18.80
N ARG B 115 -24.11 -16.28 18.54
CA ARG B 115 -25.28 -16.64 19.32
C ARG B 115 -25.66 -18.10 19.09
N ASP B 116 -25.45 -18.59 17.87
CA ASP B 116 -25.86 -19.93 17.53
C ASP B 116 -24.67 -20.87 17.41
N ARG B 117 -23.56 -20.57 18.10
CA ARG B 117 -22.34 -21.35 17.92
C ARG B 117 -22.56 -22.83 18.19
N ALA B 118 -23.46 -23.15 19.11
CA ALA B 118 -23.64 -24.55 19.50
C ALA B 118 -24.55 -25.32 18.53
N VAL B 119 -25.53 -24.65 17.91
CA VAL B 119 -26.35 -25.30 16.90
C VAL B 119 -25.57 -25.48 15.60
N LEU B 120 -24.76 -24.48 15.24
CA LEU B 120 -23.93 -24.59 14.06
C LEU B 120 -22.83 -25.62 14.25
N ALA B 121 -22.18 -25.63 15.43
CA ALA B 121 -21.22 -26.69 15.71
C ALA B 121 -21.86 -28.06 15.69
N THR B 122 -23.08 -28.18 16.20
CA THR B 122 -23.73 -29.50 16.22
C THR B 122 -24.11 -29.94 14.82
N MET B 123 -24.80 -29.08 14.05
CA MET B 123 -25.02 -29.33 12.63
C MET B 123 -23.77 -29.82 11.95
N GLU B 124 -22.65 -29.15 12.22
CA GLU B 124 -21.37 -29.52 11.62
C GLU B 124 -20.91 -30.90 12.09
N SER B 125 -20.90 -31.10 13.41
CA SER B 125 -20.56 -32.42 13.94
C SER B 125 -21.47 -33.51 13.37
N LEU B 126 -22.75 -33.24 13.18
CA LEU B 126 -23.67 -34.29 12.75
C LEU B 126 -23.64 -34.51 11.23
N ASN B 127 -23.80 -33.45 10.48
CA ASN B 127 -23.74 -33.55 9.02
C ASN B 127 -22.36 -33.97 8.55
N GLY B 128 -21.31 -33.39 9.09
CA GLY B 128 -19.98 -33.58 8.56
C GLY B 128 -19.07 -34.52 9.33
N GLY B 129 -19.53 -35.02 10.47
CA GLY B 129 -18.72 -35.95 11.23
C GLY B 129 -17.54 -35.35 11.93
N LYS B 130 -17.38 -34.04 11.94
CA LYS B 130 -16.36 -33.44 12.79
C LYS B 130 -16.68 -33.75 14.25
N PRO B 131 -15.68 -34.13 15.06
CA PRO B 131 -15.88 -34.13 16.52
C PRO B 131 -16.43 -32.78 16.96
N PHE B 132 -17.40 -32.82 17.87
CA PHE B 132 -18.20 -31.62 18.17
C PHE B 132 -17.37 -30.51 18.83
N LEU B 133 -16.49 -30.86 19.77
CA LEU B 133 -15.61 -29.84 20.33
C LEU B 133 -14.72 -29.21 19.25
N GLN B 134 -14.24 -30.01 18.28
CA GLN B 134 -13.47 -29.47 17.17
C GLN B 134 -14.27 -28.45 16.37
N ALA B 135 -15.50 -28.79 15.98
CA ALA B 135 -16.33 -27.81 15.31
C ALA B 135 -16.48 -26.55 16.16
N PHE B 136 -16.68 -26.71 17.46
CA PHE B 136 -17.00 -25.58 18.32
C PHE B 136 -15.78 -24.67 18.53
N TYR B 137 -14.65 -25.22 18.94
CA TYR B 137 -13.53 -24.33 19.19
C TYR B 137 -12.66 -24.04 17.97
N VAL B 138 -12.66 -24.90 16.95
CA VAL B 138 -11.84 -24.61 15.77
C VAL B 138 -12.72 -23.95 14.71
N ASP B 139 -13.54 -24.74 14.02
CA ASP B 139 -14.32 -24.26 12.88
C ASP B 139 -15.06 -22.97 13.20
N LEU B 140 -15.94 -23.01 14.21
CA LEU B 140 -16.84 -21.89 14.45
C LEU B 140 -16.08 -20.65 14.89
N GLN B 141 -15.08 -20.82 15.74
CA GLN B 141 -14.11 -19.75 15.97
C GLN B 141 -13.72 -19.06 14.65
N GLY B 142 -13.34 -19.86 13.64
CA GLY B 142 -12.90 -19.30 12.37
C GLY B 142 -14.01 -18.64 11.56
N VAL B 143 -15.20 -19.23 11.54
CA VAL B 143 -16.32 -18.59 10.86
C VAL B 143 -16.52 -17.18 11.40
N ILE B 144 -16.60 -17.08 12.74
CA ILE B 144 -16.86 -15.83 13.43
C ILE B 144 -15.75 -14.82 13.18
N LYS B 145 -14.50 -15.20 13.49
CA LYS B 145 -13.39 -14.27 13.22
C LYS B 145 -13.35 -13.82 11.76
N THR B 146 -13.60 -14.73 10.80
CA THR B 146 -13.60 -14.34 9.39
C THR B 146 -14.61 -13.24 9.12
N PHE B 147 -15.84 -13.41 9.65
CA PHE B 147 -16.89 -12.44 9.38
C PHE B 147 -16.59 -11.11 10.03
N ARG B 148 -16.03 -11.17 11.23
CA ARG B 148 -15.55 -9.96 11.89
C ARG B 148 -14.44 -9.29 11.10
N TYR B 149 -13.49 -10.08 10.56
CA TYR B 149 -12.30 -9.49 9.97
C TYR B 149 -12.61 -8.73 8.69
N TYR B 150 -13.36 -9.34 7.77
CA TYR B 150 -13.79 -8.60 6.58
C TYR B 150 -14.81 -7.55 6.91
N ALA B 151 -15.54 -7.71 8.02
CA ALA B 151 -16.45 -6.67 8.44
C ALA B 151 -15.68 -5.37 8.59
N GLY B 152 -14.46 -5.45 9.12
CA GLY B 152 -13.58 -4.28 9.13
C GLY B 152 -12.99 -3.91 7.78
N TRP B 153 -12.88 -4.85 6.82
CA TRP B 153 -12.28 -4.49 5.54
C TRP B 153 -13.16 -3.62 4.68
N ALA B 154 -14.48 -3.63 4.91
CA ALA B 154 -15.38 -3.27 3.82
C ALA B 154 -15.16 -1.83 3.39
N ASP B 155 -15.03 -0.92 4.34
CA ASP B 155 -14.84 0.47 3.98
C ASP B 155 -13.37 0.90 4.03
N LYS B 156 -12.45 -0.03 4.06
CA LYS B 156 -11.04 0.30 3.92
C LYS B 156 -10.45 -0.34 2.67
N ILE B 157 -11.22 -0.41 1.58
CA ILE B 157 -10.76 -0.97 0.31
C ILE B 157 -10.38 0.22 -0.58
N HIS B 158 -9.08 0.48 -0.69
CA HIS B 158 -8.62 1.76 -1.22
C HIS B 158 -8.17 1.68 -2.66
N GLY B 159 -8.32 2.81 -3.35
CA GLY B 159 -7.78 2.96 -4.68
C GLY B 159 -6.54 3.84 -4.67
N MET B 160 -6.17 4.30 -5.83
CA MET B 160 -4.88 4.92 -6.06
C MET B 160 -5.08 6.27 -6.76
N THR B 161 -4.18 7.23 -6.52
CA THR B 161 -4.05 8.37 -7.41
C THR B 161 -2.61 8.38 -7.92
N ILE B 162 -2.47 8.42 -9.24
CA ILE B 162 -1.23 8.04 -9.90
C ILE B 162 -0.68 9.30 -10.56
N PRO B 163 0.57 9.69 -10.31
CA PRO B 163 1.16 10.76 -11.10
C PRO B 163 1.27 10.28 -12.53
N VAL B 164 0.91 11.15 -13.46
CA VAL B 164 0.81 10.80 -14.86
C VAL B 164 1.51 11.88 -15.65
N ASP B 165 2.41 11.47 -16.54
CA ASP B 165 3.03 12.40 -17.49
C ASP B 165 1.97 13.32 -18.07
N GLY B 166 2.20 14.63 -17.94
CA GLY B 166 1.42 15.63 -18.64
C GLY B 166 0.32 16.23 -17.79
N ASP B 167 -0.48 17.06 -18.46
CA ASP B 167 -1.60 17.76 -17.83
C ASP B 167 -2.75 16.78 -17.64
N TYR B 168 -2.61 15.93 -16.63
CA TYR B 168 -3.61 14.89 -16.38
C TYR B 168 -3.65 14.54 -14.90
N PHE B 169 -4.73 13.84 -14.55
CA PHE B 169 -4.98 13.37 -13.21
C PHE B 169 -5.59 11.99 -13.34
N THR B 170 -4.91 10.99 -12.83
CA THR B 170 -5.40 9.63 -12.95
C THR B 170 -5.61 9.01 -11.58
N PHE B 171 -6.67 8.21 -11.46
CA PHE B 171 -6.93 7.55 -10.20
C PHE B 171 -7.77 6.29 -10.41
N THR B 172 -7.78 5.48 -9.36
CA THR B 172 -8.23 4.11 -9.36
C THR B 172 -9.34 3.99 -8.34
N ARG B 173 -10.39 3.26 -8.68
CA ARG B 173 -11.38 2.87 -7.71
C ARG B 173 -11.60 1.37 -7.87
N HIS B 174 -11.55 0.63 -6.77
CA HIS B 174 -11.87 -0.79 -6.80
C HIS B 174 -13.38 -0.94 -6.68
N GLU B 175 -13.98 -1.76 -7.55
CA GLU B 175 -15.42 -1.93 -7.63
C GLU B 175 -15.79 -3.40 -7.74
N PRO B 176 -16.97 -3.79 -7.25
CA PRO B 176 -17.32 -5.21 -7.24
C PRO B 176 -17.43 -5.75 -8.65
N ILE B 177 -17.12 -7.05 -8.81
CA ILE B 177 -17.19 -7.70 -10.10
C ILE B 177 -18.62 -8.02 -10.48
N GLY B 178 -19.49 -8.27 -9.50
CA GLY B 178 -20.91 -8.54 -9.70
C GLY B 178 -21.37 -9.85 -9.08
N VAL B 179 -22.21 -10.57 -9.83
CA VAL B 179 -22.69 -11.88 -9.39
C VAL B 179 -21.52 -12.87 -9.38
N CYS B 180 -21.28 -13.48 -8.22
CA CYS B 180 -20.24 -14.52 -8.11
C CYS B 180 -20.88 -15.81 -7.68
N GLY B 181 -20.89 -16.79 -8.58
CA GLY B 181 -21.22 -18.15 -8.20
C GLY B 181 -20.05 -18.84 -7.52
N GLN B 182 -20.25 -19.35 -6.31
CA GLN B 182 -19.19 -19.98 -5.53
C GLN B 182 -19.56 -21.43 -5.25
N ILE B 183 -18.57 -22.33 -5.30
CA ILE B 183 -18.76 -23.76 -5.09
C ILE B 183 -17.79 -24.27 -4.02
N ILE B 184 -18.29 -25.03 -3.05
CA ILE B 184 -17.45 -25.33 -1.90
C ILE B 184 -17.47 -26.83 -1.60
N PRO B 185 -16.41 -27.36 -0.99
CA PRO B 185 -16.39 -28.79 -0.70
C PRO B 185 -17.02 -29.15 0.63
N TRP B 186 -16.74 -30.37 1.10
CA TRP B 186 -17.26 -30.80 2.37
C TRP B 186 -16.20 -30.92 3.46
N ASN B 187 -14.93 -30.66 3.16
CA ASN B 187 -13.89 -30.69 4.17
C ASN B 187 -14.30 -29.86 5.38
N PHE B 188 -14.51 -28.57 5.16
CA PHE B 188 -14.81 -27.63 6.23
C PHE B 188 -16.07 -26.87 5.82
N PRO B 189 -17.24 -27.54 5.86
CA PRO B 189 -18.46 -26.94 5.31
C PRO B 189 -18.71 -25.50 5.66
N LEU B 190 -18.86 -25.19 6.96
CA LEU B 190 -19.13 -23.81 7.33
C LEU B 190 -17.89 -22.93 7.11
N LEU B 191 -16.74 -23.35 7.67
CA LEU B 191 -15.52 -22.57 7.53
C LEU B 191 -15.29 -22.16 6.08
N MET B 192 -15.46 -23.11 5.15
CA MET B 192 -15.35 -22.86 3.72
C MET B 192 -16.44 -21.93 3.21
N PHE B 193 -17.59 -21.92 3.89
CA PHE B 193 -18.66 -20.96 3.58
C PHE B 193 -18.27 -19.56 4.03
N ALA B 194 -17.89 -19.41 5.31
CA ALA B 194 -17.38 -18.12 5.76
C ALA B 194 -16.28 -17.59 4.83
N TRP B 195 -15.17 -18.35 4.72
CA TRP B 195 -14.04 -17.91 3.91
C TRP B 195 -14.45 -17.55 2.50
N LYS B 196 -15.49 -18.17 1.95
CA LYS B 196 -15.85 -17.82 0.58
C LYS B 196 -16.70 -16.58 0.48
N ILE B 197 -17.56 -16.31 1.46
CA ILE B 197 -18.61 -15.31 1.28
C ILE B 197 -18.22 -13.97 1.87
N ALA B 198 -17.55 -13.99 3.04
CA ALA B 198 -17.18 -12.73 3.68
C ALA B 198 -16.39 -11.82 2.74
N PRO B 199 -15.27 -12.27 2.13
CA PRO B 199 -14.56 -11.34 1.24
C PRO B 199 -15.38 -10.95 0.01
N ALA B 200 -16.22 -11.86 -0.50
CA ALA B 200 -17.10 -11.50 -1.59
C ALA B 200 -18.02 -10.36 -1.17
N LEU B 201 -18.74 -10.54 -0.06
CA LEU B 201 -19.71 -9.55 0.41
C LEU B 201 -19.06 -8.22 0.75
N CYS B 202 -17.93 -8.29 1.48
CA CYS B 202 -17.15 -7.12 1.88
C CYS B 202 -16.88 -6.19 0.70
N CYS B 203 -16.57 -6.73 -0.47
CA CYS B 203 -16.39 -5.91 -1.66
C CYS B 203 -17.70 -5.47 -2.32
N GLY B 204 -18.86 -5.83 -1.78
CA GLY B 204 -20.08 -5.37 -2.37
C GLY B 204 -20.59 -6.20 -3.53
N ASN B 205 -20.28 -7.50 -3.53
CA ASN B 205 -20.85 -8.37 -4.55
C ASN B 205 -22.16 -9.00 -4.09
N THR B 206 -22.77 -9.77 -5.01
CA THR B 206 -23.78 -10.77 -4.69
C THR B 206 -23.26 -12.15 -5.12
N VAL B 207 -23.89 -13.20 -4.56
CA VAL B 207 -23.33 -14.54 -4.56
C VAL B 207 -24.40 -15.60 -4.91
N VAL B 208 -23.93 -16.70 -5.48
CA VAL B 208 -24.72 -17.92 -5.72
C VAL B 208 -23.84 -19.08 -5.23
N ILE B 209 -24.09 -19.56 -4.01
CA ILE B 209 -23.19 -20.50 -3.35
C ILE B 209 -23.85 -21.87 -3.23
N LYS B 210 -23.07 -22.90 -3.57
CA LYS B 210 -23.54 -24.29 -3.61
C LYS B 210 -22.71 -25.09 -2.62
N PRO B 211 -23.23 -25.41 -1.44
CA PRO B 211 -22.50 -26.29 -0.53
C PRO B 211 -22.35 -27.68 -1.12
N ALA B 212 -21.39 -28.44 -0.59
CA ALA B 212 -21.28 -29.84 -1.00
C ALA B 212 -22.61 -30.56 -0.74
N GLU B 213 -22.91 -31.53 -1.59
CA GLU B 213 -24.14 -32.30 -1.42
C GLU B 213 -24.11 -33.17 -0.16
N GLN B 214 -22.91 -33.56 0.29
CA GLN B 214 -22.78 -34.24 1.57
C GLN B 214 -23.26 -33.35 2.71
N THR B 215 -22.90 -32.07 2.69
CA THR B 215 -22.91 -31.25 3.91
C THR B 215 -23.54 -29.87 3.68
N PRO B 216 -24.79 -29.83 3.24
CA PRO B 216 -25.43 -28.55 2.99
C PRO B 216 -25.92 -27.87 4.25
N LEU B 217 -25.91 -28.56 5.39
CA LEU B 217 -26.86 -28.25 6.46
C LEU B 217 -26.47 -26.99 7.21
N SER B 218 -25.21 -26.90 7.61
CA SER B 218 -24.69 -25.67 8.18
C SER B 218 -24.88 -24.47 7.25
N ALA B 219 -24.66 -24.65 5.94
CA ALA B 219 -24.97 -23.59 4.99
C ALA B 219 -26.44 -23.19 5.06
N LEU B 220 -27.36 -24.15 4.89
CA LEU B 220 -28.77 -23.77 4.76
C LEU B 220 -29.27 -23.03 6.01
N TYR B 221 -28.68 -23.34 7.17
CA TYR B 221 -29.01 -22.58 8.36
C TYR B 221 -28.55 -21.14 8.21
N MET B 222 -27.31 -20.94 7.73
CA MET B 222 -26.81 -19.59 7.48
C MET B 222 -27.77 -18.74 6.64
N GLY B 223 -28.64 -19.35 5.84
CA GLY B 223 -29.64 -18.53 5.16
C GLY B 223 -30.58 -17.85 6.15
N ALA B 224 -31.01 -18.62 7.16
CA ALA B 224 -31.83 -18.07 8.23
C ALA B 224 -31.09 -16.99 8.99
N LEU B 225 -29.79 -17.18 9.21
CA LEU B 225 -29.01 -16.16 9.89
C LEU B 225 -28.85 -14.94 9.00
N ILE B 226 -28.71 -15.16 7.68
CA ILE B 226 -28.46 -14.06 6.74
C ILE B 226 -29.71 -13.21 6.57
N LYS B 227 -30.87 -13.84 6.47
CA LYS B 227 -32.12 -13.11 6.57
C LYS B 227 -32.20 -12.36 7.91
N GLU B 228 -31.73 -12.97 9.01
CA GLU B 228 -31.90 -12.33 10.31
C GLU B 228 -31.16 -11.01 10.37
N ALA B 229 -29.86 -11.02 10.14
CA ALA B 229 -29.07 -9.79 10.19
C ALA B 229 -29.59 -8.76 9.17
N GLY B 230 -30.25 -9.20 8.12
CA GLY B 230 -30.95 -8.26 7.28
C GLY B 230 -30.14 -7.82 6.09
N PHE B 231 -29.45 -8.76 5.45
CA PHE B 231 -28.92 -8.48 4.11
C PHE B 231 -30.09 -8.29 3.14
N PRO B 232 -29.98 -7.36 2.19
CA PRO B 232 -31.04 -7.18 1.17
C PRO B 232 -31.31 -8.49 0.46
N PRO B 233 -32.51 -8.69 -0.07
CA PRO B 233 -32.78 -9.94 -0.79
C PRO B 233 -31.89 -10.05 -2.03
N GLY B 234 -31.71 -11.29 -2.46
CA GLY B 234 -30.90 -11.58 -3.62
C GLY B 234 -29.41 -11.50 -3.43
N VAL B 235 -28.91 -10.86 -2.36
CA VAL B 235 -27.47 -10.71 -2.22
C VAL B 235 -26.79 -12.02 -1.83
N ILE B 236 -27.52 -12.98 -1.31
CA ILE B 236 -26.98 -14.29 -0.93
C ILE B 236 -28.05 -15.35 -1.25
N ASN B 237 -27.79 -16.18 -2.25
CA ASN B 237 -28.70 -17.29 -2.57
C ASN B 237 -27.94 -18.61 -2.56
N ILE B 238 -28.50 -19.61 -1.90
CA ILE B 238 -27.78 -20.83 -1.50
C ILE B 238 -28.45 -22.04 -2.13
N LEU B 239 -27.74 -22.74 -3.01
CA LEU B 239 -28.43 -23.82 -3.72
C LEU B 239 -27.80 -25.16 -3.41
N PRO B 240 -28.46 -26.03 -2.67
CA PRO B 240 -27.89 -27.35 -2.41
C PRO B 240 -28.21 -28.36 -3.50
N GLY B 241 -27.25 -29.23 -3.77
CA GLY B 241 -27.37 -30.18 -4.87
C GLY B 241 -26.00 -30.63 -5.35
N TYR B 242 -25.95 -30.98 -6.63
CA TYR B 242 -24.86 -31.77 -7.15
C TYR B 242 -24.06 -31.04 -8.20
N GLY B 243 -22.78 -31.38 -8.28
CA GLY B 243 -21.85 -30.90 -9.27
C GLY B 243 -22.33 -30.89 -10.71
N PRO B 244 -22.76 -32.05 -11.25
CA PRO B 244 -23.19 -32.10 -12.67
C PRO B 244 -24.44 -31.30 -12.95
N THR B 245 -25.34 -31.15 -11.97
CA THR B 245 -26.55 -30.36 -12.15
C THR B 245 -26.34 -28.92 -11.70
N ALA B 246 -26.46 -28.66 -10.40
CA ALA B 246 -26.43 -27.29 -9.92
C ALA B 246 -25.07 -26.64 -10.19
N GLY B 247 -23.99 -27.31 -9.78
CA GLY B 247 -22.66 -26.74 -9.99
C GLY B 247 -22.35 -26.45 -11.44
N ALA B 248 -22.68 -27.40 -12.32
CA ALA B 248 -22.45 -27.19 -13.75
C ALA B 248 -23.33 -26.07 -14.30
N ALA B 249 -24.57 -25.97 -13.81
CA ALA B 249 -25.45 -24.89 -14.22
C ALA B 249 -24.94 -23.52 -13.81
N ILE B 250 -23.94 -23.49 -12.92
CA ILE B 250 -23.38 -22.26 -12.39
C ILE B 250 -22.21 -21.85 -13.28
N ALA B 251 -21.19 -22.72 -13.32
CA ALA B 251 -19.96 -22.42 -14.04
C ALA B 251 -20.23 -21.98 -15.48
N SER B 252 -21.32 -22.47 -16.06
CA SER B 252 -21.65 -22.21 -17.44
C SER B 252 -22.59 -21.03 -17.60
N HIS B 253 -23.20 -20.57 -16.51
CA HIS B 253 -24.25 -19.58 -16.62
C HIS B 253 -23.77 -18.37 -17.39
N ILE B 254 -24.73 -17.69 -18.00
CA ILE B 254 -24.42 -16.50 -18.79
C ILE B 254 -24.51 -15.25 -17.94
N GLY B 255 -25.31 -15.26 -16.88
CA GLY B 255 -25.45 -14.16 -15.96
C GLY B 255 -24.53 -14.16 -14.75
N ILE B 256 -23.50 -15.00 -14.72
CA ILE B 256 -22.57 -15.08 -13.61
C ILE B 256 -21.21 -14.49 -14.04
N ASP B 257 -20.69 -13.55 -13.25
CA ASP B 257 -19.49 -12.81 -13.63
C ASP B 257 -18.21 -13.44 -13.14
N LYS B 258 -18.29 -14.38 -12.20
CA LYS B 258 -17.06 -14.93 -11.64
C LYS B 258 -17.36 -16.23 -10.92
N ILE B 259 -16.62 -17.29 -11.24
CA ILE B 259 -16.84 -18.61 -10.66
C ILE B 259 -15.70 -18.88 -9.70
N ALA B 260 -16.03 -19.32 -8.49
CA ALA B 260 -15.05 -19.50 -7.43
C ALA B 260 -15.18 -20.93 -6.90
N PHE B 261 -14.39 -21.84 -7.45
CA PHE B 261 -14.49 -23.25 -7.14
C PHE B 261 -13.38 -23.70 -6.20
N THR B 262 -13.67 -24.76 -5.43
CA THR B 262 -12.73 -25.35 -4.50
C THR B 262 -12.97 -26.86 -4.41
N GLY B 263 -11.94 -27.65 -4.69
CA GLY B 263 -12.03 -29.09 -4.51
C GLY B 263 -11.03 -29.84 -5.39
N SER B 264 -11.45 -31.00 -5.85
CA SER B 264 -10.56 -31.85 -6.64
C SER B 264 -10.14 -31.13 -7.92
N THR B 265 -8.84 -31.21 -8.24
CA THR B 265 -8.35 -30.60 -9.49
C THR B 265 -8.96 -31.25 -10.74
N GLU B 266 -9.67 -32.36 -10.59
CA GLU B 266 -10.38 -32.94 -11.71
C GLU B 266 -11.52 -32.03 -12.12
N VAL B 267 -12.54 -31.90 -11.25
CA VAL B 267 -13.66 -31.01 -11.55
C VAL B 267 -13.15 -29.60 -11.81
N GLY B 268 -12.11 -29.18 -11.09
CA GLY B 268 -11.42 -27.94 -11.38
C GLY B 268 -11.24 -27.70 -12.86
N LYS B 269 -10.48 -28.57 -13.53
CA LYS B 269 -10.23 -28.43 -14.96
C LYS B 269 -11.53 -28.28 -15.75
N LEU B 270 -12.56 -29.02 -15.35
CA LEU B 270 -13.84 -29.00 -16.05
C LEU B 270 -14.46 -27.62 -16.01
N ILE B 271 -14.37 -26.96 -14.84
CA ILE B 271 -15.02 -25.68 -14.63
C ILE B 271 -14.30 -24.54 -15.35
N GLN B 272 -12.97 -24.65 -15.54
CA GLN B 272 -12.25 -23.65 -16.33
C GLN B 272 -12.61 -23.73 -17.82
N GLU B 273 -12.87 -24.95 -18.32
CA GLU B 273 -13.36 -25.10 -19.68
C GLU B 273 -14.83 -24.72 -19.78
N ALA B 274 -15.64 -25.10 -18.81
CA ALA B 274 -17.04 -24.69 -18.80
C ALA B 274 -17.23 -23.16 -18.49
N ALA B 275 -16.16 -22.39 -18.58
CA ALA B 275 -16.18 -20.95 -18.41
C ALA B 275 -15.37 -20.25 -19.48
N GLY B 276 -14.78 -21.02 -20.41
CA GLY B 276 -14.31 -20.47 -21.66
C GLY B 276 -15.49 -20.42 -22.62
N ARG B 277 -16.20 -21.56 -22.75
CA ARG B 277 -17.36 -21.74 -23.63
C ARG B 277 -18.59 -20.95 -23.17
N SER B 278 -18.44 -20.07 -22.19
CA SER B 278 -19.58 -19.42 -21.54
C SER B 278 -19.10 -18.10 -20.94
N ASN B 279 -19.41 -17.01 -21.63
CA ASN B 279 -19.17 -15.61 -21.25
C ASN B 279 -17.76 -15.28 -20.71
N LEU B 280 -16.79 -16.20 -20.85
CA LEU B 280 -15.39 -15.93 -20.49
C LEU B 280 -15.24 -15.38 -19.08
N LYS B 281 -16.19 -15.73 -18.21
CA LYS B 281 -16.19 -15.24 -16.85
C LYS B 281 -14.86 -15.52 -16.14
N ARG B 282 -14.54 -14.68 -15.16
CA ARG B 282 -13.34 -14.91 -14.35
C ARG B 282 -13.49 -16.18 -13.51
N VAL B 283 -12.41 -16.96 -13.42
CA VAL B 283 -12.42 -18.26 -12.75
C VAL B 283 -11.41 -18.22 -11.60
N THR B 284 -11.75 -18.89 -10.50
CA THR B 284 -10.81 -19.07 -9.42
C THR B 284 -10.91 -20.50 -8.94
N LEU B 285 -9.77 -21.19 -8.88
CA LEU B 285 -9.73 -22.61 -8.62
C LEU B 285 -8.87 -22.85 -7.39
N GLU B 286 -9.46 -23.41 -6.36
CA GLU B 286 -8.75 -23.77 -5.14
C GLU B 286 -8.74 -25.30 -5.10
N LEU B 287 -7.70 -25.88 -5.69
CA LEU B 287 -7.62 -27.31 -5.89
C LEU B 287 -6.55 -27.92 -4.99
N GLY B 288 -6.76 -29.17 -4.61
CA GLY B 288 -5.86 -29.84 -3.69
C GLY B 288 -4.42 -29.80 -4.16
N GLY B 289 -3.54 -30.22 -3.26
CA GLY B 289 -2.12 -30.26 -3.58
C GLY B 289 -1.38 -30.98 -2.49
N LYS B 290 -0.08 -31.18 -2.74
CA LYS B 290 0.79 -31.94 -1.85
C LYS B 290 1.40 -31.04 -0.79
N SER B 291 1.32 -31.48 0.47
CA SER B 291 1.79 -30.71 1.62
C SER B 291 2.89 -31.47 2.34
N PRO B 292 4.14 -31.30 1.93
CA PRO B 292 5.23 -31.98 2.63
C PRO B 292 5.55 -31.35 3.98
N ASN B 293 5.99 -32.21 4.90
CA ASN B 293 6.59 -31.80 6.18
C ASN B 293 8.07 -32.12 6.15
N ILE B 294 8.87 -31.28 6.79
CA ILE B 294 10.30 -31.51 6.85
C ILE B 294 10.77 -31.33 8.30
N ILE B 295 11.05 -32.44 8.98
CA ILE B 295 11.54 -32.43 10.35
C ILE B 295 13.04 -32.66 10.32
N PHE B 296 13.80 -31.63 10.65
CA PHE B 296 15.24 -31.76 10.86
C PHE B 296 15.51 -32.27 12.26
N ALA B 297 16.64 -32.96 12.44
CA ALA B 297 16.90 -33.62 13.70
C ALA B 297 16.96 -32.65 14.87
N ASP B 298 17.38 -31.40 14.64
CA ASP B 298 17.65 -30.45 15.71
C ASP B 298 16.38 -29.93 16.38
N ALA B 299 15.21 -30.32 15.89
CA ALA B 299 13.95 -29.80 16.38
C ALA B 299 13.56 -30.48 17.69
N ASP B 300 12.59 -29.89 18.38
CA ASP B 300 12.01 -30.49 19.60
C ASP B 300 11.13 -31.66 19.18
N LEU B 301 11.63 -32.88 19.35
CA LEU B 301 10.91 -34.03 18.81
C LEU B 301 9.49 -34.13 19.37
N ASP B 302 9.29 -33.73 20.62
CA ASP B 302 7.97 -33.88 21.23
C ASP B 302 6.99 -32.88 20.63
N TYR B 303 7.44 -31.66 20.37
CA TYR B 303 6.66 -30.73 19.55
C TYR B 303 6.46 -31.32 18.16
N ALA B 304 7.56 -31.60 17.44
CA ALA B 304 7.46 -31.98 16.04
C ALA B 304 6.61 -33.24 15.84
N VAL B 305 6.78 -34.24 16.69
CA VAL B 305 6.00 -35.46 16.51
C VAL B 305 4.51 -35.14 16.56
N GLU B 306 4.12 -34.23 17.44
CA GLU B 306 2.69 -33.95 17.66
C GLU B 306 2.13 -33.03 16.59
N GLN B 307 2.83 -31.90 16.33
CA GLN B 307 2.42 -31.01 15.25
C GLN B 307 2.37 -31.73 13.90
N ALA B 308 3.23 -32.75 13.70
CA ALA B 308 3.15 -33.57 12.52
C ALA B 308 1.98 -34.55 12.58
N HIS B 309 1.69 -35.07 13.79
CA HIS B 309 0.51 -35.91 13.98
C HIS B 309 -0.77 -35.13 13.77
N GLN B 310 -0.86 -33.96 14.37
CA GLN B 310 -2.04 -33.11 14.18
C GLN B 310 -2.07 -32.55 12.77
N GLY B 311 -0.92 -32.46 12.10
CA GLY B 311 -0.90 -32.07 10.70
C GLY B 311 -1.51 -33.08 9.76
N VAL B 312 -1.49 -34.36 10.13
CA VAL B 312 -2.05 -35.43 9.29
C VAL B 312 -3.49 -35.76 9.68
N PHE B 313 -3.75 -36.02 10.97
CA PHE B 313 -5.00 -36.61 11.42
C PHE B 313 -6.10 -35.59 11.72
N PHE B 314 -5.77 -34.30 11.66
CA PHE B 314 -6.77 -33.27 11.96
C PHE B 314 -7.87 -33.30 10.92
N ASN B 315 -9.11 -33.15 11.38
CA ASN B 315 -10.28 -33.25 10.52
C ASN B 315 -10.34 -34.60 9.78
N GLN B 316 -9.82 -35.64 10.43
CA GLN B 316 -9.72 -37.01 9.88
C GLN B 316 -9.02 -37.05 8.52
N GLY B 317 -7.85 -36.42 8.45
CA GLY B 317 -7.04 -36.36 7.23
C GLY B 317 -7.63 -35.51 6.13
N GLN B 318 -8.85 -35.04 6.35
CA GLN B 318 -9.65 -34.40 5.31
C GLN B 318 -9.38 -32.90 5.35
N CYS B 319 -8.17 -32.54 4.93
CA CYS B 319 -7.74 -31.17 4.74
C CYS B 319 -7.70 -30.85 3.24
N CYS B 320 -7.66 -29.55 2.93
CA CYS B 320 -7.54 -29.14 1.53
C CYS B 320 -6.26 -29.67 0.90
N THR B 321 -5.16 -29.67 1.67
CA THR B 321 -3.91 -30.34 1.29
C THR B 321 -3.49 -31.16 2.51
N ALA B 322 -3.98 -32.39 2.60
CA ALA B 322 -3.61 -33.28 3.70
C ALA B 322 -2.10 -33.52 3.68
N GLY B 323 -1.41 -33.10 4.76
CA GLY B 323 0.02 -33.27 4.86
C GLY B 323 0.45 -34.72 4.92
N SER B 324 0.50 -35.38 3.76
CA SER B 324 0.69 -36.83 3.72
C SER B 324 2.15 -37.22 3.86
N ARG B 325 3.06 -36.48 3.22
CA ARG B 325 4.48 -36.80 3.27
C ARG B 325 5.15 -36.10 4.45
N ILE B 326 5.80 -36.89 5.30
CA ILE B 326 6.59 -36.39 6.43
C ILE B 326 8.02 -36.88 6.22
N PHE B 327 8.84 -36.05 5.60
CA PHE B 327 10.27 -36.30 5.58
C PHE B 327 10.87 -36.05 6.97
N VAL B 328 11.61 -37.03 7.47
CA VAL B 328 12.26 -36.94 8.77
C VAL B 328 13.73 -37.22 8.58
N GLU B 329 14.59 -36.36 9.11
CA GLU B 329 16.03 -36.59 8.97
C GLU B 329 16.43 -37.89 9.65
N GLU B 330 17.28 -38.66 8.96
CA GLU B 330 17.55 -40.05 9.35
C GLU B 330 17.93 -40.20 10.82
N SER B 331 18.76 -39.31 11.36
CA SER B 331 19.25 -39.44 12.73
C SER B 331 18.12 -39.59 13.76
N ILE B 332 16.95 -39.01 13.48
CA ILE B 332 15.81 -39.15 14.37
C ILE B 332 14.75 -40.06 13.81
N TYR B 333 14.97 -40.61 12.60
CA TYR B 333 13.91 -41.29 11.87
C TYR B 333 13.23 -42.37 12.71
N GLU B 334 14.02 -43.31 13.24
CA GLU B 334 13.44 -44.36 14.07
C GLU B 334 12.64 -43.78 15.24
N GLU B 335 13.29 -42.98 16.09
CA GLU B 335 12.64 -42.47 17.30
C GLU B 335 11.42 -41.64 16.97
N PHE B 336 11.42 -40.96 15.82
CA PHE B 336 10.24 -40.22 15.40
C PHE B 336 9.08 -41.17 15.12
N VAL B 337 9.31 -42.20 14.29
CA VAL B 337 8.23 -43.12 13.96
C VAL B 337 7.81 -43.92 15.17
N ARG B 338 8.73 -44.21 16.09
CA ARG B 338 8.37 -44.95 17.30
C ARG B 338 7.38 -44.14 18.12
N ARG B 339 7.68 -42.85 18.34
CA ARG B 339 6.77 -41.97 19.06
C ARG B 339 5.54 -41.66 18.23
N SER B 340 5.67 -41.66 16.90
CA SER B 340 4.53 -41.44 16.03
C SER B 340 3.51 -42.55 16.20
N VAL B 341 3.95 -43.79 16.05
CA VAL B 341 3.02 -44.93 16.16
C VAL B 341 2.35 -44.93 17.53
N GLU B 342 3.08 -44.55 18.57
CA GLU B 342 2.45 -44.48 19.89
C GLU B 342 1.38 -43.40 19.90
N ARG B 343 1.60 -42.30 19.17
CA ARG B 343 0.61 -41.23 19.13
C ARG B 343 -0.62 -41.65 18.34
N ALA B 344 -0.41 -42.34 17.21
CA ALA B 344 -1.53 -42.80 16.39
C ALA B 344 -2.28 -43.93 17.09
N LYS B 345 -1.58 -44.79 17.83
CA LYS B 345 -2.21 -45.91 18.51
C LYS B 345 -3.10 -45.46 19.64
N ARG B 346 -2.75 -44.37 20.32
CA ARG B 346 -3.51 -43.81 21.42
C ARG B 346 -4.51 -42.76 20.96
N ARG B 347 -4.74 -42.62 19.66
CA ARG B 347 -5.69 -41.61 19.18
C ARG B 347 -7.11 -42.18 19.22
N VAL B 348 -8.05 -41.38 19.74
CA VAL B 348 -9.38 -41.90 20.09
C VAL B 348 -10.33 -41.66 18.93
N VAL B 349 -10.56 -42.70 18.14
CA VAL B 349 -11.51 -42.60 17.04
C VAL B 349 -12.89 -42.95 17.60
N GLY B 350 -13.78 -41.95 17.66
CA GLY B 350 -15.09 -42.19 18.21
C GLY B 350 -16.25 -41.40 17.64
N SER B 351 -17.39 -41.49 18.32
CA SER B 351 -18.54 -40.68 17.99
C SER B 351 -18.18 -39.20 18.06
N PRO B 352 -18.62 -38.39 17.09
CA PRO B 352 -18.30 -36.96 17.14
C PRO B 352 -18.84 -36.28 18.38
N PHE B 353 -19.94 -36.75 18.96
CA PHE B 353 -20.57 -36.08 20.08
C PHE B 353 -20.00 -36.52 21.42
N ASP B 354 -19.06 -37.45 21.45
CA ASP B 354 -18.45 -37.86 22.71
C ASP B 354 -17.23 -37.00 22.96
N PRO B 355 -17.21 -36.20 24.02
CA PRO B 355 -16.18 -35.17 24.18
C PRO B 355 -14.75 -35.68 24.33
N THR B 356 -14.53 -37.00 24.42
CA THR B 356 -13.17 -37.51 24.40
C THR B 356 -12.67 -37.81 23.00
N THR B 357 -13.46 -37.53 21.96
CA THR B 357 -13.12 -37.99 20.61
C THR B 357 -12.15 -37.04 19.92
N GLU B 358 -11.09 -37.60 19.32
CA GLU B 358 -10.22 -36.84 18.43
C GLU B 358 -10.49 -37.05 16.96
N GLN B 359 -10.86 -38.26 16.54
CA GLN B 359 -11.00 -38.57 15.12
C GLN B 359 -12.42 -39.05 14.88
N GLY B 360 -13.07 -38.47 13.86
CA GLY B 360 -14.40 -38.86 13.47
C GLY B 360 -14.41 -39.80 12.28
N PRO B 361 -15.60 -40.03 11.72
CA PRO B 361 -15.69 -40.81 10.49
C PRO B 361 -15.25 -39.99 9.28
N GLN B 362 -14.94 -40.67 8.19
CA GLN B 362 -14.77 -39.94 6.94
C GLN B 362 -16.15 -39.66 6.35
N ILE B 363 -16.17 -38.90 5.26
CA ILE B 363 -17.39 -38.24 4.86
C ILE B 363 -18.40 -39.27 4.31
N ASP B 364 -17.95 -40.18 3.46
CA ASP B 364 -18.86 -41.16 2.89
C ASP B 364 -18.09 -42.38 2.43
N LYS B 365 -18.83 -43.41 2.00
CA LYS B 365 -18.18 -44.65 1.60
C LYS B 365 -17.19 -44.42 0.46
N LYS B 366 -17.57 -43.64 -0.54
CA LYS B 366 -16.65 -43.35 -1.63
C LYS B 366 -15.30 -42.88 -1.09
N GLN B 367 -15.30 -41.83 -0.28
CA GLN B 367 -14.06 -41.42 0.35
C GLN B 367 -13.46 -42.56 1.17
N TYR B 368 -14.32 -43.30 1.86
CA TYR B 368 -13.86 -44.34 2.79
C TYR B 368 -13.04 -45.40 2.05
N ASN B 369 -13.66 -46.13 1.12
CA ASN B 369 -12.88 -47.16 0.49
C ASN B 369 -11.84 -46.61 -0.48
N LYS B 370 -12.01 -45.39 -0.99
CA LYS B 370 -10.87 -44.77 -1.67
C LYS B 370 -9.65 -44.85 -0.79
N ILE B 371 -9.83 -44.57 0.51
CA ILE B 371 -8.76 -44.60 1.48
C ILE B 371 -8.30 -46.02 1.76
N LEU B 372 -9.25 -46.95 1.95
CA LEU B 372 -8.87 -48.34 2.23
C LEU B 372 -8.11 -48.95 1.07
N GLU B 373 -8.46 -48.56 -0.15
CA GLU B 373 -7.79 -49.07 -1.33
C GLU B 373 -6.38 -48.50 -1.43
N LEU B 374 -6.22 -47.24 -1.03
CA LEU B 374 -4.88 -46.67 -1.03
C LEU B 374 -4.01 -47.28 0.07
N ILE B 375 -4.58 -47.57 1.23
CA ILE B 375 -3.80 -48.24 2.27
C ILE B 375 -3.38 -49.61 1.78
N GLN B 376 -4.32 -50.35 1.17
CA GLN B 376 -3.99 -51.66 0.61
C GLN B 376 -2.99 -51.53 -0.53
N SER B 377 -2.95 -50.38 -1.20
CA SER B 377 -1.91 -50.10 -2.20
C SER B 377 -0.52 -50.11 -1.58
N GLY B 378 -0.24 -49.17 -0.68
CA GLY B 378 1.11 -49.06 -0.13
C GLY B 378 1.59 -50.31 0.60
N VAL B 379 0.68 -51.04 1.24
CA VAL B 379 1.09 -52.31 1.82
C VAL B 379 1.62 -53.23 0.73
N ALA B 380 0.99 -53.19 -0.44
CA ALA B 380 1.38 -54.04 -1.55
C ALA B 380 2.58 -53.47 -2.30
N GLU B 381 3.32 -52.53 -1.71
CA GLU B 381 4.46 -51.98 -2.44
C GLU B 381 5.68 -51.73 -1.56
N GLY B 382 5.74 -52.29 -0.34
CA GLY B 382 6.94 -52.26 0.44
C GLY B 382 6.91 -51.34 1.64
N ALA B 383 5.81 -50.66 1.90
CA ALA B 383 5.73 -49.74 3.03
C ALA B 383 5.33 -50.52 4.28
N LYS B 384 6.10 -50.36 5.36
CA LYS B 384 5.91 -51.15 6.58
C LYS B 384 4.77 -50.55 7.40
N LEU B 385 3.58 -51.15 7.30
CA LEU B 385 2.42 -50.63 8.01
C LEU B 385 2.59 -50.87 9.50
N GLU B 386 2.73 -49.78 10.25
CA GLU B 386 3.12 -49.88 11.65
C GLU B 386 1.93 -49.95 12.59
N CYS B 387 0.74 -49.59 12.11
CA CYS B 387 -0.53 -49.63 12.82
C CYS B 387 -1.58 -49.09 11.86
N GLY B 388 -2.84 -49.42 12.12
CA GLY B 388 -3.89 -49.02 11.19
C GLY B 388 -4.03 -50.00 10.03
N GLY B 389 -4.74 -49.56 8.99
CA GLY B 389 -4.84 -50.32 7.75
C GLY B 389 -6.23 -50.78 7.36
N LYS B 390 -7.20 -50.79 8.27
CA LYS B 390 -8.54 -51.27 7.98
C LYS B 390 -9.56 -50.34 8.60
N GLY B 391 -10.84 -50.59 8.34
CA GLY B 391 -11.91 -49.74 8.86
C GLY B 391 -12.02 -49.85 10.36
N LEU B 392 -13.11 -49.32 10.91
CA LEU B 392 -13.19 -49.43 12.37
C LEU B 392 -14.33 -50.34 12.81
N GLY B 393 -15.54 -49.80 12.82
CA GLY B 393 -16.70 -50.56 13.21
C GLY B 393 -17.37 -51.19 12.02
N ARG B 394 -18.63 -51.54 12.21
CA ARG B 394 -19.48 -51.97 11.12
C ARG B 394 -20.35 -50.85 10.59
N LYS B 395 -20.84 -49.98 11.45
CA LYS B 395 -21.65 -48.84 11.03
C LYS B 395 -20.78 -47.59 10.93
N GLY B 396 -21.08 -46.76 9.92
CA GLY B 396 -20.29 -45.55 9.67
C GLY B 396 -19.09 -45.73 8.74
N PHE B 397 -18.27 -44.70 8.71
CA PHE B 397 -17.09 -44.71 7.86
C PHE B 397 -15.87 -44.33 8.70
N PHE B 398 -15.58 -45.13 9.73
CA PHE B 398 -14.40 -44.91 10.57
C PHE B 398 -13.24 -45.78 10.10
N ILE B 399 -12.04 -45.24 10.22
CA ILE B 399 -10.84 -45.92 9.74
C ILE B 399 -9.76 -45.75 10.80
N GLU B 400 -9.14 -46.87 11.18
CA GLU B 400 -8.03 -46.85 12.12
C GLU B 400 -6.98 -45.83 11.68
N PRO B 401 -6.50 -44.98 12.58
CA PRO B 401 -5.34 -44.14 12.26
C PRO B 401 -4.15 -45.01 11.89
N THR B 402 -3.74 -44.92 10.64
CA THR B 402 -2.64 -45.73 10.13
C THR B 402 -1.37 -44.89 9.95
N VAL B 403 -0.22 -45.59 10.00
CA VAL B 403 1.10 -44.99 9.85
C VAL B 403 1.97 -45.93 9.05
N PHE B 404 2.64 -45.42 8.03
CA PHE B 404 3.51 -46.21 7.17
C PHE B 404 4.97 -45.81 7.37
N SER B 405 5.87 -46.81 7.41
CA SER B 405 7.31 -46.66 7.47
C SER B 405 7.92 -46.70 6.07
N ASN B 406 9.25 -46.52 6.01
CA ASN B 406 10.05 -46.89 4.85
C ASN B 406 9.40 -46.56 3.52
N VAL B 407 8.72 -45.44 3.46
CA VAL B 407 8.01 -45.05 2.27
C VAL B 407 9.01 -44.42 1.31
N THR B 408 8.84 -44.66 0.02
CA THR B 408 9.74 -44.11 -0.98
C THR B 408 8.96 -43.25 -1.95
N ASP B 409 9.65 -42.26 -2.55
CA ASP B 409 9.01 -41.36 -3.50
C ASP B 409 8.45 -42.09 -4.72
N ASP B 410 8.85 -43.36 -4.92
CA ASP B 410 8.31 -44.14 -6.01
C ASP B 410 6.92 -44.66 -5.70
N MET B 411 6.69 -45.13 -4.46
CA MET B 411 5.43 -45.75 -4.09
C MET B 411 4.24 -44.88 -4.46
N ARG B 412 3.16 -45.53 -4.83
CA ARG B 412 1.98 -44.78 -5.26
C ARG B 412 1.39 -43.97 -4.11
N ILE B 413 1.29 -44.57 -2.92
CA ILE B 413 0.76 -43.83 -1.77
C ILE B 413 1.60 -42.59 -1.48
N ALA B 414 2.88 -42.62 -1.82
CA ALA B 414 3.71 -41.44 -1.65
C ALA B 414 3.56 -40.46 -2.81
N LYS B 415 3.20 -40.94 -4.00
CA LYS B 415 3.10 -40.07 -5.17
C LYS B 415 1.73 -39.43 -5.32
N GLU B 416 0.70 -40.04 -4.73
CA GLU B 416 -0.69 -39.60 -4.87
C GLU B 416 -1.26 -39.26 -3.50
N GLU B 417 -2.14 -38.28 -3.50
CA GLU B 417 -2.59 -37.67 -2.26
C GLU B 417 -3.63 -38.54 -1.57
N ILE B 418 -3.46 -38.69 -0.27
CA ILE B 418 -4.46 -39.30 0.60
C ILE B 418 -5.32 -38.20 1.19
N PHE B 419 -6.61 -38.47 1.31
CA PHE B 419 -7.51 -37.51 1.93
C PHE B 419 -8.05 -38.05 3.26
N GLY B 420 -7.20 -38.74 4.01
CA GLY B 420 -7.64 -39.37 5.24
C GLY B 420 -6.55 -39.63 6.25
N PRO B 421 -6.88 -40.40 7.31
CA PRO B 421 -5.95 -40.70 8.42
C PRO B 421 -4.87 -41.71 8.06
N VAL B 422 -3.94 -41.32 7.20
CA VAL B 422 -2.76 -42.13 6.96
C VAL B 422 -1.57 -41.18 6.95
N GLN B 423 -0.62 -41.45 7.82
CA GLN B 423 0.62 -40.69 7.94
C GLN B 423 1.70 -41.53 7.26
N GLU B 424 2.44 -40.92 6.34
CA GLU B 424 3.51 -41.59 5.59
C GLU B 424 4.82 -40.91 5.94
N ILE B 425 5.74 -41.66 6.53
CA ILE B 425 6.99 -41.12 7.04
C ILE B 425 8.12 -41.56 6.11
N LEU B 426 8.94 -40.60 5.69
CA LEU B 426 10.06 -40.85 4.81
C LEU B 426 11.38 -40.55 5.52
N ARG B 427 12.46 -41.11 5.01
CA ARG B 427 13.80 -40.75 5.46
C ARG B 427 14.41 -39.71 4.53
N PHE B 428 15.37 -38.95 5.05
CA PHE B 428 16.23 -38.12 4.21
C PHE B 428 17.59 -37.93 4.88
N LYS B 429 18.61 -37.69 4.06
CA LYS B 429 19.99 -37.55 4.51
C LYS B 429 20.39 -36.09 4.67
N THR B 430 20.36 -35.35 3.56
CA THR B 430 20.89 -34.00 3.44
C THR B 430 19.77 -32.99 3.31
N MET B 431 20.11 -31.70 3.44
CA MET B 431 19.09 -30.67 3.26
C MET B 431 18.68 -30.53 1.81
N ASP B 432 19.66 -30.43 0.90
CA ASP B 432 19.30 -30.20 -0.50
C ASP B 432 18.60 -31.41 -1.11
N GLU B 433 18.89 -32.61 -0.62
CA GLU B 433 18.08 -33.77 -0.98
C GLU B 433 16.61 -33.47 -0.72
N VAL B 434 16.27 -33.24 0.56
CA VAL B 434 14.86 -33.10 0.94
C VAL B 434 14.23 -31.92 0.24
N ILE B 435 14.97 -30.82 0.06
CA ILE B 435 14.39 -29.71 -0.68
C ILE B 435 14.02 -30.14 -2.08
N GLU B 436 14.98 -30.74 -2.81
CA GLU B 436 14.71 -31.23 -4.16
C GLU B 436 13.52 -32.20 -4.18
N ARG B 437 13.42 -33.06 -3.16
CA ARG B 437 12.36 -34.05 -3.14
C ARG B 437 11.00 -33.43 -2.94
N ALA B 438 10.89 -32.39 -2.12
CA ALA B 438 9.60 -31.96 -1.59
C ALA B 438 8.80 -31.14 -2.58
N ASN B 439 9.46 -30.21 -3.27
CA ASN B 439 8.78 -29.47 -4.30
C ASN B 439 8.77 -30.21 -5.63
N ASN B 440 8.89 -31.54 -5.58
CA ASN B 440 8.68 -32.39 -6.75
C ASN B 440 7.19 -32.72 -6.89
N SER B 441 6.38 -31.67 -7.03
CA SER B 441 4.95 -31.79 -7.22
C SER B 441 4.56 -31.21 -8.58
N ASP B 442 3.41 -31.66 -9.07
CA ASP B 442 2.84 -31.18 -10.33
C ASP B 442 2.56 -29.69 -10.26
N PHE B 443 1.57 -29.30 -9.45
CA PHE B 443 1.24 -27.89 -9.30
C PHE B 443 1.34 -27.47 -7.84
N GLY B 444 0.21 -27.54 -7.14
CA GLY B 444 0.13 -26.96 -5.81
C GLY B 444 1.11 -27.58 -4.84
N LEU B 445 1.54 -26.76 -3.87
CA LEU B 445 2.38 -27.24 -2.79
C LEU B 445 2.32 -26.24 -1.64
N VAL B 446 2.45 -26.78 -0.43
CA VAL B 446 2.47 -26.05 0.82
C VAL B 446 3.45 -26.80 1.70
N ALA B 447 4.22 -26.09 2.52
CA ALA B 447 5.32 -26.76 3.17
C ALA B 447 5.45 -26.33 4.63
N ALA B 448 6.02 -27.21 5.45
CA ALA B 448 6.26 -26.90 6.86
C ALA B 448 7.62 -27.46 7.26
N VAL B 449 8.46 -26.64 7.89
CA VAL B 449 9.77 -27.07 8.37
C VAL B 449 9.78 -27.03 9.89
N PHE B 450 10.43 -28.02 10.48
CA PHE B 450 10.58 -28.13 11.92
C PHE B 450 12.06 -28.21 12.20
N THR B 451 12.60 -27.14 12.79
CA THR B 451 14.02 -26.99 12.99
C THR B 451 14.23 -25.82 13.90
N ASN B 452 15.37 -25.82 14.58
CA ASN B 452 15.84 -24.64 15.30
C ASN B 452 16.96 -23.92 14.56
N ASP B 453 17.62 -24.58 13.60
CA ASP B 453 18.68 -23.97 12.82
C ASP B 453 18.08 -22.90 11.93
N ILE B 454 18.39 -21.63 12.22
CA ILE B 454 17.73 -20.54 11.52
C ILE B 454 18.12 -20.52 10.06
N ASN B 455 19.39 -20.86 9.77
CA ASN B 455 19.84 -20.90 8.38
C ASN B 455 19.08 -21.96 7.60
N LYS B 456 18.95 -23.17 8.16
CA LYS B 456 18.17 -24.23 7.54
C LYS B 456 16.73 -23.76 7.26
N ALA B 457 16.07 -23.21 8.27
CA ALA B 457 14.73 -22.68 8.06
C ALA B 457 14.70 -21.67 6.93
N LEU B 458 15.72 -20.81 6.87
CA LEU B 458 15.80 -19.79 5.84
C LEU B 458 15.93 -20.42 4.45
N THR B 459 16.95 -21.27 4.26
CA THR B 459 17.17 -21.83 2.93
C THR B 459 15.96 -22.66 2.48
N VAL B 460 15.39 -23.46 3.37
CA VAL B 460 14.29 -24.32 2.96
C VAL B 460 13.06 -23.49 2.59
N SER B 461 12.73 -22.49 3.41
CA SER B 461 11.48 -21.77 3.15
C SER B 461 11.54 -21.04 1.82
N SER B 462 12.71 -20.56 1.42
CA SER B 462 12.83 -19.91 0.12
C SER B 462 12.84 -20.92 -1.01
N ALA B 463 13.73 -21.93 -0.95
CA ALA B 463 13.85 -22.91 -2.02
C ALA B 463 12.61 -23.80 -2.18
N MET B 464 11.60 -23.60 -1.34
CA MET B 464 10.35 -24.34 -1.45
C MET B 464 9.48 -23.75 -2.55
N GLN B 465 9.10 -24.56 -3.52
CA GLN B 465 8.13 -24.10 -4.49
C GLN B 465 6.72 -24.05 -3.89
N ALA B 466 6.58 -23.46 -2.71
CA ALA B 466 5.29 -23.44 -2.05
C ALA B 466 4.62 -22.08 -2.22
N GLY B 467 3.39 -22.00 -1.74
CA GLY B 467 2.66 -20.75 -1.71
C GLY B 467 2.41 -20.33 -0.28
N THR B 468 2.46 -21.31 0.63
CA THR B 468 2.47 -21.07 2.07
C THR B 468 3.51 -21.97 2.70
N VAL B 469 4.34 -21.39 3.57
CA VAL B 469 5.41 -22.13 4.24
C VAL B 469 5.35 -21.83 5.74
N TRP B 470 5.27 -22.88 6.56
CA TRP B 470 5.22 -22.73 8.01
C TRP B 470 6.56 -23.12 8.59
N ILE B 471 7.07 -22.31 9.52
CA ILE B 471 8.24 -22.67 10.31
C ILE B 471 7.78 -23.00 11.73
N ASN B 472 8.14 -24.19 12.20
CA ASN B 472 7.92 -24.65 13.57
C ASN B 472 6.43 -24.64 13.97
N CYS B 473 5.58 -25.11 13.06
CA CYS B 473 4.13 -25.27 13.27
C CYS B 473 3.54 -25.89 12.00
N TYR B 474 2.24 -26.21 12.06
CA TYR B 474 1.38 -26.40 10.88
C TYR B 474 0.21 -25.46 11.08
N GLY B 496 -5.03 -12.51 3.47
CA GLY B 496 -6.29 -11.88 3.84
C GLY B 496 -6.81 -10.83 2.88
N GLU B 497 -6.17 -9.65 2.92
CA GLU B 497 -6.25 -8.67 1.84
C GLU B 497 -5.70 -9.23 0.53
N PHE B 498 -4.99 -10.34 0.57
CA PHE B 498 -4.77 -11.16 -0.60
C PHE B 498 -5.96 -12.09 -0.90
N GLY B 499 -7.15 -11.66 -0.45
CA GLY B 499 -8.43 -12.29 -0.65
C GLY B 499 -9.46 -11.26 -1.09
N LEU B 500 -9.06 -9.99 -1.08
CA LEU B 500 -9.93 -8.87 -1.42
C LEU B 500 -9.86 -8.50 -2.89
N ARG B 501 -8.65 -8.23 -3.41
CA ARG B 501 -8.50 -7.72 -4.79
C ARG B 501 -9.24 -8.60 -5.78
N GLU B 502 -9.40 -9.84 -5.40
CA GLU B 502 -9.98 -10.89 -6.21
C GLU B 502 -11.50 -10.76 -6.34
N TYR B 503 -12.14 -10.01 -5.45
CA TYR B 503 -13.56 -9.74 -5.57
C TYR B 503 -13.84 -8.30 -5.97
N SER B 504 -12.80 -7.57 -6.39
CA SER B 504 -12.94 -6.24 -6.99
C SER B 504 -12.24 -6.20 -8.33
N GLU B 505 -12.65 -5.26 -9.16
CA GLU B 505 -11.85 -4.83 -10.30
C GLU B 505 -11.56 -3.34 -10.19
N VAL B 506 -10.40 -2.95 -10.71
CA VAL B 506 -9.97 -1.56 -10.71
C VAL B 506 -10.61 -0.83 -11.89
N LYS B 507 -11.39 0.22 -11.60
CA LYS B 507 -11.80 1.19 -12.62
C LYS B 507 -10.82 2.36 -12.62
N THR B 508 -10.33 2.74 -13.80
CA THR B 508 -9.39 3.84 -13.95
C THR B 508 -10.08 5.05 -14.55
N VAL B 509 -9.90 6.21 -13.93
CA VAL B 509 -10.41 7.46 -14.48
C VAL B 509 -9.23 8.41 -14.69
N THR B 510 -9.16 9.02 -15.87
CA THR B 510 -8.16 10.03 -16.16
C THR B 510 -8.85 11.31 -16.56
N VAL B 511 -8.63 12.38 -15.78
CA VAL B 511 -9.22 13.68 -16.03
C VAL B 511 -8.16 14.58 -16.63
N LYS B 512 -8.51 15.32 -17.67
CA LYS B 512 -7.58 16.30 -18.20
C LYS B 512 -7.67 17.55 -17.35
N ILE B 513 -6.52 18.14 -17.07
CA ILE B 513 -6.45 19.32 -16.21
C ILE B 513 -5.86 20.46 -17.04
N PRO B 514 -6.12 21.71 -16.66
CA PRO B 514 -5.54 22.84 -17.41
C PRO B 514 -4.03 22.96 -17.30
N GLN B 515 -3.45 22.77 -16.11
CA GLN B 515 -2.00 22.91 -15.94
C GLN B 515 -1.58 22.26 -14.63
N LYS B 516 -0.78 21.21 -14.73
CA LYS B 516 -0.36 20.42 -13.58
C LYS B 516 0.81 21.06 -12.86
N ASN B 517 0.67 21.27 -11.55
CA ASN B 517 1.78 21.56 -10.65
C ASN B 517 1.88 20.45 -9.63
N SER B 518 3.05 20.29 -9.02
CA SER B 518 3.25 19.20 -8.06
C SER B 518 2.59 19.57 -6.73
N LEU C 26 42.65 -1.95 -7.14
CA LEU C 26 43.02 -1.49 -8.48
C LEU C 26 42.77 -0.01 -8.75
N PRO C 27 41.60 0.53 -8.41
CA PRO C 27 41.34 1.93 -8.75
C PRO C 27 42.22 2.82 -7.90
N SER C 28 42.79 3.82 -8.54
CA SER C 28 43.83 4.55 -7.85
C SER C 28 43.39 5.98 -7.62
N PRO C 29 43.75 6.57 -6.49
CA PRO C 29 43.35 7.95 -6.20
C PRO C 29 43.71 8.88 -7.35
N THR C 30 42.82 9.82 -7.60
CA THR C 30 43.05 10.89 -8.55
C THR C 30 44.36 11.61 -8.21
N PRO C 31 45.32 11.67 -9.14
CA PRO C 31 46.59 12.32 -8.83
C PRO C 31 46.49 13.82 -9.03
N ASN C 32 47.32 14.54 -8.27
CA ASN C 32 47.38 16.01 -8.33
C ASN C 32 45.98 16.60 -8.20
N LEU C 33 45.18 16.02 -7.31
CA LEU C 33 43.80 16.44 -7.19
C LEU C 33 43.74 17.91 -6.80
N GLU C 34 43.02 18.67 -7.62
CA GLU C 34 42.74 20.09 -7.40
C GLU C 34 41.39 20.22 -6.70
N ILE C 35 41.26 21.24 -5.84
CA ILE C 35 39.95 21.49 -5.23
C ILE C 35 39.28 22.66 -5.95
N LYS C 36 38.64 22.38 -7.09
CA LYS C 36 38.07 23.44 -7.93
C LYS C 36 36.85 24.11 -7.29
N TYR C 37 36.14 23.43 -6.39
CA TYR C 37 34.82 23.88 -5.95
C TYR C 37 34.88 24.23 -4.47
N THR C 38 34.88 25.54 -4.19
CA THR C 38 35.06 26.05 -2.84
C THR C 38 34.17 27.26 -2.54
N LYS C 39 33.34 27.69 -3.50
CA LYS C 39 32.42 28.79 -3.27
C LYS C 39 31.13 28.27 -2.62
N ILE C 40 30.12 29.13 -2.58
CA ILE C 40 28.82 28.81 -2.02
C ILE C 40 27.85 28.55 -3.16
N PHE C 41 27.02 27.54 -3.01
CA PHE C 41 26.11 27.12 -4.07
C PHE C 41 24.72 27.69 -3.81
N ILE C 42 24.35 28.71 -4.55
CA ILE C 42 22.99 29.22 -4.54
C ILE C 42 22.58 29.47 -5.99
N ASN C 43 21.34 29.10 -6.33
CA ASN C 43 20.77 29.43 -7.66
C ASN C 43 21.69 29.01 -8.81
N ASN C 44 22.51 27.98 -8.56
CA ASN C 44 23.46 27.40 -9.51
C ASN C 44 24.60 28.34 -9.85
N GLU C 45 24.78 29.40 -9.08
CA GLU C 45 25.99 30.22 -9.15
C GLU C 45 26.89 29.88 -7.96
N TRP C 46 28.17 29.66 -8.23
CA TRP C 46 29.17 29.69 -7.17
C TRP C 46 29.31 31.12 -6.66
N GLN C 47 29.40 31.27 -5.34
CA GLN C 47 29.29 32.59 -4.76
C GLN C 47 30.22 32.72 -3.57
N ASN C 48 30.59 33.97 -3.28
CA ASN C 48 31.42 34.28 -2.14
C ASN C 48 30.55 34.67 -0.97
N SER C 49 31.11 34.52 0.23
CA SER C 49 30.43 34.93 1.45
C SER C 49 29.95 36.38 1.33
N GLU C 50 28.77 36.65 1.89
CA GLU C 50 28.29 38.03 1.94
C GLU C 50 29.16 38.88 2.86
N SER C 51 30.00 38.24 3.68
CA SER C 51 30.94 38.91 4.55
C SER C 51 32.36 38.84 4.03
N GLY C 52 32.58 38.24 2.86
CA GLY C 52 33.91 37.98 2.33
C GLY C 52 34.67 36.85 2.99
N ARG C 53 34.24 36.39 4.16
CA ARG C 53 35.02 35.47 5.00
C ARG C 53 35.08 34.06 4.41
N VAL C 54 36.13 33.32 4.80
CA VAL C 54 36.33 31.92 4.47
C VAL C 54 36.65 31.17 5.76
N PHE C 55 36.87 29.86 5.63
CA PHE C 55 37.18 29.00 6.78
C PHE C 55 38.06 27.86 6.30
N PRO C 56 38.88 27.29 7.17
CA PRO C 56 39.81 26.25 6.74
C PRO C 56 39.20 24.87 6.74
N VAL C 57 39.73 24.02 5.86
CA VAL C 57 39.42 22.60 5.87
C VAL C 57 40.73 21.83 5.86
N TYR C 58 40.76 20.71 6.53
CA TYR C 58 42.01 20.05 6.82
C TYR C 58 41.94 18.57 6.48
N ASN C 59 43.10 18.00 6.22
CA ASN C 59 43.32 16.61 5.86
C ASN C 59 43.65 15.85 7.13
N PRO C 60 42.71 15.11 7.70
CA PRO C 60 42.96 14.41 8.98
C PRO C 60 44.15 13.48 8.95
N ALA C 61 44.60 13.05 7.78
CA ALA C 61 45.74 12.16 7.70
C ALA C 61 47.05 12.91 7.92
N THR C 62 47.22 14.05 7.25
CA THR C 62 48.47 14.78 7.31
C THR C 62 48.41 15.99 8.22
N GLY C 63 47.34 16.16 8.97
CA GLY C 63 47.08 17.39 9.69
C GLY C 63 47.12 18.65 8.85
N GLU C 64 47.42 18.57 7.56
CA GLU C 64 47.68 19.77 6.77
C GLU C 64 46.37 20.42 6.32
N GLN C 65 46.35 21.75 6.34
CA GLN C 65 45.24 22.47 5.73
C GLN C 65 45.22 22.21 4.23
N VAL C 66 44.04 21.91 3.69
CA VAL C 66 43.92 21.49 2.30
C VAL C 66 43.45 22.64 1.41
N CYS C 67 42.63 23.54 1.95
CA CYS C 67 42.08 24.67 1.20
C CYS C 67 41.29 25.55 2.16
N GLU C 68 40.57 26.53 1.60
CA GLU C 68 39.75 27.47 2.36
C GLU C 68 38.43 27.68 1.62
N VAL C 69 37.32 27.59 2.36
CA VAL C 69 35.95 27.55 1.83
C VAL C 69 35.17 28.78 2.28
N GLN C 70 34.39 29.37 1.35
CA GLN C 70 33.49 30.48 1.66
C GLN C 70 32.56 30.15 2.82
N GLU C 71 32.88 30.64 4.02
CA GLU C 71 31.98 30.47 5.16
C GLU C 71 30.63 31.12 4.89
N ALA C 72 29.57 30.45 5.33
CA ALA C 72 28.21 30.94 5.20
C ALA C 72 27.66 31.37 6.55
N ASP C 73 26.73 32.32 6.52
CA ASP C 73 26.12 32.85 7.74
C ASP C 73 24.70 33.27 7.41
N LYS C 74 24.01 33.76 8.44
CA LYS C 74 22.57 34.08 8.39
C LYS C 74 22.11 34.76 7.11
N ALA C 75 22.95 35.61 6.50
CA ALA C 75 22.54 36.29 5.27
C ALA C 75 22.77 35.43 4.04
N ASP C 76 23.86 34.66 4.00
CA ASP C 76 24.01 33.65 2.96
C ASP C 76 22.83 32.69 2.95
N ILE C 77 22.39 32.29 4.15
CA ILE C 77 21.23 31.41 4.30
C ILE C 77 20.01 32.03 3.65
N ASP C 78 19.73 33.30 3.98
CA ASP C 78 18.59 33.98 3.36
C ASP C 78 18.69 33.97 1.85
N LYS C 79 19.87 34.26 1.31
CA LYS C 79 20.05 34.17 -0.14
C LYS C 79 19.51 32.85 -0.67
N ALA C 80 19.94 31.75 -0.06
CA ALA C 80 19.57 30.43 -0.57
C ALA C 80 18.13 30.08 -0.25
N VAL C 81 17.54 30.63 0.82
CA VAL C 81 16.12 30.41 1.06
C VAL C 81 15.27 31.13 0.02
N GLN C 82 15.70 32.31 -0.43
CA GLN C 82 14.94 33.01 -1.45
C GLN C 82 15.08 32.31 -2.80
N ALA C 83 16.29 31.83 -3.11
CA ALA C 83 16.47 30.97 -4.27
C ALA C 83 15.50 29.81 -4.24
N ALA C 84 15.53 29.06 -3.14
CA ALA C 84 14.79 27.83 -2.96
C ALA C 84 13.30 28.05 -2.79
N ARG C 85 12.87 29.27 -2.51
CA ARG C 85 11.43 29.51 -2.47
C ARG C 85 10.89 29.92 -3.82
N LEU C 86 11.69 30.61 -4.64
CA LEU C 86 11.21 30.97 -5.96
C LEU C 86 11.20 29.77 -6.91
N ALA C 87 12.15 28.84 -6.74
CA ALA C 87 12.22 27.63 -7.57
C ALA C 87 11.16 26.62 -7.18
N PHE C 88 10.58 26.77 -6.00
CA PHE C 88 9.45 25.95 -5.60
C PHE C 88 8.12 26.64 -5.90
N SER C 89 8.13 27.89 -6.35
CA SER C 89 6.91 28.61 -6.65
C SER C 89 6.07 27.85 -7.69
N LEU C 90 4.83 28.30 -7.88
CA LEU C 90 3.83 27.48 -8.58
C LEU C 90 4.16 27.29 -10.07
N GLY C 91 4.44 28.37 -10.79
CA GLY C 91 4.71 28.17 -12.20
C GLY C 91 6.02 27.46 -12.49
N SER C 92 6.83 27.25 -11.46
CA SER C 92 8.26 26.95 -11.62
C SER C 92 8.47 25.78 -12.55
N VAL C 93 9.64 25.78 -13.19
CA VAL C 93 10.06 24.63 -13.97
C VAL C 93 10.08 23.38 -13.10
N TRP C 94 10.70 23.48 -11.92
CA TRP C 94 10.77 22.32 -11.02
C TRP C 94 9.41 21.90 -10.49
N ARG C 95 8.42 22.79 -10.50
CA ARG C 95 7.07 22.40 -10.09
C ARG C 95 6.24 21.84 -11.24
N ARG C 96 6.36 22.41 -12.43
CA ARG C 96 5.57 21.90 -13.55
C ARG C 96 6.06 20.54 -13.97
N MET C 97 7.38 20.31 -13.91
CA MET C 97 8.04 19.09 -14.33
C MET C 97 7.18 17.84 -14.09
N ASP C 98 7.28 16.90 -15.03
CA ASP C 98 6.78 15.57 -14.78
C ASP C 98 7.54 14.91 -13.64
N ALA C 99 6.83 14.26 -12.73
CA ALA C 99 7.48 13.51 -11.68
C ALA C 99 8.45 12.48 -12.27
N SER C 100 8.13 11.99 -13.47
CA SER C 100 9.02 11.08 -14.18
C SER C 100 10.31 11.75 -14.58
N GLU C 101 10.26 13.06 -14.79
CA GLU C 101 11.44 13.84 -15.12
C GLU C 101 12.23 14.25 -13.88
N ARG C 102 11.55 14.51 -12.75
CA ARG C 102 12.25 14.60 -11.47
C ARG C 102 13.19 13.43 -11.30
N GLY C 103 12.71 12.24 -11.65
CA GLY C 103 13.54 11.07 -11.52
C GLY C 103 14.62 10.96 -12.59
N ARG C 104 14.35 11.48 -13.80
CA ARG C 104 15.41 11.48 -14.82
C ARG C 104 16.64 12.25 -14.33
N LEU C 105 16.41 13.40 -13.68
CA LEU C 105 17.54 14.17 -13.19
C LEU C 105 18.25 13.46 -12.06
N LEU C 106 17.51 12.76 -11.22
CA LEU C 106 18.19 11.97 -10.23
C LEU C 106 19.01 10.86 -10.89
N ASP C 107 18.60 10.39 -12.07
CA ASP C 107 19.40 9.37 -12.71
C ASP C 107 20.60 9.97 -13.44
N LYS C 108 20.41 11.13 -14.08
CA LYS C 108 21.52 11.81 -14.73
C LYS C 108 22.62 12.16 -13.74
N LEU C 109 22.25 12.51 -12.51
CA LEU C 109 23.25 12.83 -11.49
C LEU C 109 23.96 11.57 -11.05
N ALA C 110 23.22 10.48 -10.94
CA ALA C 110 23.84 9.19 -10.67
C ALA C 110 24.85 8.84 -11.75
N ASP C 111 24.53 9.15 -13.01
CA ASP C 111 25.49 9.03 -14.10
C ASP C 111 26.77 9.77 -13.78
N LEU C 112 26.63 11.06 -13.46
CA LEU C 112 27.81 11.89 -13.27
C LEU C 112 28.62 11.38 -12.10
N VAL C 113 27.96 11.05 -10.99
CA VAL C 113 28.69 10.51 -9.85
C VAL C 113 29.48 9.28 -10.29
N GLU C 114 28.81 8.34 -10.94
CA GLU C 114 29.48 7.14 -11.44
C GLU C 114 30.69 7.51 -12.31
N ARG C 115 30.55 8.56 -13.13
CA ARG C 115 31.65 8.98 -13.98
C ARG C 115 32.83 9.40 -13.13
N ASP C 116 32.58 10.33 -12.19
CA ASP C 116 33.59 10.91 -11.32
C ASP C 116 33.75 10.12 -10.02
N ARG C 117 33.43 8.83 -10.03
CA ARG C 117 33.51 8.01 -8.82
C ARG C 117 34.92 7.97 -8.27
N ALA C 118 35.93 8.11 -9.13
CA ALA C 118 37.30 8.15 -8.65
C ALA C 118 37.62 9.49 -7.99
N VAL C 119 37.14 10.60 -8.57
CA VAL C 119 37.41 11.92 -8.01
C VAL C 119 36.67 12.11 -6.70
N LEU C 120 35.39 11.70 -6.66
CA LEU C 120 34.62 11.81 -5.43
C LEU C 120 35.25 11.02 -4.29
N ALA C 121 35.61 9.75 -4.55
CA ALA C 121 36.20 8.91 -3.51
C ALA C 121 37.56 9.44 -3.08
N THR C 122 38.29 10.08 -3.98
CA THR C 122 39.51 10.74 -3.57
C THR C 122 39.19 11.90 -2.63
N MET C 123 38.28 12.78 -3.06
CA MET C 123 37.92 13.95 -2.25
C MET C 123 37.45 13.52 -0.86
N GLU C 124 36.56 12.52 -0.81
CA GLU C 124 36.09 12.02 0.48
C GLU C 124 37.21 11.46 1.34
N SER C 125 38.21 10.86 0.69
CA SER C 125 39.28 10.20 1.42
C SER C 125 40.28 11.18 1.99
N LEU C 126 40.55 12.27 1.27
CA LEU C 126 41.42 13.33 1.74
C LEU C 126 40.73 14.10 2.85
N ASN C 127 39.71 14.86 2.46
CA ASN C 127 39.01 15.78 3.36
C ASN C 127 38.29 15.05 4.48
N GLY C 128 38.03 13.75 4.33
CA GLY C 128 37.33 13.00 5.35
C GLY C 128 38.21 12.01 6.08
N GLY C 129 39.20 11.45 5.41
CA GLY C 129 40.11 10.54 6.07
C GLY C 129 39.80 9.06 5.93
N LYS C 130 38.74 8.70 5.22
CA LYS C 130 38.46 7.29 5.01
C LYS C 130 39.39 6.72 3.94
N PRO C 131 39.83 5.46 4.07
CA PRO C 131 40.71 4.89 3.04
C PRO C 131 40.06 4.97 1.66
N PHE C 132 40.89 5.18 0.63
CA PHE C 132 40.34 5.49 -0.69
C PHE C 132 39.58 4.31 -1.26
N LEU C 133 40.19 3.13 -1.26
CA LEU C 133 39.50 1.94 -1.74
C LEU C 133 38.14 1.79 -1.08
N GLN C 134 38.06 2.02 0.23
CA GLN C 134 36.79 1.87 0.93
C GLN C 134 35.81 2.96 0.54
N ALA C 135 36.30 4.18 0.30
CA ALA C 135 35.44 5.23 -0.20
C ALA C 135 34.98 4.94 -1.63
N PHE C 136 35.73 4.12 -2.36
CA PHE C 136 35.37 3.80 -3.73
C PHE C 136 34.39 2.63 -3.81
N TYR C 137 34.55 1.64 -2.94
CA TYR C 137 33.83 0.39 -3.07
C TYR C 137 32.68 0.25 -2.09
N VAL C 138 32.42 1.25 -1.24
CA VAL C 138 31.33 1.19 -0.27
C VAL C 138 30.57 2.51 -0.30
N ASP C 139 31.17 3.55 0.26
CA ASP C 139 30.61 4.90 0.25
C ASP C 139 30.06 5.29 -1.10
N LEU C 140 30.96 5.43 -2.08
CA LEU C 140 30.57 5.85 -3.42
C LEU C 140 29.53 4.90 -4.00
N GLN C 141 29.68 3.59 -3.75
CA GLN C 141 28.67 2.64 -4.23
C GLN C 141 27.31 2.92 -3.61
N GLY C 142 27.29 3.34 -2.34
CA GLY C 142 26.04 3.81 -1.75
C GLY C 142 25.48 5.03 -2.45
N VAL C 143 26.31 6.06 -2.65
CA VAL C 143 25.87 7.28 -3.35
C VAL C 143 25.14 6.92 -4.65
N ILE C 144 25.80 6.17 -5.51
CA ILE C 144 25.22 5.94 -6.83
C ILE C 144 23.96 5.09 -6.70
N LYS C 145 23.99 4.09 -5.81
CA LYS C 145 22.82 3.24 -5.67
C LYS C 145 21.64 4.05 -5.16
N THR C 146 21.91 5.04 -4.29
CA THR C 146 20.85 5.87 -3.74
C THR C 146 20.16 6.68 -4.81
N PHE C 147 20.93 7.38 -5.64
CA PHE C 147 20.29 8.24 -6.62
C PHE C 147 19.51 7.42 -7.64
N ARG C 148 20.00 6.25 -8.01
CA ARG C 148 19.20 5.43 -8.90
C ARG C 148 17.97 4.88 -8.21
N TYR C 149 18.06 4.59 -6.92
CA TYR C 149 16.89 4.07 -6.22
C TYR C 149 15.76 5.08 -6.24
N TYR C 150 16.04 6.30 -5.75
CA TYR C 150 15.01 7.34 -5.66
C TYR C 150 14.65 7.97 -7.00
N ALA C 151 15.52 7.89 -8.02
CA ALA C 151 15.08 8.18 -9.36
C ALA C 151 13.92 7.27 -9.74
N GLY C 152 13.96 6.02 -9.28
CA GLY C 152 12.85 5.13 -9.55
C GLY C 152 11.60 5.41 -8.74
N TRP C 153 11.73 6.14 -7.64
CA TRP C 153 10.56 6.41 -6.81
C TRP C 153 9.76 7.63 -7.26
N ALA C 154 10.39 8.65 -7.89
CA ALA C 154 9.70 9.92 -8.10
C ALA C 154 8.44 9.75 -8.94
N ASP C 155 8.38 8.66 -9.70
CA ASP C 155 7.28 8.27 -10.55
C ASP C 155 6.12 7.64 -9.79
N LYS C 156 6.42 7.05 -8.64
CA LYS C 156 5.59 6.03 -8.04
C LYS C 156 4.99 6.47 -6.70
N ILE C 157 5.10 7.75 -6.37
CA ILE C 157 4.53 8.29 -5.14
C ILE C 157 3.01 8.39 -5.38
N HIS C 158 2.23 7.42 -4.88
CA HIS C 158 0.80 7.40 -5.14
C HIS C 158 -0.01 7.86 -3.94
N GLY C 159 -1.12 8.53 -4.22
CA GLY C 159 -2.13 8.83 -3.24
C GLY C 159 -3.15 7.73 -3.25
N MET C 160 -4.21 7.91 -2.47
CA MET C 160 -5.23 6.89 -2.44
C MET C 160 -6.63 7.47 -2.58
N THR C 161 -7.56 6.66 -3.11
CA THR C 161 -8.99 6.98 -3.08
C THR C 161 -9.66 6.20 -1.95
N ILE C 162 -10.45 6.92 -1.14
CA ILE C 162 -11.10 6.43 0.07
C ILE C 162 -12.60 6.40 -0.16
N PRO C 163 -13.28 5.27 0.03
CA PRO C 163 -14.75 5.31 0.07
C PRO C 163 -15.21 5.98 1.37
N VAL C 164 -16.23 6.84 1.28
CA VAL C 164 -16.71 7.55 2.45
C VAL C 164 -18.21 7.42 2.53
N ASP C 165 -18.74 7.56 3.76
CA ASP C 165 -20.18 7.55 3.90
C ASP C 165 -20.73 8.78 3.20
N GLY C 166 -21.81 8.61 2.47
CA GLY C 166 -22.40 9.71 1.74
C GLY C 166 -22.10 9.68 0.26
N ASP C 167 -22.72 10.63 -0.42
CA ASP C 167 -22.52 10.85 -1.85
C ASP C 167 -21.30 11.74 -2.03
N TYR C 168 -20.13 11.12 -1.90
CA TYR C 168 -18.88 11.86 -1.94
C TYR C 168 -17.83 10.99 -2.59
N PHE C 169 -16.86 11.64 -3.23
CA PHE C 169 -15.69 10.95 -3.72
C PHE C 169 -14.48 11.63 -3.09
N THR C 170 -13.59 10.83 -2.47
CA THR C 170 -12.47 11.39 -1.72
C THR C 170 -11.18 10.72 -2.15
N PHE C 171 -10.18 11.53 -2.47
CA PHE C 171 -8.87 11.02 -2.80
C PHE C 171 -7.81 11.90 -2.16
N THR C 172 -6.59 11.39 -2.14
CA THR C 172 -5.46 12.11 -1.59
C THR C 172 -4.39 12.28 -2.66
N ARG C 173 -3.64 13.38 -2.54
CA ARG C 173 -2.42 13.59 -3.30
C ARG C 173 -1.26 13.70 -2.34
N HIS C 174 -0.10 13.19 -2.74
CA HIS C 174 1.16 13.36 -1.99
C HIS C 174 1.98 14.49 -2.61
N GLU C 175 1.96 15.63 -1.97
CA GLU C 175 2.55 16.80 -2.57
C GLU C 175 3.75 17.28 -1.77
N PRO C 176 4.77 17.83 -2.44
CA PRO C 176 6.01 18.16 -1.75
C PRO C 176 5.74 19.14 -0.61
N ILE C 177 6.56 19.04 0.45
CA ILE C 177 6.43 19.97 1.57
C ILE C 177 6.96 21.34 1.18
N GLY C 178 8.13 21.37 0.54
CA GLY C 178 8.69 22.61 -0.02
C GLY C 178 10.16 22.85 0.24
N VAL C 179 10.46 24.01 0.83
CA VAL C 179 11.84 24.38 1.15
C VAL C 179 12.29 23.60 2.38
N CYS C 180 13.26 22.71 2.20
CA CYS C 180 13.74 21.82 3.24
C CYS C 180 15.17 22.18 3.56
N GLY C 181 15.38 22.74 4.75
CA GLY C 181 16.73 22.88 5.28
C GLY C 181 17.23 21.54 5.78
N GLN C 182 18.40 21.13 5.32
CA GLN C 182 19.02 19.89 5.76
C GLN C 182 20.43 20.17 6.26
N ILE C 183 20.78 19.49 7.36
CA ILE C 183 22.01 19.69 8.09
C ILE C 183 22.58 18.29 8.32
N ILE C 184 23.67 17.96 7.65
CA ILE C 184 24.25 16.62 7.67
C ILE C 184 25.58 16.70 8.43
N PRO C 185 26.09 15.62 8.99
CA PRO C 185 27.39 15.69 9.68
C PRO C 185 28.58 15.22 8.83
N TRP C 186 29.69 14.87 9.49
CA TRP C 186 30.96 14.56 8.83
C TRP C 186 31.26 13.06 8.71
N ASN C 187 30.42 12.19 9.32
CA ASN C 187 30.73 10.75 9.37
C ASN C 187 30.82 10.15 7.98
N PHE C 188 29.82 10.41 7.13
CA PHE C 188 29.82 9.94 5.75
C PHE C 188 29.41 11.15 4.91
N PRO C 189 30.36 12.00 4.53
CA PRO C 189 29.97 13.32 3.99
C PRO C 189 29.12 13.24 2.73
N LEU C 190 29.54 12.43 1.76
CA LEU C 190 28.86 12.35 0.47
C LEU C 190 27.64 11.47 0.56
N LEU C 191 27.76 10.37 1.29
CA LEU C 191 26.64 9.47 1.52
C LEU C 191 25.48 10.20 2.19
N MET C 192 25.74 10.76 3.39
CA MET C 192 24.73 11.53 4.09
C MET C 192 24.15 12.64 3.21
N PHE C 193 24.97 13.18 2.30
CA PHE C 193 24.48 14.19 1.35
C PHE C 193 23.49 13.58 0.37
N ALA C 194 23.82 12.39 -0.16
CA ALA C 194 22.91 11.67 -1.07
C ALA C 194 21.70 11.10 -0.35
N TRP C 195 21.82 10.71 0.92
CA TRP C 195 20.71 10.06 1.61
C TRP C 195 19.64 11.06 1.99
N LYS C 196 20.02 12.32 2.17
CA LYS C 196 19.11 13.41 2.52
C LYS C 196 18.53 14.09 1.29
N ILE C 197 19.37 14.33 0.28
CA ILE C 197 18.98 15.11 -0.89
C ILE C 197 18.07 14.31 -1.81
N ALA C 198 18.39 13.04 -2.04
CA ALA C 198 17.64 12.30 -3.06
C ALA C 198 16.18 12.13 -2.68
N PRO C 199 15.81 11.76 -1.44
CA PRO C 199 14.37 11.55 -1.17
C PRO C 199 13.57 12.83 -1.28
N ALA C 200 14.10 13.95 -0.76
CA ALA C 200 13.43 15.24 -0.82
C ALA C 200 13.28 15.74 -2.26
N LEU C 201 14.32 15.58 -3.07
CA LEU C 201 14.18 15.91 -4.48
C LEU C 201 13.13 15.04 -5.15
N CYS C 202 13.21 13.73 -4.95
CA CYS C 202 12.29 12.86 -5.68
C CYS C 202 10.84 13.10 -5.25
N CYS C 203 10.60 13.85 -4.18
CA CYS C 203 9.26 14.24 -3.80
C CYS C 203 8.86 15.62 -4.31
N GLY C 204 9.75 16.32 -5.00
CA GLY C 204 9.43 17.64 -5.54
C GLY C 204 9.81 18.81 -4.66
N ASN C 205 10.73 18.63 -3.71
CA ASN C 205 11.08 19.70 -2.79
C ASN C 205 12.18 20.56 -3.38
N THR C 206 12.55 21.60 -2.64
CA THR C 206 13.79 22.30 -2.90
C THR C 206 14.60 22.30 -1.61
N VAL C 207 15.93 22.30 -1.75
CA VAL C 207 16.80 21.99 -0.62
C VAL C 207 17.73 23.17 -0.31
N VAL C 208 17.93 23.41 1.00
CA VAL C 208 19.03 24.20 1.55
C VAL C 208 19.81 23.24 2.44
N ILE C 209 20.94 22.74 1.98
CA ILE C 209 21.68 21.71 2.70
C ILE C 209 23.03 22.30 3.13
N LYS C 210 23.35 22.17 4.43
CA LYS C 210 24.65 22.61 4.95
C LYS C 210 25.51 21.41 5.34
N PRO C 211 26.58 21.14 4.61
CA PRO C 211 27.44 20.00 4.93
C PRO C 211 28.30 20.34 6.13
N ALA C 212 28.90 19.30 6.72
CA ALA C 212 29.72 19.52 7.91
C ALA C 212 30.79 20.58 7.63
N GLU C 213 31.06 21.43 8.62
CA GLU C 213 32.18 22.35 8.48
C GLU C 213 33.48 21.58 8.26
N GLN C 214 33.59 20.38 8.86
CA GLN C 214 34.76 19.54 8.67
C GLN C 214 34.89 19.07 7.24
N THR C 215 33.78 18.63 6.63
CA THR C 215 33.83 17.84 5.40
C THR C 215 32.87 18.39 4.33
N PRO C 216 33.12 19.60 3.82
CA PRO C 216 32.24 20.19 2.81
C PRO C 216 32.69 20.09 1.35
N LEU C 217 33.83 19.47 1.06
CA LEU C 217 34.33 19.53 -0.31
C LEU C 217 33.59 18.55 -1.22
N SER C 218 33.22 17.39 -0.68
CA SER C 218 32.44 16.41 -1.44
C SER C 218 31.09 16.99 -1.81
N ALA C 219 30.46 17.72 -0.88
CA ALA C 219 29.13 18.26 -1.12
C ALA C 219 29.19 19.49 -2.01
N LEU C 220 30.31 20.23 -1.99
CA LEU C 220 30.45 21.33 -2.93
C LEU C 220 30.66 20.80 -4.35
N TYR C 221 31.46 19.74 -4.51
CA TYR C 221 31.67 19.14 -5.82
C TYR C 221 30.39 18.53 -6.39
N MET C 222 29.44 18.19 -5.53
CA MET C 222 28.15 17.74 -6.02
C MET C 222 27.38 18.87 -6.71
N GLY C 223 27.45 20.09 -6.16
CA GLY C 223 26.84 21.22 -6.83
C GLY C 223 27.20 21.28 -8.30
N ALA C 224 28.48 21.06 -8.61
CA ALA C 224 28.93 21.13 -9.99
C ALA C 224 28.31 20.02 -10.82
N LEU C 225 28.15 18.84 -10.24
CA LEU C 225 27.44 17.79 -10.94
C LEU C 225 25.95 18.09 -11.01
N ILE C 226 25.40 18.81 -10.03
CA ILE C 226 23.99 19.15 -10.11
C ILE C 226 23.76 20.14 -11.22
N LYS C 227 24.64 21.14 -11.33
CA LYS C 227 24.51 22.06 -12.45
C LYS C 227 24.61 21.30 -13.77
N GLU C 228 25.52 20.34 -13.84
CA GLU C 228 25.73 19.62 -15.09
C GLU C 228 24.57 18.68 -15.41
N ALA C 229 23.94 18.09 -14.41
CA ALA C 229 22.72 17.35 -14.69
C ALA C 229 21.61 18.31 -15.10
N GLY C 230 21.68 19.55 -14.63
CA GLY C 230 20.69 20.54 -15.06
C GLY C 230 19.44 20.58 -14.20
N PHE C 231 19.60 20.47 -12.91
CA PHE C 231 18.52 20.86 -12.03
C PHE C 231 18.23 22.35 -12.22
N PRO C 232 16.97 22.77 -12.18
CA PRO C 232 16.67 24.23 -12.20
C PRO C 232 17.38 24.92 -11.05
N PRO C 233 18.00 26.08 -11.29
CA PRO C 233 18.65 26.81 -10.19
C PRO C 233 17.72 27.00 -8.99
N GLY C 234 18.31 26.94 -7.78
CA GLY C 234 17.55 27.08 -6.56
C GLY C 234 16.89 25.81 -6.08
N VAL C 235 16.92 24.72 -6.86
CA VAL C 235 16.31 23.50 -6.38
C VAL C 235 17.23 22.78 -5.40
N ILE C 236 18.54 23.00 -5.48
CA ILE C 236 19.45 22.62 -4.40
C ILE C 236 20.45 23.76 -4.17
N ASN C 237 20.75 24.01 -2.89
CA ASN C 237 21.65 25.09 -2.50
C ASN C 237 22.52 24.62 -1.35
N ILE C 238 23.84 24.64 -1.56
CA ILE C 238 24.82 24.14 -0.59
C ILE C 238 25.48 25.32 0.10
N LEU C 239 25.44 25.33 1.44
CA LEU C 239 25.96 26.43 2.25
C LEU C 239 26.91 25.86 3.28
N PRO C 240 28.21 25.81 3.01
CA PRO C 240 29.17 25.36 4.03
C PRO C 240 29.46 26.41 5.08
N GLY C 241 29.59 25.94 6.31
CA GLY C 241 29.79 26.84 7.43
C GLY C 241 29.75 26.02 8.71
N TYR C 242 29.45 26.71 9.81
CA TYR C 242 29.41 26.08 11.12
C TYR C 242 27.98 25.89 11.60
N GLY C 243 27.83 25.05 12.63
CA GLY C 243 26.56 24.87 13.28
C GLY C 243 26.02 26.16 13.83
N PRO C 244 26.79 26.83 14.69
CA PRO C 244 26.29 28.07 15.33
C PRO C 244 25.89 29.16 14.36
N THR C 245 26.59 29.29 13.24
CA THR C 245 26.25 30.32 12.25
C THR C 245 25.20 29.79 11.27
N ALA C 246 25.64 28.95 10.33
CA ALA C 246 24.76 28.49 9.26
C ALA C 246 23.75 27.47 9.76
N GLY C 247 24.15 26.57 10.66
CA GLY C 247 23.22 25.62 11.24
C GLY C 247 22.00 26.26 11.87
N ALA C 248 22.18 27.07 12.91
CA ALA C 248 21.05 27.69 13.58
C ALA C 248 20.32 28.66 12.66
N ALA C 249 21.03 29.23 11.69
CA ALA C 249 20.39 30.17 10.76
C ALA C 249 19.30 29.48 9.96
N ILE C 250 19.58 28.25 9.49
CA ILE C 250 18.58 27.43 8.79
C ILE C 250 17.47 27.03 9.75
N ALA C 251 17.82 26.75 11.00
CA ALA C 251 16.86 26.20 11.96
C ALA C 251 15.75 27.20 12.27
N SER C 252 16.09 28.48 12.39
CA SER C 252 15.13 29.50 12.78
C SER C 252 14.53 30.25 11.58
N HIS C 253 15.11 30.09 10.40
CA HIS C 253 14.71 30.92 9.26
C HIS C 253 13.27 30.64 8.89
N ILE C 254 12.52 31.71 8.60
CA ILE C 254 11.06 31.59 8.59
C ILE C 254 10.52 31.02 7.27
N GLY C 255 11.28 31.08 6.18
CA GLY C 255 10.79 30.55 4.92
C GLY C 255 11.31 29.16 4.61
N ILE C 256 11.52 28.36 5.65
CA ILE C 256 11.98 26.98 5.54
C ILE C 256 10.90 26.10 6.16
N ASP C 257 10.21 25.31 5.34
CA ASP C 257 9.03 24.60 5.81
C ASP C 257 9.36 23.35 6.63
N LYS C 258 10.57 22.80 6.51
CA LYS C 258 10.97 21.60 7.24
C LYS C 258 12.49 21.60 7.39
N ILE C 259 12.96 21.04 8.51
CA ILE C 259 14.38 20.95 8.77
C ILE C 259 14.71 19.53 9.15
N ALA C 260 15.87 19.06 8.72
CA ALA C 260 16.27 17.66 8.84
C ALA C 260 17.74 17.65 9.23
N PHE C 261 18.03 17.16 10.44
CA PHE C 261 19.31 17.33 11.07
C PHE C 261 19.83 15.98 11.51
N THR C 262 21.10 15.71 11.27
CA THR C 262 21.77 14.55 11.84
C THR C 262 22.99 15.01 12.62
N GLY C 263 23.21 14.39 13.78
CA GLY C 263 24.36 14.71 14.60
C GLY C 263 24.03 14.56 16.09
N SER C 264 24.67 15.44 16.87
CA SER C 264 24.64 15.37 18.34
C SER C 264 23.22 15.47 18.89
N THR C 265 22.96 14.71 19.97
CA THR C 265 21.65 14.73 20.62
C THR C 265 21.37 16.09 21.27
N GLU C 266 22.42 16.76 21.73
CA GLU C 266 22.22 18.09 22.31
C GLU C 266 21.88 19.12 21.24
N VAL C 267 22.64 19.12 20.14
CA VAL C 267 22.40 20.09 19.07
C VAL C 267 20.98 19.95 18.53
N GLY C 268 20.48 18.72 18.49
CA GLY C 268 19.13 18.48 17.98
C GLY C 268 18.03 18.98 18.91
N LYS C 269 18.18 18.76 20.23
CA LYS C 269 17.25 19.39 21.18
C LYS C 269 17.22 20.90 21.01
N LEU C 270 18.39 21.52 20.74
CA LEU C 270 18.46 22.94 20.46
C LEU C 270 17.64 23.29 19.22
N ILE C 271 17.78 22.47 18.18
CA ILE C 271 17.05 22.73 16.95
C ILE C 271 15.54 22.65 17.19
N GLN C 272 15.09 21.63 17.94
CA GLN C 272 13.65 21.50 18.20
C GLN C 272 13.09 22.75 18.87
N GLU C 273 13.87 23.38 19.74
CA GLU C 273 13.43 24.63 20.33
C GLU C 273 13.48 25.76 19.31
N ALA C 274 14.60 25.86 18.57
CA ALA C 274 14.72 26.89 17.54
C ALA C 274 13.55 26.83 16.57
N ALA C 275 12.96 25.66 16.41
CA ALA C 275 11.90 25.42 15.44
C ALA C 275 10.50 25.64 15.99
N GLY C 276 10.28 25.40 17.29
CA GLY C 276 9.03 25.85 17.88
C GLY C 276 8.98 27.35 18.01
N ARG C 277 10.11 27.97 18.36
CA ARG C 277 10.13 29.40 18.64
C ARG C 277 9.90 30.20 17.37
N SER C 278 10.35 29.69 16.23
CA SER C 278 10.15 30.39 14.97
C SER C 278 9.49 29.42 13.99
N ASN C 279 8.34 29.82 13.45
CA ASN C 279 7.78 29.23 12.23
C ASN C 279 7.02 27.93 12.47
N LEU C 280 7.34 27.21 13.55
CA LEU C 280 6.82 25.87 13.78
C LEU C 280 6.94 25.04 12.49
N LYS C 281 8.19 24.79 12.14
CA LYS C 281 8.50 23.93 11.02
C LYS C 281 8.42 22.46 11.44
N ARG C 282 8.18 21.59 10.45
CA ARG C 282 8.41 20.18 10.67
C ARG C 282 9.89 19.97 10.95
N VAL C 283 10.21 19.07 11.90
CA VAL C 283 11.59 18.90 12.37
C VAL C 283 11.92 17.42 12.45
N THR C 284 13.11 17.07 11.98
CA THR C 284 13.54 15.68 11.96
C THR C 284 14.93 15.59 12.56
N LEU C 285 15.12 14.71 13.54
CA LEU C 285 16.38 14.61 14.28
C LEU C 285 16.91 13.18 14.22
N GLU C 286 17.76 12.90 13.23
CA GLU C 286 18.62 11.72 13.24
C GLU C 286 19.69 11.93 14.29
N LEU C 287 19.66 11.15 15.37
CA LEU C 287 20.57 11.34 16.50
C LEU C 287 21.18 9.99 16.88
N GLY C 288 22.45 10.01 17.26
CA GLY C 288 23.21 8.79 17.45
C GLY C 288 22.69 7.96 18.63
N GLY C 289 23.51 6.98 19.00
CA GLY C 289 23.19 6.14 20.14
C GLY C 289 24.10 4.93 20.18
N LYS C 290 23.92 4.14 21.22
CA LYS C 290 24.64 2.88 21.30
C LYS C 290 24.01 1.87 20.36
N SER C 291 24.79 0.85 19.99
CA SER C 291 24.29 -0.24 19.16
C SER C 291 24.79 -1.54 19.78
N PRO C 292 24.04 -2.10 20.72
CA PRO C 292 24.46 -3.36 21.33
C PRO C 292 24.62 -4.45 20.29
N ASN C 293 25.68 -5.23 20.42
CA ASN C 293 25.89 -6.45 19.63
C ASN C 293 25.82 -7.61 20.59
N ILE C 294 24.85 -8.49 20.40
CA ILE C 294 24.78 -9.70 21.19
C ILE C 294 25.25 -10.83 20.28
N ILE C 295 26.28 -11.54 20.74
CA ILE C 295 26.86 -12.66 20.01
C ILE C 295 26.64 -13.89 20.89
N PHE C 296 25.53 -14.57 20.68
CA PHE C 296 25.26 -15.80 21.40
C PHE C 296 26.28 -16.87 21.00
N ALA C 297 26.44 -17.86 21.89
CA ALA C 297 27.54 -18.81 21.75
C ALA C 297 27.42 -19.68 20.50
N ASP C 298 26.19 -19.99 20.06
CA ASP C 298 26.02 -20.87 18.91
C ASP C 298 26.65 -20.32 17.64
N ALA C 299 26.83 -19.00 17.53
CA ALA C 299 27.31 -18.32 16.34
C ALA C 299 28.58 -18.94 15.75
N ASP C 300 28.92 -18.58 14.52
CA ASP C 300 30.16 -19.00 13.89
C ASP C 300 31.24 -18.00 14.25
N LEU C 301 32.14 -18.39 15.15
CA LEU C 301 32.99 -17.42 15.84
C LEU C 301 33.92 -16.69 14.87
N ASP C 302 34.43 -17.40 13.85
CA ASP C 302 35.22 -16.71 12.83
C ASP C 302 34.42 -15.57 12.21
N TYR C 303 33.15 -15.84 11.90
CA TYR C 303 32.29 -14.80 11.33
C TYR C 303 31.98 -13.71 12.34
N ALA C 304 31.68 -14.08 13.59
CA ALA C 304 31.20 -13.08 14.55
C ALA C 304 32.33 -12.17 15.02
N VAL C 305 33.50 -12.75 15.34
CA VAL C 305 34.67 -11.92 15.66
C VAL C 305 34.92 -10.92 14.56
N GLU C 306 34.62 -11.31 13.31
CA GLU C 306 34.85 -10.45 12.16
C GLU C 306 33.74 -9.41 11.99
N GLN C 307 32.49 -9.87 11.90
CA GLN C 307 31.38 -8.95 11.74
C GLN C 307 31.24 -8.00 12.92
N ALA C 308 31.75 -8.38 14.10
CA ALA C 308 31.75 -7.47 15.23
C ALA C 308 32.99 -6.59 15.28
N HIS C 309 34.04 -6.96 14.55
CA HIS C 309 35.20 -6.09 14.43
C HIS C 309 35.00 -5.04 13.34
N GLN C 310 34.41 -5.43 12.21
CA GLN C 310 34.10 -4.46 11.17
C GLN C 310 32.99 -3.53 11.61
N GLY C 311 32.06 -4.01 12.43
CA GLY C 311 30.99 -3.15 12.92
C GLY C 311 31.50 -2.02 13.79
N VAL C 312 32.66 -2.21 14.40
CA VAL C 312 33.20 -1.23 15.33
C VAL C 312 34.21 -0.31 14.64
N PHE C 313 35.10 -0.87 13.81
CA PHE C 313 36.24 -0.13 13.27
C PHE C 313 36.03 0.40 11.86
N PHE C 314 34.90 0.09 11.21
CA PHE C 314 34.62 0.56 9.86
C PHE C 314 34.37 2.07 9.88
N ASN C 315 35.02 2.80 8.97
CA ASN C 315 35.13 4.25 9.08
C ASN C 315 35.68 4.67 10.45
N GLN C 316 36.72 3.95 10.88
CA GLN C 316 37.60 4.32 12.00
C GLN C 316 36.82 4.67 13.28
N GLY C 317 35.57 4.22 13.42
CA GLY C 317 34.78 4.48 14.61
C GLY C 317 33.77 5.60 14.48
N GLN C 318 33.89 6.42 13.43
CA GLN C 318 32.92 7.50 13.21
C GLN C 318 31.67 6.90 12.57
N CYS C 319 30.75 6.42 13.40
CA CYS C 319 29.60 5.67 12.90
C CYS C 319 28.41 5.87 13.83
N CYS C 320 27.46 6.69 13.41
CA CYS C 320 26.14 6.76 14.02
C CYS C 320 25.18 5.73 13.44
N THR C 321 25.71 4.74 12.71
CA THR C 321 24.96 3.56 12.28
C THR C 321 25.71 2.27 12.64
N ALA C 322 26.48 2.31 13.73
CA ALA C 322 27.19 1.15 14.27
C ALA C 322 27.48 1.41 15.74
N GLY C 323 27.95 0.36 16.43
CA GLY C 323 28.00 0.36 17.88
C GLY C 323 29.35 0.00 18.45
N SER C 324 29.44 0.13 19.78
CA SER C 324 30.65 -0.17 20.52
C SER C 324 30.46 -1.17 21.64
N ARG C 325 29.23 -1.41 22.11
CA ARG C 325 29.02 -2.43 23.11
C ARG C 325 28.91 -3.79 22.42
N ILE C 326 29.75 -4.74 22.83
CA ILE C 326 29.77 -6.10 22.28
C ILE C 326 29.54 -7.06 23.42
N PHE C 327 28.43 -7.78 23.38
CA PHE C 327 28.01 -8.68 24.44
C PHE C 327 28.24 -10.12 23.98
N VAL C 328 29.05 -10.85 24.74
CA VAL C 328 29.39 -12.22 24.41
C VAL C 328 28.96 -13.11 25.58
N GLU C 329 28.36 -14.25 25.24
CA GLU C 329 27.98 -15.24 26.24
C GLU C 329 29.23 -15.78 26.92
N GLU C 330 29.16 -15.96 28.24
CA GLU C 330 30.36 -16.30 29.00
C GLU C 330 31.05 -17.55 28.46
N SER C 331 30.31 -18.43 27.79
CA SER C 331 30.90 -19.64 27.25
C SER C 331 32.09 -19.34 26.34
N ILE C 332 31.98 -18.33 25.50
CA ILE C 332 32.97 -18.08 24.46
C ILE C 332 33.67 -16.75 24.69
N TYR C 333 33.87 -16.38 25.94
CA TYR C 333 34.36 -15.04 26.23
C TYR C 333 35.84 -14.89 25.93
N GLU C 334 36.66 -15.78 26.51
CA GLU C 334 38.09 -15.65 26.35
C GLU C 334 38.52 -15.96 24.92
N GLU C 335 37.89 -16.95 24.28
CA GLU C 335 38.17 -17.21 22.88
C GLU C 335 37.80 -16.02 22.00
N PHE C 336 36.75 -15.27 22.37
CA PHE C 336 36.34 -14.12 21.56
C PHE C 336 37.30 -12.95 21.74
N VAL C 337 37.61 -12.59 22.98
CA VAL C 337 38.52 -11.48 23.21
C VAL C 337 39.92 -11.82 22.72
N ARG C 338 40.25 -13.10 22.65
CA ARG C 338 41.44 -13.52 21.92
C ARG C 338 41.33 -13.12 20.45
N ARG C 339 40.43 -13.78 19.71
CA ARG C 339 40.33 -13.54 18.28
C ARG C 339 40.11 -12.06 17.96
N SER C 340 39.50 -11.32 18.89
CA SER C 340 39.27 -9.90 18.65
C SER C 340 40.56 -9.10 18.73
N VAL C 341 41.38 -9.38 19.74
CA VAL C 341 42.63 -8.65 19.92
C VAL C 341 43.63 -9.03 18.83
N GLU C 342 43.53 -10.25 18.29
CA GLU C 342 44.37 -10.63 17.17
C GLU C 342 44.04 -9.79 15.94
N ARG C 343 42.76 -9.67 15.63
CA ARG C 343 42.36 -8.91 14.45
C ARG C 343 42.70 -7.43 14.63
N ALA C 344 42.64 -6.93 15.86
CA ALA C 344 42.97 -5.53 16.12
C ALA C 344 44.48 -5.30 16.15
N LYS C 345 45.26 -6.34 16.50
CA LYS C 345 46.70 -6.25 16.35
C LYS C 345 47.09 -6.24 14.88
N ARG C 346 46.41 -7.06 14.08
CA ARG C 346 46.68 -7.22 12.66
C ARG C 346 46.14 -6.06 11.82
N ARG C 347 45.20 -5.28 12.36
CA ARG C 347 44.50 -4.23 11.60
C ARG C 347 45.43 -3.11 11.17
N VAL C 348 45.33 -2.70 9.90
CA VAL C 348 46.33 -1.86 9.26
C VAL C 348 45.87 -0.40 9.28
N VAL C 349 46.55 0.42 10.08
CA VAL C 349 46.42 1.87 10.04
C VAL C 349 47.39 2.41 8.99
N GLY C 350 47.33 3.70 8.72
CA GLY C 350 48.12 4.27 7.64
C GLY C 350 47.28 5.15 6.75
N SER C 351 47.95 5.80 5.79
CA SER C 351 47.33 6.86 5.01
C SER C 351 46.15 6.31 4.21
N PRO C 352 45.11 7.14 4.02
CA PRO C 352 43.92 6.67 3.28
C PRO C 352 44.23 6.19 1.87
N PHE C 353 45.29 6.68 1.26
CA PHE C 353 45.62 6.33 -0.12
C PHE C 353 46.59 5.15 -0.24
N ASP C 354 47.08 4.62 0.88
CA ASP C 354 47.87 3.39 0.84
C ASP C 354 46.93 2.20 0.73
N PRO C 355 46.95 1.43 -0.39
CA PRO C 355 45.85 0.51 -0.68
C PRO C 355 45.87 -0.72 0.21
N THR C 356 46.73 -0.71 1.22
CA THR C 356 46.78 -1.71 2.28
C THR C 356 46.19 -1.20 3.58
N THR C 357 45.90 0.10 3.68
CA THR C 357 45.30 0.64 4.88
C THR C 357 43.88 0.12 5.06
N GLU C 358 43.57 -0.33 6.26
CA GLU C 358 42.20 -0.66 6.63
C GLU C 358 41.53 0.48 7.41
N GLN C 359 42.24 1.07 8.39
CA GLN C 359 41.73 2.16 9.23
C GLN C 359 42.53 3.42 9.02
N GLY C 360 41.85 4.54 8.84
CA GLY C 360 42.49 5.82 8.70
C GLY C 360 42.44 6.61 9.99
N PRO C 361 42.62 7.91 9.89
CA PRO C 361 42.70 8.76 11.08
C PRO C 361 41.33 9.17 11.56
N GLN C 362 41.30 9.87 12.69
CA GLN C 362 40.09 10.51 13.17
C GLN C 362 39.91 11.86 12.48
N ILE C 363 38.70 12.40 12.57
CA ILE C 363 38.33 13.44 11.62
C ILE C 363 39.09 14.73 11.89
N ASP C 364 39.30 15.08 13.17
CA ASP C 364 40.09 16.24 13.52
C ASP C 364 40.57 16.10 14.95
N LYS C 365 41.27 17.14 15.44
CA LYS C 365 41.91 17.05 16.75
C LYS C 365 40.91 16.92 17.89
N LYS C 366 39.83 17.72 17.87
CA LYS C 366 38.88 17.72 18.99
C LYS C 366 38.29 16.33 19.23
N GLN C 367 38.04 15.58 18.14
CA GLN C 367 37.59 14.21 18.30
C GLN C 367 38.73 13.32 18.76
N TYR C 368 39.82 13.28 18.00
CA TYR C 368 41.05 12.57 18.36
C TYR C 368 41.34 12.67 19.86
N ASN C 369 41.11 13.85 20.43
CA ASN C 369 41.36 14.09 21.84
C ASN C 369 40.26 13.50 22.74
N LYS C 370 38.99 13.72 22.40
CA LYS C 370 37.94 13.12 23.21
C LYS C 370 37.96 11.59 23.14
N ILE C 371 38.62 11.01 22.15
CA ILE C 371 38.72 9.55 22.09
C ILE C 371 39.79 9.04 23.04
N LEU C 372 40.95 9.71 23.05
CA LEU C 372 42.02 9.33 23.98
C LEU C 372 41.63 9.63 25.42
N GLU C 373 40.93 10.75 25.63
CA GLU C 373 40.30 11.01 26.91
C GLU C 373 39.55 9.78 27.39
N LEU C 374 38.67 9.24 26.54
CA LEU C 374 37.81 8.14 26.93
C LEU C 374 38.54 6.80 27.00
N ILE C 375 39.67 6.67 26.34
CA ILE C 375 40.48 5.48 26.54
C ILE C 375 41.11 5.51 27.93
N GLN C 376 41.65 6.66 28.35
CA GLN C 376 42.25 6.74 29.67
C GLN C 376 41.20 6.72 30.76
N SER C 377 40.00 7.22 30.47
CA SER C 377 38.87 7.01 31.38
C SER C 377 38.70 5.52 31.68
N GLY C 378 38.76 4.69 30.65
CA GLY C 378 38.56 3.26 30.85
C GLY C 378 39.63 2.65 31.76
N VAL C 379 40.90 2.86 31.41
CA VAL C 379 41.98 2.21 32.16
C VAL C 379 41.93 2.60 33.63
N ALA C 380 41.52 3.84 33.91
CA ALA C 380 41.37 4.27 35.30
C ALA C 380 39.98 3.98 35.84
N GLU C 381 39.34 2.89 35.45
CA GLU C 381 38.08 2.53 36.08
C GLU C 381 37.88 1.02 36.17
N GLY C 382 38.75 0.23 35.53
CA GLY C 382 38.69 -1.21 35.73
C GLY C 382 38.76 -2.04 34.47
N ALA C 383 38.72 -1.37 33.32
CA ALA C 383 38.81 -2.07 32.05
C ALA C 383 40.13 -2.81 31.93
N LYS C 384 40.06 -4.03 31.43
CA LYS C 384 41.25 -4.77 31.01
C LYS C 384 41.53 -4.37 29.57
N LEU C 385 42.31 -3.29 29.42
CA LEU C 385 42.92 -2.94 28.14
C LEU C 385 43.74 -4.11 27.62
N GLU C 386 43.33 -4.66 26.48
CA GLU C 386 44.02 -5.80 25.93
C GLU C 386 44.88 -5.45 24.73
N CYS C 387 44.81 -4.21 24.25
CA CYS C 387 45.42 -3.81 22.99
C CYS C 387 45.24 -2.32 22.81
N GLY C 388 46.19 -1.69 22.11
CA GLY C 388 46.11 -0.28 21.75
C GLY C 388 45.96 0.63 22.95
N GLY C 389 45.40 1.82 22.71
CA GLY C 389 45.06 2.74 23.77
C GLY C 389 45.73 4.10 23.68
N LYS C 390 46.58 4.36 22.71
CA LYS C 390 47.30 5.62 22.62
C LYS C 390 47.27 6.08 21.16
N GLY C 391 47.90 7.22 20.89
CA GLY C 391 48.07 7.68 19.52
C GLY C 391 49.21 6.94 18.84
N LEU C 392 49.25 7.03 17.50
CA LEU C 392 50.22 6.23 16.76
C LEU C 392 51.53 6.98 16.51
N GLY C 393 51.45 8.25 16.12
CA GLY C 393 52.64 9.06 15.89
C GLY C 393 52.32 10.52 16.09
N ARG C 394 52.95 11.38 15.30
CA ARG C 394 52.58 12.79 15.24
C ARG C 394 51.69 13.09 14.03
N LYS C 395 51.97 12.43 12.90
CA LYS C 395 51.34 12.72 11.62
C LYS C 395 49.84 12.49 11.65
N GLY C 396 49.05 13.55 11.64
CA GLY C 396 47.60 13.41 11.57
C GLY C 396 46.98 13.07 12.91
N PHE C 397 45.83 12.39 12.84
CA PHE C 397 45.06 12.05 14.04
C PHE C 397 44.82 10.55 14.11
N PHE C 398 45.90 9.78 14.05
CA PHE C 398 45.81 8.32 14.01
C PHE C 398 45.86 7.75 15.41
N ILE C 399 44.85 6.95 15.77
CA ILE C 399 44.79 6.27 17.06
C ILE C 399 44.90 4.76 16.85
N GLU C 400 45.61 4.10 17.76
CA GLU C 400 45.79 2.66 17.65
C GLU C 400 44.44 1.94 17.78
N PRO C 401 44.30 0.76 17.19
CA PRO C 401 43.12 -0.07 17.43
C PRO C 401 43.13 -0.64 18.84
N THR C 402 42.07 -0.39 19.59
CA THR C 402 42.02 -0.71 21.00
C THR C 402 40.88 -1.66 21.33
N VAL C 403 41.15 -2.58 22.24
CA VAL C 403 40.18 -3.56 22.70
C VAL C 403 40.18 -3.54 24.22
N PHE C 404 39.03 -3.23 24.82
CA PHE C 404 38.84 -3.33 26.26
C PHE C 404 38.23 -4.68 26.61
N SER C 405 38.11 -4.94 27.91
CA SER C 405 37.75 -6.25 28.38
C SER C 405 37.24 -6.11 29.81
N ASN C 406 36.52 -7.14 30.26
CA ASN C 406 36.01 -7.16 31.62
C ASN C 406 35.27 -5.86 31.94
N VAL C 407 34.43 -5.43 31.02
CA VAL C 407 33.70 -4.17 31.12
C VAL C 407 32.37 -4.43 31.81
N THR C 408 31.94 -3.49 32.65
CA THR C 408 30.61 -3.55 33.23
C THR C 408 29.76 -2.45 32.62
N ASP C 409 28.45 -2.51 32.90
CA ASP C 409 27.58 -1.40 32.51
C ASP C 409 27.82 -0.16 33.34
N ASP C 410 28.38 -0.31 34.55
CA ASP C 410 28.65 0.84 35.42
C ASP C 410 29.66 1.79 34.79
N MET C 411 30.67 1.25 34.12
CA MET C 411 31.78 2.06 33.64
C MET C 411 31.30 3.11 32.65
N ARG C 412 31.94 4.29 32.72
CA ARG C 412 31.54 5.43 31.91
C ARG C 412 31.95 5.28 30.44
N ILE C 413 32.73 4.26 30.09
CA ILE C 413 32.98 3.98 28.69
C ILE C 413 31.87 3.14 28.07
N ALA C 414 31.05 2.48 28.88
CA ALA C 414 29.91 1.71 28.40
C ALA C 414 28.58 2.43 28.60
N LYS C 415 28.55 3.53 29.35
CA LYS C 415 27.34 4.35 29.47
C LYS C 415 27.28 5.51 28.48
N GLU C 416 28.42 5.90 27.90
CA GLU C 416 28.47 6.93 26.86
C GLU C 416 29.35 6.46 25.71
N GLU C 417 28.82 6.56 24.49
CA GLU C 417 29.46 5.98 23.31
C GLU C 417 30.72 6.75 22.92
N ILE C 418 31.66 6.00 22.35
CA ILE C 418 32.95 6.52 21.88
C ILE C 418 32.90 6.50 20.36
N PHE C 419 33.19 7.66 19.75
CA PHE C 419 33.12 7.79 18.31
C PHE C 419 34.50 7.59 17.68
N GLY C 420 35.08 6.43 17.96
CA GLY C 420 36.42 6.09 17.54
C GLY C 420 36.68 4.60 17.50
N PRO C 421 37.93 4.20 17.28
CA PRO C 421 38.24 2.79 17.00
C PRO C 421 38.49 1.98 18.26
N VAL C 422 37.49 1.97 19.14
CA VAL C 422 37.60 1.30 20.42
C VAL C 422 36.56 0.19 20.46
N GLN C 423 36.99 -1.02 20.74
CA GLN C 423 36.11 -2.17 20.88
C GLN C 423 36.05 -2.56 22.35
N GLU C 424 34.91 -2.33 23.00
CA GLU C 424 34.65 -2.79 24.36
C GLU C 424 33.78 -4.04 24.32
N ILE C 425 34.03 -4.96 25.26
CA ILE C 425 33.38 -6.27 25.25
C ILE C 425 32.85 -6.57 26.65
N LEU C 426 31.53 -6.71 26.78
CA LEU C 426 30.83 -6.92 28.04
C LEU C 426 30.36 -8.36 28.20
N ARG C 427 30.23 -8.81 29.46
CA ARG C 427 29.91 -10.21 29.71
C ARG C 427 28.40 -10.41 29.83
N PHE C 428 27.94 -11.59 29.45
CA PHE C 428 26.59 -12.00 29.79
C PHE C 428 26.50 -13.52 29.83
N LYS C 429 25.41 -13.98 30.44
CA LYS C 429 25.27 -15.33 30.95
C LYS C 429 23.96 -15.95 30.48
N THR C 430 22.84 -15.25 30.74
CA THR C 430 21.49 -15.63 30.34
C THR C 430 21.00 -14.69 29.24
N MET C 431 19.86 -15.03 28.65
CA MET C 431 19.39 -14.22 27.53
C MET C 431 18.50 -13.07 27.97
N ASP C 432 17.54 -13.33 28.85
CA ASP C 432 16.76 -12.22 29.41
C ASP C 432 17.66 -11.25 30.14
N GLU C 433 18.86 -11.69 30.54
CA GLU C 433 19.86 -10.76 31.05
C GLU C 433 20.21 -9.70 30.01
N VAL C 434 20.60 -10.12 28.80
CA VAL C 434 21.04 -9.18 27.79
C VAL C 434 19.90 -8.27 27.36
N ILE C 435 18.71 -8.84 27.12
CA ILE C 435 17.57 -8.04 26.66
C ILE C 435 17.32 -6.82 27.55
N GLU C 436 17.60 -6.95 28.86
CA GLU C 436 17.42 -5.81 29.76
C GLU C 436 18.59 -4.82 29.66
N ARG C 437 19.82 -5.33 29.72
CA ARG C 437 20.98 -4.45 29.66
C ARG C 437 21.06 -3.68 28.34
N ALA C 438 20.56 -4.26 27.25
CA ALA C 438 20.65 -3.63 25.94
C ALA C 438 19.63 -2.52 25.75
N ASN C 439 18.48 -2.60 26.40
CA ASN C 439 17.44 -1.61 26.23
C ASN C 439 17.69 -0.34 27.04
N ASN C 440 18.78 -0.29 27.80
CA ASN C 440 18.96 0.68 28.88
C ASN C 440 19.55 2.01 28.41
N SER C 441 19.36 2.37 27.15
CA SER C 441 19.82 3.68 26.71
C SER C 441 18.87 4.81 27.11
N ASP C 442 17.60 4.50 27.32
CA ASP C 442 16.50 5.45 27.52
C ASP C 442 16.08 6.10 26.20
N PHE C 443 16.74 5.79 25.09
CA PHE C 443 16.50 6.48 23.82
C PHE C 443 16.61 5.47 22.68
N GLY C 444 16.57 5.97 21.44
CA GLY C 444 16.46 5.12 20.27
C GLY C 444 17.81 4.74 19.68
N LEU C 445 17.95 3.47 19.35
CA LEU C 445 19.25 2.92 18.96
C LEU C 445 19.06 1.91 17.84
N VAL C 446 20.04 1.02 17.68
CA VAL C 446 19.95 -0.14 16.82
C VAL C 446 20.63 -1.29 17.54
N ALA C 447 20.24 -2.50 17.17
CA ALA C 447 20.77 -3.72 17.79
C ALA C 447 21.32 -4.65 16.72
N ALA C 448 22.02 -5.70 17.17
CA ALA C 448 22.55 -6.75 16.30
C ALA C 448 22.60 -8.04 17.10
N VAL C 449 22.38 -9.17 16.42
CA VAL C 449 22.32 -10.47 17.09
C VAL C 449 22.96 -11.52 16.20
N PHE C 450 23.77 -12.40 16.79
CA PHE C 450 24.48 -13.43 16.04
C PHE C 450 24.16 -14.80 16.61
N THR C 451 23.25 -15.53 15.94
CA THR C 451 22.75 -16.78 16.48
C THR C 451 22.49 -17.78 15.36
N ASN C 452 22.61 -19.06 15.68
CA ASN C 452 22.08 -20.13 14.88
C ASN C 452 20.72 -20.62 15.36
N ASP C 453 20.42 -20.44 16.65
CA ASP C 453 19.12 -20.78 17.21
C ASP C 453 18.05 -19.79 16.73
N ILE C 454 16.94 -20.33 16.20
CA ILE C 454 15.93 -19.43 15.63
C ILE C 454 15.15 -18.71 16.71
N ASN C 455 14.90 -19.36 17.85
CA ASN C 455 14.02 -18.75 18.84
C ASN C 455 14.72 -17.68 19.65
N LYS C 456 16.00 -17.84 19.92
CA LYS C 456 16.78 -16.72 20.45
C LYS C 456 16.66 -15.53 19.51
N ALA C 457 16.99 -15.75 18.23
CA ALA C 457 16.86 -14.70 17.23
C ALA C 457 15.47 -14.11 17.25
N LEU C 458 14.44 -14.95 17.29
CA LEU C 458 13.07 -14.45 17.39
C LEU C 458 12.88 -13.66 18.67
N THR C 459 13.18 -14.28 19.81
CA THR C 459 12.96 -13.65 21.11
C THR C 459 13.66 -12.30 21.23
N VAL C 460 14.98 -12.26 21.00
CA VAL C 460 15.72 -11.03 21.28
C VAL C 460 15.30 -9.93 20.32
N SER C 461 15.04 -10.27 19.05
CA SER C 461 14.75 -9.23 18.07
C SER C 461 13.43 -8.52 18.38
N SER C 462 12.42 -9.25 18.87
CA SER C 462 11.20 -8.58 19.27
C SER C 462 11.35 -7.91 20.62
N ALA C 463 12.21 -8.44 21.48
CA ALA C 463 12.42 -7.85 22.79
C ALA C 463 13.21 -6.56 22.75
N MET C 464 13.82 -6.22 21.62
CA MET C 464 14.70 -5.05 21.58
C MET C 464 13.91 -3.77 21.35
N GLN C 465 14.36 -2.71 22.01
CA GLN C 465 13.89 -1.34 21.76
C GLN C 465 14.78 -0.67 20.71
N ALA C 466 14.87 -1.28 19.53
CA ALA C 466 15.75 -0.80 18.49
C ALA C 466 14.95 -0.30 17.30
N GLY C 467 15.58 0.57 16.51
CA GLY C 467 14.95 1.03 15.30
C GLY C 467 15.14 0.02 14.20
N THR C 468 16.32 -0.60 14.20
CA THR C 468 16.65 -1.66 13.27
C THR C 468 17.45 -2.72 14.03
N VAL C 469 17.11 -4.00 13.77
CA VAL C 469 17.84 -5.15 14.27
C VAL C 469 18.51 -5.85 13.10
N TRP C 470 19.74 -6.34 13.32
CA TRP C 470 20.50 -7.08 12.33
C TRP C 470 20.73 -8.48 12.88
N ILE C 471 20.30 -9.50 12.14
CA ILE C 471 20.49 -10.88 12.55
C ILE C 471 21.58 -11.48 11.68
N ASN C 472 22.68 -11.88 12.31
CA ASN C 472 23.81 -12.52 11.63
C ASN C 472 24.46 -11.60 10.60
N CYS C 473 24.53 -10.30 10.93
CA CYS C 473 25.26 -9.32 10.11
C CYS C 473 25.23 -7.95 10.80
N TYR C 474 25.69 -6.94 10.06
CA TYR C 474 25.63 -5.50 10.36
C TYR C 474 25.72 -4.76 9.03
N ASN C 475 25.29 -3.50 9.01
CA ASN C 475 25.51 -2.63 7.86
C ASN C 475 25.55 -1.18 8.31
N ALA C 476 26.29 -0.36 7.57
CA ALA C 476 26.45 1.06 7.91
C ALA C 476 25.14 1.82 7.70
N GLY C 496 14.35 3.29 3.44
CA GLY C 496 14.00 3.25 2.03
C GLY C 496 12.72 3.99 1.66
N GLU C 497 11.66 3.22 1.35
CA GLU C 497 10.33 3.82 1.20
C GLU C 497 9.98 4.74 2.37
N PHE C 498 10.45 4.42 3.58
CA PHE C 498 10.00 5.13 4.76
C PHE C 498 10.72 6.46 4.97
N GLY C 499 11.87 6.68 4.33
CA GLY C 499 12.39 8.03 4.26
C GLY C 499 11.56 8.93 3.37
N LEU C 500 10.82 8.35 2.44
CA LEU C 500 10.03 9.11 1.50
C LEU C 500 8.80 9.73 2.16
N ARG C 501 8.18 9.01 3.11
CA ARG C 501 6.96 9.47 3.76
C ARG C 501 7.16 10.80 4.48
N GLU C 502 8.36 11.05 4.99
CA GLU C 502 8.66 12.32 5.63
C GLU C 502 8.93 13.46 4.65
N TYR C 503 9.02 13.21 3.33
CA TYR C 503 9.33 14.27 2.38
C TYR C 503 8.16 14.69 1.49
N SER C 504 6.94 14.25 1.79
CA SER C 504 5.78 14.91 1.20
C SER C 504 4.66 15.06 2.23
N GLU C 505 3.67 15.84 1.83
CA GLU C 505 2.51 16.25 2.61
C GLU C 505 1.27 15.70 1.92
N VAL C 506 0.28 15.25 2.66
CA VAL C 506 -0.93 14.74 2.03
C VAL C 506 -1.90 15.90 1.81
N LYS C 507 -2.48 16.00 0.62
CA LYS C 507 -3.63 16.84 0.38
C LYS C 507 -4.86 15.96 0.16
N THR C 508 -5.99 16.29 0.80
CA THR C 508 -7.24 15.56 0.58
C THR C 508 -8.23 16.39 -0.22
N VAL C 509 -9.04 15.72 -1.04
CA VAL C 509 -10.06 16.39 -1.84
C VAL C 509 -11.34 15.55 -1.82
N THR C 510 -12.36 16.02 -1.09
CA THR C 510 -13.68 15.41 -1.12
C THR C 510 -14.57 16.17 -2.11
N VAL C 511 -15.10 15.48 -3.09
CA VAL C 511 -16.07 16.03 -4.03
C VAL C 511 -17.46 15.59 -3.64
N LYS C 512 -18.43 16.50 -3.74
CA LYS C 512 -19.83 16.12 -3.63
C LYS C 512 -20.30 15.52 -4.97
N ILE C 513 -20.78 14.28 -4.92
CA ILE C 513 -21.18 13.56 -6.13
C ILE C 513 -22.70 13.40 -6.15
N PRO C 514 -23.32 13.21 -7.32
CA PRO C 514 -24.80 13.16 -7.41
C PRO C 514 -25.47 11.83 -7.03
N GLN C 515 -24.75 10.70 -6.90
CA GLN C 515 -25.29 9.45 -6.34
C GLN C 515 -24.16 8.45 -6.07
N LYS C 516 -24.17 7.81 -4.89
CA LYS C 516 -23.17 6.80 -4.56
C LYS C 516 -23.56 5.44 -5.14
N ASN C 517 -22.61 4.80 -5.81
CA ASN C 517 -22.82 3.51 -6.45
C ASN C 517 -21.52 2.72 -6.40
N SER C 518 -21.60 1.51 -5.90
CA SER C 518 -20.42 0.67 -5.73
C SER C 518 -19.72 0.37 -7.06
N LEU D 26 -37.71 11.36 16.56
CA LEU D 26 -36.98 12.36 17.35
C LEU D 26 -36.66 11.93 18.79
N PRO D 27 -35.37 11.97 19.11
CA PRO D 27 -34.92 11.59 20.45
C PRO D 27 -35.16 12.73 21.43
N SER D 28 -35.03 12.41 22.70
CA SER D 28 -35.34 13.42 23.71
C SER D 28 -34.20 13.54 24.71
N PRO D 29 -33.88 14.77 25.15
CA PRO D 29 -32.76 14.96 26.07
C PRO D 29 -32.99 14.27 27.40
N THR D 30 -31.90 13.79 27.99
CA THR D 30 -31.96 13.08 29.26
C THR D 30 -32.54 13.97 30.34
N PRO D 31 -33.62 13.57 31.02
CA PRO D 31 -34.31 14.47 31.96
C PRO D 31 -33.71 14.43 33.36
N ASN D 32 -33.48 15.61 33.93
CA ASN D 32 -32.93 15.74 35.29
C ASN D 32 -31.58 15.03 35.39
N LEU D 33 -30.66 15.39 34.49
CA LEU D 33 -29.42 14.65 34.34
C LEU D 33 -28.52 14.88 35.55
N GLU D 34 -28.14 13.79 36.22
CA GLU D 34 -27.17 13.84 37.30
C GLU D 34 -25.76 13.57 36.76
N ILE D 35 -24.82 14.50 37.02
CA ILE D 35 -23.44 14.34 36.59
C ILE D 35 -22.80 13.34 37.54
N LYS D 36 -23.09 12.06 37.31
CA LYS D 36 -22.52 10.99 38.12
C LYS D 36 -20.99 11.06 38.16
N TYR D 37 -20.35 11.10 37.00
CA TYR D 37 -18.90 10.94 36.90
C TYR D 37 -18.22 12.30 36.93
N THR D 38 -17.45 12.54 37.99
CA THR D 38 -16.71 13.79 38.12
C THR D 38 -15.28 13.63 38.63
N LYS D 39 -14.83 12.43 38.95
CA LYS D 39 -13.51 12.28 39.54
C LYS D 39 -12.49 12.00 38.44
N ILE D 40 -11.20 11.98 38.83
CA ILE D 40 -10.12 11.71 37.88
C ILE D 40 -10.10 10.23 37.55
N PHE D 41 -9.77 9.90 36.28
CA PHE D 41 -9.81 8.51 35.82
C PHE D 41 -8.40 7.98 35.55
N ILE D 42 -7.90 7.15 36.47
CA ILE D 42 -6.54 6.59 36.40
C ILE D 42 -6.61 5.13 36.84
N ASN D 43 -6.01 4.24 36.06
CA ASN D 43 -6.06 2.79 36.31
C ASN D 43 -7.50 2.32 36.52
N ASN D 44 -8.41 2.83 35.67
CA ASN D 44 -9.83 2.49 35.74
C ASN D 44 -10.39 2.62 37.16
N GLU D 45 -9.78 3.48 37.97
CA GLU D 45 -10.31 3.91 39.25
C GLU D 45 -10.73 5.37 39.17
N TRP D 46 -11.81 5.72 39.84
CA TRP D 46 -12.16 7.11 40.04
C TRP D 46 -11.45 7.63 41.29
N GLN D 47 -10.59 8.63 41.12
CA GLN D 47 -9.76 9.13 42.20
C GLN D 47 -9.91 10.63 42.40
N ASN D 48 -9.84 11.04 43.68
CA ASN D 48 -9.78 12.46 44.02
C ASN D 48 -8.46 13.07 43.55
N SER D 49 -8.48 14.40 43.39
CA SER D 49 -7.27 15.17 43.15
C SER D 49 -6.26 15.01 44.29
N GLU D 50 -4.97 15.14 43.96
CA GLU D 50 -3.96 15.04 45.01
C GLU D 50 -3.96 16.25 45.92
N SER D 51 -4.43 17.40 45.46
CA SER D 51 -4.53 18.55 46.33
C SER D 51 -5.87 18.63 47.07
N GLY D 52 -6.89 17.96 46.56
CA GLY D 52 -8.24 18.18 47.02
C GLY D 52 -8.92 19.27 46.27
N ARG D 53 -8.18 19.96 45.40
CA ARG D 53 -8.76 21.06 44.67
C ARG D 53 -9.73 20.52 43.61
N VAL D 54 -10.57 21.42 43.12
CA VAL D 54 -11.75 21.08 42.38
C VAL D 54 -12.17 22.33 41.65
N PHE D 55 -12.72 22.18 40.46
CA PHE D 55 -13.10 23.37 39.72
C PHE D 55 -14.50 23.22 39.17
N PRO D 56 -15.17 24.34 38.85
CA PRO D 56 -16.55 24.26 38.41
C PRO D 56 -16.68 24.22 36.90
N VAL D 57 -17.74 23.57 36.47
CA VAL D 57 -18.12 23.53 35.06
C VAL D 57 -19.45 24.25 34.90
N TYR D 58 -19.49 25.24 34.03
CA TYR D 58 -20.69 26.05 33.84
C TYR D 58 -21.53 25.61 32.64
N ASN D 59 -22.71 26.21 32.54
CA ASN D 59 -23.68 25.96 31.47
C ASN D 59 -23.74 27.18 30.57
N PRO D 60 -23.12 27.15 29.39
CA PRO D 60 -23.02 28.38 28.59
C PRO D 60 -24.35 28.96 28.20
N ALA D 61 -25.44 28.22 28.34
CA ALA D 61 -26.73 28.80 27.95
C ALA D 61 -27.29 29.66 29.07
N THR D 62 -27.13 29.24 30.32
CA THR D 62 -27.64 30.00 31.44
C THR D 62 -26.54 30.64 32.28
N GLY D 63 -25.28 30.42 31.92
CA GLY D 63 -24.16 30.89 32.72
C GLY D 63 -24.06 30.29 34.12
N GLU D 64 -25.05 29.49 34.53
CA GLU D 64 -25.03 28.81 35.82
C GLU D 64 -23.97 27.69 35.84
N GLN D 65 -23.74 27.13 37.03
CA GLN D 65 -22.70 26.13 37.25
C GLN D 65 -23.33 24.74 37.29
N VAL D 66 -22.85 23.86 36.42
CA VAL D 66 -23.41 22.52 36.29
C VAL D 66 -22.97 21.59 37.43
N CYS D 67 -21.70 21.69 37.88
CA CYS D 67 -21.22 20.89 39.01
C CYS D 67 -19.77 21.25 39.37
N GLU D 68 -19.06 20.37 40.06
CA GLU D 68 -17.64 20.59 40.30
C GLU D 68 -16.90 19.29 40.11
N VAL D 69 -15.67 19.35 39.57
CA VAL D 69 -14.89 18.14 39.28
C VAL D 69 -13.46 18.28 39.79
N GLN D 70 -12.90 17.15 40.21
CA GLN D 70 -11.50 17.03 40.62
C GLN D 70 -10.49 17.65 39.65
N GLU D 71 -9.88 18.75 40.06
CA GLU D 71 -8.81 19.32 39.28
C GLU D 71 -7.57 18.42 39.31
N ALA D 72 -6.80 18.43 38.21
CA ALA D 72 -5.58 17.65 38.09
C ALA D 72 -4.39 18.59 37.95
N ASP D 73 -3.28 18.24 38.61
CA ASP D 73 -2.04 19.02 38.50
C ASP D 73 -0.88 18.06 38.26
N LYS D 74 0.36 18.57 38.33
CA LYS D 74 1.55 17.77 38.04
C LYS D 74 1.53 16.47 38.83
N ALA D 75 1.26 16.57 40.14
CA ALA D 75 1.18 15.38 40.98
C ALA D 75 0.16 14.39 40.41
N ASP D 76 -1.04 14.87 40.09
CA ASP D 76 -2.10 14.03 39.52
C ASP D 76 -1.69 13.41 38.17
N ILE D 77 -0.98 14.18 37.33
CA ILE D 77 -0.49 13.69 36.05
C ILE D 77 0.52 12.57 36.24
N ASP D 78 1.45 12.73 37.19
CA ASP D 78 2.48 11.72 37.40
C ASP D 78 1.87 10.35 37.67
N LYS D 79 0.89 10.30 38.57
CA LYS D 79 0.05 9.11 38.74
C LYS D 79 -0.35 8.51 37.39
N ALA D 80 -1.08 9.29 36.57
CA ALA D 80 -1.64 8.72 35.33
C ALA D 80 -0.53 8.24 34.40
N VAL D 81 0.61 8.93 34.38
CA VAL D 81 1.70 8.47 33.53
C VAL D 81 2.20 7.13 34.03
N GLN D 82 2.33 6.98 35.34
CA GLN D 82 2.86 5.72 35.84
C GLN D 82 1.92 4.59 35.51
N ALA D 83 0.61 4.84 35.61
CA ALA D 83 -0.37 3.83 35.27
C ALA D 83 -0.25 3.43 33.81
N ALA D 84 -0.13 4.41 32.91
CA ALA D 84 -0.12 4.13 31.48
C ALA D 84 1.20 3.51 31.03
N ARG D 85 2.30 3.85 31.66
CA ARG D 85 3.53 3.12 31.40
C ARG D 85 3.40 1.67 31.85
N LEU D 86 2.81 1.45 33.05
CA LEU D 86 2.69 0.08 33.54
C LEU D 86 1.82 -0.76 32.61
N ALA D 87 0.68 -0.20 32.17
CA ALA D 87 -0.21 -0.90 31.26
C ALA D 87 0.42 -1.12 29.89
N PHE D 88 1.52 -0.46 29.60
CA PHE D 88 2.26 -0.65 28.35
C PHE D 88 3.43 -1.62 28.49
N SER D 89 3.68 -2.17 29.68
CA SER D 89 4.89 -2.96 29.84
C SER D 89 4.73 -4.32 29.17
N LEU D 90 5.87 -4.95 28.85
CA LEU D 90 5.86 -6.13 27.98
C LEU D 90 4.88 -7.20 28.47
N GLY D 91 4.99 -7.61 29.71
CA GLY D 91 4.10 -8.68 30.12
C GLY D 91 2.63 -8.32 30.20
N SER D 92 2.27 -7.06 29.87
CA SER D 92 0.95 -6.54 30.16
C SER D 92 -0.13 -7.17 29.30
N VAL D 93 -1.33 -7.23 29.85
CA VAL D 93 -2.50 -7.65 29.08
C VAL D 93 -2.57 -6.89 27.75
N TRP D 94 -2.54 -5.56 27.83
CA TRP D 94 -2.66 -4.74 26.63
C TRP D 94 -1.56 -5.05 25.64
N ARG D 95 -0.36 -5.36 26.13
CA ARG D 95 0.73 -5.62 25.20
C ARG D 95 0.65 -7.00 24.58
N ARG D 96 0.10 -7.96 25.32
CA ARG D 96 0.08 -9.35 24.87
C ARG D 96 -1.13 -9.66 24.01
N MET D 97 -2.22 -8.90 24.16
CA MET D 97 -3.47 -9.01 23.41
C MET D 97 -3.27 -9.20 21.91
N ASP D 98 -4.21 -9.80 21.24
CA ASP D 98 -4.18 -9.83 19.79
C ASP D 98 -4.67 -8.49 19.24
N ALA D 99 -4.08 -8.04 18.12
CA ALA D 99 -4.59 -6.81 17.50
C ALA D 99 -6.11 -6.85 17.37
N SER D 100 -6.66 -7.95 16.85
CA SER D 100 -8.10 -8.01 16.67
C SER D 100 -8.86 -7.87 17.98
N GLU D 101 -8.24 -8.20 19.12
CA GLU D 101 -8.89 -8.04 20.40
C GLU D 101 -8.81 -6.60 20.90
N ARG D 102 -7.88 -5.81 20.38
CA ARG D 102 -8.00 -4.38 20.58
C ARG D 102 -9.16 -3.81 19.75
N GLY D 103 -9.33 -4.29 18.52
CA GLY D 103 -10.42 -3.79 17.72
C GLY D 103 -11.75 -4.18 18.30
N ARG D 104 -11.80 -5.33 18.97
CA ARG D 104 -13.01 -5.77 19.64
C ARG D 104 -13.40 -4.79 20.75
N LEU D 105 -12.43 -4.44 21.60
CA LEU D 105 -12.71 -3.52 22.70
C LEU D 105 -13.16 -2.16 22.19
N LEU D 106 -12.50 -1.66 21.14
CA LEU D 106 -12.95 -0.40 20.54
C LEU D 106 -14.39 -0.53 20.07
N ASP D 107 -14.68 -1.63 19.38
CA ASP D 107 -16.02 -1.93 18.89
C ASP D 107 -17.04 -2.10 20.02
N LYS D 108 -16.61 -2.51 21.23
CA LYS D 108 -17.54 -2.64 22.36
C LYS D 108 -17.91 -1.29 22.92
N LEU D 109 -17.08 -0.31 22.65
CA LEU D 109 -17.23 1.03 23.19
C LEU D 109 -18.02 1.91 22.23
N ALA D 110 -17.94 1.63 20.93
CA ALA D 110 -18.93 2.16 20.02
C ALA D 110 -20.28 1.51 20.25
N ASP D 111 -20.33 0.37 20.95
CA ASP D 111 -21.60 -0.16 21.42
C ASP D 111 -22.13 0.63 22.61
N LEU D 112 -21.28 0.83 23.62
CA LEU D 112 -21.66 1.55 24.83
C LEU D 112 -22.00 3.03 24.54
N VAL D 113 -21.19 3.66 23.69
CA VAL D 113 -21.55 4.99 23.19
C VAL D 113 -22.94 4.96 22.56
N GLU D 114 -23.27 3.86 21.87
CA GLU D 114 -24.53 3.78 21.13
C GLU D 114 -25.75 3.73 22.07
N ARG D 115 -25.71 2.84 23.05
CA ARG D 115 -26.78 2.71 24.03
C ARG D 115 -26.90 3.95 24.91
N ASP D 116 -25.85 4.75 25.02
CA ASP D 116 -25.92 5.97 25.82
C ASP D 116 -25.93 7.22 24.95
N ARG D 117 -26.16 7.06 23.64
CA ARG D 117 -26.11 8.18 22.72
C ARG D 117 -26.88 9.40 23.23
N ALA D 118 -28.05 9.16 23.83
CA ALA D 118 -28.90 10.25 24.27
C ALA D 118 -28.25 11.01 25.43
N VAL D 119 -27.61 10.28 26.35
CA VAL D 119 -27.01 10.92 27.51
C VAL D 119 -25.73 11.65 27.10
N LEU D 120 -24.93 11.02 26.25
CA LEU D 120 -23.73 11.71 25.78
C LEU D 120 -24.10 12.91 24.91
N ALA D 121 -25.19 12.83 24.15
CA ALA D 121 -25.64 14.01 23.44
C ALA D 121 -26.25 15.04 24.39
N THR D 122 -26.92 14.60 25.45
CA THR D 122 -27.47 15.55 26.40
C THR D 122 -26.35 16.27 27.12
N MET D 123 -25.45 15.52 27.74
CA MET D 123 -24.37 16.10 28.53
C MET D 123 -23.45 16.95 27.67
N GLU D 124 -23.37 16.67 26.36
CA GLU D 124 -22.75 17.63 25.46
C GLU D 124 -23.58 18.90 25.35
N SER D 125 -24.87 18.75 25.05
CA SER D 125 -25.76 19.91 25.01
C SER D 125 -25.57 20.76 26.27
N LEU D 126 -25.60 20.11 27.45
CA LEU D 126 -25.55 20.86 28.70
C LEU D 126 -24.19 21.55 28.90
N ASN D 127 -23.10 20.77 28.89
CA ASN D 127 -21.75 21.30 29.13
C ASN D 127 -21.32 22.26 28.03
N GLY D 128 -21.74 22.04 26.80
CA GLY D 128 -21.10 22.73 25.71
C GLY D 128 -21.96 23.62 24.87
N GLY D 129 -23.21 23.85 25.25
CA GLY D 129 -24.07 24.80 24.56
C GLY D 129 -24.52 24.42 23.17
N LYS D 130 -24.09 23.27 22.60
CA LYS D 130 -24.57 23.07 21.24
C LYS D 130 -25.92 22.36 21.24
N PRO D 131 -26.76 22.78 20.30
CA PRO D 131 -28.13 22.24 20.22
C PRO D 131 -28.20 20.71 20.25
N PHE D 132 -29.08 20.19 21.13
CA PHE D 132 -29.11 18.77 21.47
C PHE D 132 -29.42 17.88 20.27
N LEU D 133 -30.17 18.39 19.30
CA LEU D 133 -30.45 17.61 18.10
C LEU D 133 -29.20 17.46 17.23
N GLN D 134 -28.40 18.51 17.09
CA GLN D 134 -27.12 18.37 16.38
C GLN D 134 -26.14 17.50 17.18
N ALA D 135 -26.13 17.65 18.50
CA ALA D 135 -25.18 16.86 19.28
C ALA D 135 -25.47 15.38 19.16
N PHE D 136 -26.68 15.03 18.76
CA PHE D 136 -27.12 13.65 18.64
C PHE D 136 -26.83 13.14 17.23
N TYR D 137 -27.47 13.72 16.23
CA TYR D 137 -27.29 13.23 14.89
C TYR D 137 -25.95 13.59 14.27
N VAL D 138 -25.22 14.60 14.77
CA VAL D 138 -23.91 14.96 14.20
C VAL D 138 -22.77 14.43 15.07
N ASP D 139 -22.51 15.10 16.19
CA ASP D 139 -21.42 14.76 17.12
C ASP D 139 -21.35 13.28 17.56
N LEU D 140 -22.34 12.85 18.34
CA LEU D 140 -22.34 11.48 18.84
C LEU D 140 -22.22 10.46 17.71
N GLN D 141 -23.04 10.65 16.67
CA GLN D 141 -22.89 9.92 15.43
C GLN D 141 -21.42 9.73 15.01
N GLY D 142 -20.66 10.82 14.99
CA GLY D 142 -19.28 10.72 14.54
C GLY D 142 -18.38 10.03 15.55
N VAL D 143 -18.69 10.18 16.84
CA VAL D 143 -17.96 9.43 17.86
C VAL D 143 -18.06 7.93 17.61
N ILE D 144 -19.26 7.45 17.25
CA ILE D 144 -19.51 6.01 17.13
C ILE D 144 -18.86 5.45 15.87
N LYS D 145 -19.05 6.10 14.72
CA LYS D 145 -18.45 5.61 13.49
C LYS D 145 -16.93 5.51 13.60
N THR D 146 -16.29 6.55 14.15
CA THR D 146 -14.86 6.55 14.47
C THR D 146 -14.43 5.29 15.22
N PHE D 147 -15.09 5.03 16.36
CA PHE D 147 -14.71 3.90 17.18
C PHE D 147 -14.86 2.62 16.41
N ARG D 148 -15.96 2.50 15.68
CA ARG D 148 -16.16 1.36 14.82
C ARG D 148 -15.07 1.23 13.77
N TYR D 149 -14.60 2.37 13.23
CA TYR D 149 -13.71 2.36 12.07
C TYR D 149 -12.29 1.95 12.43
N TYR D 150 -11.77 2.36 13.57
CA TYR D 150 -10.45 1.92 13.97
C TYR D 150 -10.51 0.60 14.70
N ALA D 151 -11.69 0.26 15.22
CA ALA D 151 -11.95 -1.12 15.62
C ALA D 151 -11.50 -2.05 14.49
N GLY D 152 -12.00 -1.81 13.27
CA GLY D 152 -11.56 -2.59 12.12
C GLY D 152 -10.11 -2.41 11.71
N TRP D 153 -9.53 -1.22 11.94
CA TRP D 153 -8.13 -1.03 11.56
C TRP D 153 -7.18 -1.85 12.44
N ALA D 154 -7.58 -2.13 13.69
CA ALA D 154 -6.64 -2.58 14.71
C ALA D 154 -5.70 -3.69 14.22
N ASP D 155 -6.23 -4.65 13.46
CA ASP D 155 -5.48 -5.84 13.06
C ASP D 155 -5.17 -5.88 11.56
N LYS D 156 -5.18 -4.72 10.91
CA LYS D 156 -4.90 -4.55 9.48
C LYS D 156 -3.83 -3.49 9.29
N ILE D 157 -2.89 -3.40 10.22
CA ILE D 157 -1.79 -2.44 10.20
C ILE D 157 -0.53 -3.20 9.78
N HIS D 158 -0.12 -3.02 8.53
CA HIS D 158 0.78 -3.94 7.87
C HIS D 158 2.14 -3.31 7.63
N GLY D 159 3.21 -3.99 8.04
CA GLY D 159 4.53 -3.65 7.57
C GLY D 159 4.82 -4.31 6.22
N MET D 160 5.95 -3.96 5.62
CA MET D 160 6.31 -4.50 4.31
C MET D 160 7.58 -5.36 4.37
N THR D 161 7.80 -6.12 3.31
CA THR D 161 9.05 -6.85 3.14
C THR D 161 9.73 -6.37 1.86
N ILE D 162 11.03 -6.11 1.95
CA ILE D 162 11.74 -5.28 0.99
C ILE D 162 12.83 -6.12 0.31
N PRO D 163 12.96 -6.09 -1.01
CA PRO D 163 14.15 -6.68 -1.63
C PRO D 163 15.36 -5.81 -1.37
N VAL D 164 16.45 -6.43 -0.96
CA VAL D 164 17.67 -5.71 -0.60
C VAL D 164 18.83 -6.35 -1.35
N ASP D 165 19.66 -5.52 -1.97
CA ASP D 165 20.81 -6.04 -2.69
C ASP D 165 21.61 -6.94 -1.75
N GLY D 166 22.01 -8.10 -2.25
CA GLY D 166 22.74 -9.05 -1.44
C GLY D 166 21.85 -10.11 -0.82
N ASP D 167 22.51 -10.97 -0.04
CA ASP D 167 21.85 -12.12 0.59
C ASP D 167 21.25 -11.71 1.92
N TYR D 168 20.31 -10.80 1.84
CA TYR D 168 19.60 -10.38 3.03
C TYR D 168 18.09 -10.49 2.80
N PHE D 169 17.37 -10.51 3.91
CA PHE D 169 15.92 -10.40 3.94
C PHE D 169 15.59 -9.27 4.91
N THR D 170 14.88 -8.26 4.43
CA THR D 170 14.52 -7.12 5.25
C THR D 170 13.02 -6.97 5.34
N PHE D 171 12.54 -6.63 6.53
CA PHE D 171 11.11 -6.42 6.70
C PHE D 171 10.88 -5.46 7.85
N THR D 172 9.61 -5.14 8.04
CA THR D 172 9.19 -3.97 8.78
C THR D 172 7.97 -4.33 9.62
N ARG D 173 8.05 -4.11 10.91
CA ARG D 173 6.88 -4.19 11.77
C ARG D 173 6.49 -2.77 12.18
N HIS D 174 5.19 -2.52 12.29
CA HIS D 174 4.74 -1.35 13.03
C HIS D 174 4.54 -1.77 14.48
N GLU D 175 4.79 -0.85 15.40
CA GLU D 175 4.63 -1.13 16.82
C GLU D 175 4.20 0.13 17.53
N PRO D 176 3.41 0.03 18.61
CA PRO D 176 3.00 1.24 19.32
C PRO D 176 4.19 2.01 19.84
N ILE D 177 4.02 3.34 19.89
CA ILE D 177 5.05 4.23 20.43
C ILE D 177 5.08 4.17 21.95
N GLY D 178 3.91 4.17 22.60
CA GLY D 178 3.85 3.94 24.03
C GLY D 178 2.84 4.80 24.78
N VAL D 179 3.32 5.62 25.71
CA VAL D 179 2.44 6.53 26.45
C VAL D 179 2.24 7.78 25.61
N CYS D 180 1.00 8.05 25.23
CA CYS D 180 0.70 9.32 24.57
C CYS D 180 -0.17 10.17 25.49
N GLY D 181 0.22 11.44 25.62
CA GLY D 181 -0.61 12.43 26.27
C GLY D 181 -1.26 13.29 25.21
N GLN D 182 -2.55 13.46 25.32
CA GLN D 182 -3.27 14.21 24.31
C GLN D 182 -4.05 15.30 25.01
N ILE D 183 -4.02 16.50 24.42
CA ILE D 183 -4.73 17.67 24.93
C ILE D 183 -5.75 18.08 23.89
N ILE D 184 -7.02 18.20 24.30
CA ILE D 184 -8.07 18.50 23.31
C ILE D 184 -8.71 19.84 23.64
N PRO D 185 -9.20 20.58 22.64
CA PRO D 185 -9.87 21.85 22.91
C PRO D 185 -11.28 21.64 23.44
N TRP D 186 -12.16 22.60 23.23
CA TRP D 186 -13.52 22.48 23.72
C TRP D 186 -14.56 22.54 22.62
N ASN D 187 -14.18 22.80 21.36
CA ASN D 187 -15.14 22.89 20.26
C ASN D 187 -16.05 21.68 20.22
N PHE D 188 -15.45 20.52 19.98
CA PHE D 188 -16.17 19.25 19.87
C PHE D 188 -15.60 18.37 20.98
N PRO D 189 -16.12 18.51 22.23
CA PRO D 189 -15.48 17.80 23.35
C PRO D 189 -15.42 16.29 23.21
N LEU D 190 -16.55 15.63 22.93
CA LEU D 190 -16.55 14.17 22.79
C LEU D 190 -16.04 13.73 21.41
N LEU D 191 -16.18 14.56 20.39
CA LEU D 191 -15.76 14.13 19.07
C LEU D 191 -14.24 14.15 18.95
N MET D 192 -13.64 15.26 19.38
CA MET D 192 -12.19 15.31 19.60
C MET D 192 -11.74 14.07 20.35
N PHE D 193 -12.49 13.68 21.39
CA PHE D 193 -12.08 12.57 22.26
C PHE D 193 -11.97 11.27 21.48
N ALA D 194 -12.99 10.90 20.72
CA ALA D 194 -12.91 9.70 19.90
C ALA D 194 -11.82 9.84 18.84
N TRP D 195 -11.82 10.98 18.15
CA TRP D 195 -10.81 11.28 17.17
C TRP D 195 -9.41 11.03 17.66
N LYS D 196 -9.18 11.18 18.97
CA LYS D 196 -7.84 10.99 19.46
C LYS D 196 -7.63 9.63 20.14
N ILE D 197 -8.53 9.20 21.02
CA ILE D 197 -8.40 7.90 21.65
C ILE D 197 -8.25 6.82 20.58
N ALA D 198 -9.16 6.82 19.61
CA ALA D 198 -9.41 5.62 18.82
C ALA D 198 -8.22 5.19 17.96
N PRO D 199 -7.61 6.05 17.13
CA PRO D 199 -6.33 5.63 16.49
C PRO D 199 -5.25 5.22 17.49
N ALA D 200 -5.00 6.07 18.50
CA ALA D 200 -4.01 5.77 19.52
C ALA D 200 -4.14 4.35 20.01
N LEU D 201 -5.37 3.94 20.35
CA LEU D 201 -5.55 2.61 20.92
C LEU D 201 -5.48 1.54 19.83
N CYS D 202 -6.07 1.83 18.66
CA CYS D 202 -6.04 0.84 17.58
C CYS D 202 -4.61 0.47 17.20
N CYS D 203 -3.64 1.35 17.44
CA CYS D 203 -2.25 0.98 17.22
C CYS D 203 -1.59 0.27 18.41
N GLY D 204 -2.22 0.28 19.58
CA GLY D 204 -1.73 -0.44 20.72
C GLY D 204 -1.07 0.39 21.78
N ASN D 205 -1.30 1.71 21.77
CA ASN D 205 -0.69 2.62 22.73
C ASN D 205 -1.45 2.64 24.07
N THR D 206 -0.90 3.39 25.03
CA THR D 206 -1.66 3.82 26.21
C THR D 206 -1.70 5.35 26.24
N VAL D 207 -2.71 5.88 26.95
CA VAL D 207 -3.20 7.24 26.74
C VAL D 207 -3.42 7.98 28.07
N VAL D 208 -3.13 9.28 28.03
CA VAL D 208 -3.25 10.21 29.14
C VAL D 208 -3.85 11.51 28.60
N ILE D 209 -5.17 11.67 28.69
CA ILE D 209 -5.89 12.68 27.93
C ILE D 209 -6.40 13.76 28.87
N LYS D 210 -6.16 15.01 28.49
CA LYS D 210 -6.70 16.15 29.21
C LYS D 210 -7.78 16.77 28.36
N PRO D 211 -9.04 16.68 28.76
CA PRO D 211 -10.09 17.43 28.06
C PRO D 211 -10.04 18.89 28.49
N ALA D 212 -10.49 19.79 27.60
CA ALA D 212 -10.49 21.22 27.95
C ALA D 212 -11.07 21.48 29.34
N GLU D 213 -10.70 22.59 29.98
CA GLU D 213 -11.28 22.84 31.29
C GLU D 213 -12.76 23.16 31.22
N GLN D 214 -13.21 23.67 30.07
CA GLN D 214 -14.60 24.10 29.95
C GLN D 214 -15.54 22.92 29.85
N THR D 215 -15.10 21.82 29.23
CA THR D 215 -16.00 20.74 28.83
C THR D 215 -15.43 19.37 29.17
N PRO D 216 -15.09 19.10 30.43
CA PRO D 216 -14.56 17.78 30.76
C PRO D 216 -15.63 16.69 30.90
N LEU D 217 -16.92 17.01 30.83
CA LEU D 217 -17.94 16.16 31.44
C LEU D 217 -18.17 14.88 30.66
N SER D 218 -18.46 15.00 29.36
CA SER D 218 -18.62 13.81 28.54
C SER D 218 -17.33 12.99 28.52
N ALA D 219 -16.17 13.65 28.40
CA ALA D 219 -14.90 12.96 28.55
C ALA D 219 -14.90 12.02 29.75
N LEU D 220 -15.31 12.51 30.93
CA LEU D 220 -15.30 11.69 32.13
C LEU D 220 -16.31 10.57 32.06
N TYR D 221 -17.45 10.81 31.41
CA TYR D 221 -18.44 9.74 31.29
C TYR D 221 -17.88 8.59 30.44
N MET D 222 -17.11 8.94 29.40
CA MET D 222 -16.41 7.91 28.63
C MET D 222 -15.57 7.00 29.53
N GLY D 223 -15.01 7.53 30.63
CA GLY D 223 -14.18 6.72 31.49
C GLY D 223 -14.89 5.50 32.06
N ALA D 224 -16.11 5.69 32.55
CA ALA D 224 -16.88 4.55 32.99
C ALA D 224 -17.18 3.59 31.83
N LEU D 225 -17.44 4.14 30.65
CA LEU D 225 -17.66 3.28 29.49
C LEU D 225 -16.41 2.51 29.11
N ILE D 226 -15.23 3.06 29.41
CA ILE D 226 -13.98 2.35 29.13
C ILE D 226 -13.81 1.16 30.07
N LYS D 227 -14.02 1.39 31.38
CA LYS D 227 -14.08 0.30 32.34
C LYS D 227 -15.14 -0.73 31.92
N GLU D 228 -16.27 -0.27 31.39
CA GLU D 228 -17.36 -1.19 31.14
C GLU D 228 -17.07 -2.08 29.92
N ALA D 229 -16.58 -1.51 28.82
CA ALA D 229 -16.12 -2.38 27.75
C ALA D 229 -14.89 -3.17 28.17
N GLY D 230 -14.19 -2.75 29.22
CA GLY D 230 -13.14 -3.57 29.81
C GLY D 230 -11.81 -3.44 29.11
N PHE D 231 -11.33 -2.21 28.95
CA PHE D 231 -9.93 -2.08 28.61
C PHE D 231 -9.13 -2.42 29.88
N PRO D 232 -7.91 -2.94 29.73
CA PRO D 232 -7.08 -3.15 30.91
C PRO D 232 -6.84 -1.83 31.63
N PRO D 233 -6.65 -1.86 32.96
CA PRO D 233 -6.43 -0.60 33.69
C PRO D 233 -5.13 0.09 33.29
N GLY D 234 -5.10 1.41 33.46
CA GLY D 234 -3.96 2.22 33.05
C GLY D 234 -3.85 2.45 31.56
N VAL D 235 -4.82 2.00 30.78
CA VAL D 235 -4.69 2.13 29.33
C VAL D 235 -5.30 3.43 28.84
N ILE D 236 -6.43 3.86 29.40
CA ILE D 236 -6.96 5.20 29.13
C ILE D 236 -7.12 5.91 30.45
N ASN D 237 -6.40 7.02 30.64
CA ASN D 237 -6.47 7.82 31.85
C ASN D 237 -6.90 9.25 31.54
N ILE D 238 -7.98 9.69 32.16
CA ILE D 238 -8.58 10.97 31.83
C ILE D 238 -8.38 11.95 33.00
N LEU D 239 -7.59 13.01 32.78
CA LEU D 239 -7.32 14.03 33.81
C LEU D 239 -7.90 15.38 33.42
N PRO D 240 -8.94 15.85 34.07
CA PRO D 240 -9.50 17.17 33.75
C PRO D 240 -8.78 18.26 34.52
N GLY D 241 -8.66 19.42 33.91
CA GLY D 241 -7.89 20.48 34.53
C GLY D 241 -7.36 21.45 33.48
N TYR D 242 -6.37 22.25 33.88
CA TYR D 242 -6.04 23.45 33.11
C TYR D 242 -4.71 23.31 32.39
N GLY D 243 -4.64 24.04 31.27
CA GLY D 243 -3.44 24.14 30.45
C GLY D 243 -2.15 24.40 31.20
N PRO D 244 -2.12 25.43 32.05
CA PRO D 244 -0.91 25.68 32.86
C PRO D 244 -0.54 24.55 33.81
N THR D 245 -1.53 23.85 34.36
CA THR D 245 -1.25 22.83 35.37
C THR D 245 -1.18 21.44 34.76
N ALA D 246 -2.36 20.83 34.56
CA ALA D 246 -2.38 19.49 34.03
C ALA D 246 -1.77 19.46 32.63
N GLY D 247 -2.20 20.38 31.77
CA GLY D 247 -1.70 20.41 30.40
C GLY D 247 -0.19 20.53 30.33
N ALA D 248 0.35 21.49 31.06
CA ALA D 248 1.78 21.71 31.01
C ALA D 248 2.51 20.56 31.67
N ALA D 249 1.88 19.91 32.65
CA ALA D 249 2.47 18.70 33.21
C ALA D 249 2.71 17.66 32.12
N ILE D 250 1.66 17.31 31.38
CA ILE D 250 1.76 16.35 30.29
C ILE D 250 2.78 16.82 29.26
N ALA D 251 2.74 18.09 28.92
CA ALA D 251 3.54 18.52 27.79
C ALA D 251 5.04 18.44 28.06
N SER D 252 5.43 18.35 29.33
CA SER D 252 6.82 18.35 29.73
C SER D 252 7.23 17.08 30.46
N HIS D 253 6.31 16.13 30.64
CA HIS D 253 6.63 14.96 31.45
C HIS D 253 7.71 14.12 30.78
N ILE D 254 8.61 13.60 31.63
CA ILE D 254 9.77 12.81 31.20
C ILE D 254 9.36 11.43 30.70
N GLY D 255 8.21 10.94 31.13
CA GLY D 255 7.81 9.60 30.83
C GLY D 255 6.65 9.50 29.87
N ILE D 256 6.56 10.43 28.93
CA ILE D 256 5.55 10.39 27.88
C ILE D 256 6.25 10.51 26.53
N ASP D 257 5.89 9.61 25.60
CA ASP D 257 6.62 9.44 24.36
C ASP D 257 6.08 10.31 23.24
N LYS D 258 4.80 10.51 23.23
CA LYS D 258 4.13 11.27 22.18
C LYS D 258 3.17 12.20 22.88
N ILE D 259 3.16 13.46 22.46
CA ILE D 259 2.13 14.40 22.86
C ILE D 259 1.44 14.89 21.61
N ALA D 260 0.11 14.89 21.63
CA ALA D 260 -0.72 15.35 20.51
C ALA D 260 -1.69 16.40 21.03
N PHE D 261 -1.61 17.62 20.49
CA PHE D 261 -2.32 18.76 21.02
C PHE D 261 -3.12 19.45 19.91
N THR D 262 -4.25 20.06 20.29
CA THR D 262 -5.12 20.75 19.36
C THR D 262 -5.67 22.01 20.02
N GLY D 263 -5.45 23.16 19.38
CA GLY D 263 -5.93 24.41 19.92
C GLY D 263 -5.11 25.58 19.37
N SER D 264 -5.01 26.62 20.20
CA SER D 264 -4.52 27.92 19.74
C SER D 264 -3.01 27.90 19.47
N THR D 265 -2.62 28.45 18.31
CA THR D 265 -1.22 28.50 17.89
C THR D 265 -0.33 29.14 18.95
N GLU D 266 -0.89 30.02 19.78
CA GLU D 266 -0.21 30.49 20.98
C GLU D 266 0.25 29.31 21.82
N VAL D 267 -0.71 28.61 22.44
CA VAL D 267 -0.38 27.52 23.34
C VAL D 267 0.37 26.41 22.60
N GLY D 268 0.13 26.27 21.31
CA GLY D 268 0.84 25.26 20.54
C GLY D 268 2.34 25.46 20.55
N LYS D 269 2.79 26.70 20.31
CA LYS D 269 4.22 27.01 20.31
C LYS D 269 4.89 26.53 21.59
N LEU D 270 4.21 26.72 22.73
CA LEU D 270 4.81 26.40 24.02
C LEU D 270 5.03 24.90 24.14
N ILE D 271 4.04 24.12 23.72
CA ILE D 271 4.13 22.66 23.75
C ILE D 271 5.40 22.19 23.03
N GLN D 272 5.61 22.65 21.79
CA GLN D 272 6.74 22.15 21.01
C GLN D 272 8.10 22.45 21.67
N GLU D 273 8.25 23.66 22.23
CA GLU D 273 9.50 23.97 22.93
C GLU D 273 9.61 23.21 24.25
N ALA D 274 8.50 23.07 24.97
CA ALA D 274 8.46 22.31 26.22
C ALA D 274 8.65 20.81 25.97
N ALA D 275 8.86 20.44 24.71
CA ALA D 275 9.04 19.05 24.33
C ALA D 275 10.41 18.74 23.75
N GLY D 276 11.10 19.74 23.18
CA GLY D 276 12.52 19.61 22.90
C GLY D 276 13.39 19.87 24.11
N ARG D 277 12.90 20.63 25.09
CA ARG D 277 13.52 20.80 26.39
C ARG D 277 12.99 19.82 27.40
N SER D 278 12.23 18.81 26.95
CA SER D 278 11.70 17.77 27.82
C SER D 278 12.45 16.46 27.57
N ASN D 279 12.02 15.72 26.55
CA ASN D 279 12.64 14.44 26.28
C ASN D 279 12.64 14.13 24.78
N LEU D 280 12.51 15.17 23.96
CA LEU D 280 12.42 15.06 22.50
C LEU D 280 11.20 14.27 22.05
N LYS D 281 10.22 14.13 22.93
CA LYS D 281 9.01 13.38 22.62
C LYS D 281 8.42 13.85 21.29
N ARG D 282 8.03 12.90 20.45
CA ARG D 282 7.33 13.28 19.21
C ARG D 282 6.12 14.14 19.57
N VAL D 283 5.74 15.04 18.64
CA VAL D 283 4.75 16.08 18.95
C VAL D 283 3.83 16.28 17.75
N THR D 284 2.53 16.11 17.95
CA THR D 284 1.52 16.45 16.96
C THR D 284 0.79 17.71 17.38
N LEU D 285 0.64 18.67 16.46
CA LEU D 285 -0.07 19.92 16.73
C LEU D 285 -1.08 20.17 15.63
N GLU D 286 -2.35 20.15 15.98
CA GLU D 286 -3.41 20.55 15.07
C GLU D 286 -3.88 21.93 15.56
N LEU D 287 -3.57 22.95 14.76
CA LEU D 287 -3.89 24.32 15.14
C LEU D 287 -4.88 24.89 14.13
N GLY D 288 -5.63 25.89 14.59
CA GLY D 288 -6.59 26.53 13.71
C GLY D 288 -5.93 27.07 12.46
N GLY D 289 -6.75 27.29 11.44
CA GLY D 289 -6.26 27.89 10.22
C GLY D 289 -7.38 28.69 9.62
N LYS D 290 -7.05 29.42 8.57
CA LYS D 290 -8.08 30.13 7.84
C LYS D 290 -8.69 29.19 6.81
N SER D 291 -10.00 29.35 6.59
CA SER D 291 -10.76 28.46 5.71
C SER D 291 -11.48 29.30 4.68
N PRO D 292 -10.78 29.65 3.61
CA PRO D 292 -11.43 30.38 2.52
C PRO D 292 -12.44 29.52 1.78
N ASN D 293 -13.31 30.20 1.04
CA ASN D 293 -14.64 29.69 0.72
C ASN D 293 -15.03 30.29 -0.63
N ILE D 294 -14.52 29.70 -1.70
CA ILE D 294 -14.62 30.33 -3.02
C ILE D 294 -15.92 29.88 -3.71
N ILE D 295 -16.76 30.85 -4.05
CA ILE D 295 -18.05 30.59 -4.67
C ILE D 295 -18.07 31.30 -6.01
N PHE D 296 -17.91 30.55 -7.10
CA PHE D 296 -18.04 31.15 -8.41
C PHE D 296 -19.51 31.34 -8.75
N ALA D 297 -19.76 32.14 -9.79
CA ALA D 297 -21.15 32.48 -10.10
C ALA D 297 -21.90 31.30 -10.70
N ASP D 298 -21.21 30.35 -11.35
CA ASP D 298 -21.96 29.28 -11.97
C ASP D 298 -22.50 28.23 -10.98
N ALA D 299 -22.43 28.47 -9.67
CA ALA D 299 -22.88 27.50 -8.69
C ALA D 299 -24.37 27.68 -8.44
N ASP D 300 -25.00 26.64 -7.87
CA ASP D 300 -26.37 26.79 -7.41
C ASP D 300 -26.39 27.75 -6.24
N LEU D 301 -26.98 28.92 -6.43
CA LEU D 301 -26.91 29.94 -5.39
C LEU D 301 -27.61 29.49 -4.12
N ASP D 302 -28.74 28.80 -4.25
CA ASP D 302 -29.47 28.36 -3.07
C ASP D 302 -28.68 27.31 -2.30
N TYR D 303 -28.03 26.40 -3.02
CA TYR D 303 -27.18 25.41 -2.38
C TYR D 303 -26.04 26.11 -1.66
N ALA D 304 -25.28 26.93 -2.39
CA ALA D 304 -24.09 27.55 -1.82
C ALA D 304 -24.43 28.47 -0.65
N VAL D 305 -25.49 29.27 -0.76
CA VAL D 305 -25.86 30.14 0.35
C VAL D 305 -26.22 29.30 1.58
N GLU D 306 -26.72 28.09 1.38
CA GLU D 306 -27.07 27.25 2.50
C GLU D 306 -25.85 26.51 3.05
N GLN D 307 -24.95 26.09 2.16
CA GLN D 307 -23.74 25.39 2.59
C GLN D 307 -22.77 26.35 3.28
N ALA D 308 -22.53 27.51 2.66
CA ALA D 308 -21.63 28.47 3.26
C ALA D 308 -22.19 28.99 4.58
N HIS D 309 -23.51 28.99 4.73
CA HIS D 309 -24.11 29.34 6.02
C HIS D 309 -23.96 28.24 7.05
N GLN D 310 -24.00 26.97 6.63
CA GLN D 310 -23.68 25.89 7.55
C GLN D 310 -22.19 25.78 7.78
N GLY D 311 -21.38 26.23 6.82
CA GLY D 311 -19.94 26.22 6.94
C GLY D 311 -19.39 27.30 7.85
N VAL D 312 -20.16 28.36 8.12
CA VAL D 312 -19.73 29.37 9.08
C VAL D 312 -20.52 29.30 10.38
N PHE D 313 -21.78 28.85 10.36
CA PHE D 313 -22.65 28.93 11.53
C PHE D 313 -22.79 27.61 12.27
N PHE D 314 -22.10 26.56 11.82
CA PHE D 314 -22.17 25.27 12.52
C PHE D 314 -21.40 25.30 13.84
N ASN D 315 -21.98 24.66 14.86
CA ASN D 315 -21.45 24.70 16.23
C ASN D 315 -21.21 26.16 16.65
N GLN D 316 -22.14 27.03 16.27
CA GLN D 316 -22.09 28.47 16.60
C GLN D 316 -20.75 29.09 16.17
N GLY D 317 -20.27 28.70 14.99
CA GLY D 317 -19.00 29.17 14.48
C GLY D 317 -17.77 28.63 15.18
N GLN D 318 -17.94 27.91 16.30
CA GLN D 318 -16.82 27.37 17.07
C GLN D 318 -16.41 25.99 16.53
N CYS D 319 -15.99 26.01 15.27
CA CYS D 319 -15.63 24.83 14.49
C CYS D 319 -14.17 25.00 14.04
N CYS D 320 -13.26 24.22 14.65
CA CYS D 320 -11.85 24.32 14.25
C CYS D 320 -11.65 23.85 12.81
N THR D 321 -12.59 23.05 12.30
CA THR D 321 -12.57 22.58 10.91
C THR D 321 -13.24 23.52 9.91
N ALA D 322 -14.06 24.47 10.37
CA ALA D 322 -14.80 25.37 9.49
C ALA D 322 -14.31 26.82 9.66
N GLY D 323 -14.58 27.63 8.62
CA GLY D 323 -14.02 28.97 8.52
C GLY D 323 -14.99 30.12 8.49
N SER D 324 -14.61 31.24 7.84
CA SER D 324 -15.45 32.43 7.87
C SER D 324 -15.15 33.41 6.75
N ARG D 325 -14.05 33.21 6.02
CA ARG D 325 -13.71 34.02 4.85
C ARG D 325 -14.40 33.44 3.61
N ILE D 326 -15.41 34.15 3.10
CA ILE D 326 -16.25 33.70 1.99
C ILE D 326 -16.02 34.62 0.79
N PHE D 327 -15.54 34.05 -0.29
CA PHE D 327 -15.18 34.83 -1.46
C PHE D 327 -16.26 34.62 -2.51
N VAL D 328 -17.10 35.63 -2.72
CA VAL D 328 -18.20 35.55 -3.70
C VAL D 328 -17.81 36.31 -4.95
N GLU D 329 -18.18 35.77 -6.11
CA GLU D 329 -17.87 36.42 -7.38
C GLU D 329 -18.80 37.59 -7.60
N GLU D 330 -18.24 38.73 -8.02
CA GLU D 330 -18.97 39.98 -8.20
C GLU D 330 -20.36 39.79 -8.82
N SER D 331 -20.42 39.06 -9.93
CA SER D 331 -21.65 38.76 -10.62
C SER D 331 -22.79 38.41 -9.66
N ILE D 332 -22.49 37.61 -8.65
CA ILE D 332 -23.49 37.13 -7.71
C ILE D 332 -23.31 37.71 -6.33
N TYR D 333 -22.46 38.74 -6.17
CA TYR D 333 -22.13 39.23 -4.83
C TYR D 333 -23.35 39.83 -4.14
N GLU D 334 -24.03 40.76 -4.82
CA GLU D 334 -25.22 41.38 -4.26
C GLU D 334 -26.23 40.33 -3.81
N GLU D 335 -26.70 39.53 -4.77
CA GLU D 335 -27.73 38.54 -4.48
C GLU D 335 -27.28 37.57 -3.39
N PHE D 336 -25.99 37.20 -3.35
CA PHE D 336 -25.50 36.31 -2.31
C PHE D 336 -25.70 36.92 -0.94
N VAL D 337 -25.14 38.12 -0.73
CA VAL D 337 -25.34 38.81 0.55
C VAL D 337 -26.79 38.79 0.95
N ARG D 338 -27.67 39.26 0.05
CA ARG D 338 -29.10 39.32 0.37
C ARG D 338 -29.60 37.96 0.84
N ARG D 339 -29.24 36.90 0.12
CA ARG D 339 -29.66 35.56 0.51
C ARG D 339 -29.12 35.19 1.88
N SER D 340 -27.83 35.41 2.10
CA SER D 340 -27.20 35.02 3.37
C SER D 340 -27.80 35.79 4.54
N VAL D 341 -28.05 37.09 4.38
CA VAL D 341 -28.61 37.86 5.50
C VAL D 341 -30.04 37.43 5.77
N GLU D 342 -30.77 36.97 4.76
CA GLU D 342 -32.08 36.41 5.07
C GLU D 342 -31.93 35.12 5.86
N ARG D 343 -30.85 34.36 5.60
CA ARG D 343 -30.64 33.11 6.32
C ARG D 343 -30.32 33.38 7.79
N ALA D 344 -29.42 34.33 8.04
CA ALA D 344 -29.06 34.63 9.42
C ALA D 344 -30.24 35.22 10.16
N LYS D 345 -31.02 36.08 9.50
CA LYS D 345 -32.15 36.74 10.15
C LYS D 345 -33.26 35.77 10.51
N ARG D 346 -33.34 34.63 9.81
CA ARG D 346 -34.26 33.55 10.12
C ARG D 346 -33.59 32.39 10.83
N ARG D 347 -32.36 32.56 11.34
CA ARG D 347 -31.60 31.45 11.93
C ARG D 347 -31.83 31.41 13.43
N VAL D 348 -32.54 30.38 13.90
CA VAL D 348 -33.04 30.34 15.27
C VAL D 348 -31.89 30.21 16.27
N VAL D 349 -31.79 31.19 17.18
CA VAL D 349 -30.85 31.16 18.30
C VAL D 349 -31.65 31.02 19.58
N GLY D 350 -31.38 29.99 20.35
CA GLY D 350 -32.18 29.77 21.53
C GLY D 350 -31.57 28.76 22.47
N SER D 351 -32.41 28.17 23.28
CA SER D 351 -31.92 27.21 24.26
C SER D 351 -31.49 25.96 23.55
N PRO D 352 -30.31 25.41 23.87
CA PRO D 352 -29.87 24.20 23.16
C PRO D 352 -30.85 23.03 23.29
N PHE D 353 -31.66 22.96 24.33
CA PHE D 353 -32.50 21.80 24.48
C PHE D 353 -33.84 21.94 23.79
N ASP D 354 -34.13 23.11 23.22
CA ASP D 354 -35.34 23.31 22.42
C ASP D 354 -35.07 22.88 20.98
N PRO D 355 -35.82 21.91 20.44
CA PRO D 355 -35.44 21.25 19.18
C PRO D 355 -35.58 22.08 17.93
N THR D 356 -35.97 23.35 18.03
CA THR D 356 -36.00 24.27 16.89
C THR D 356 -34.81 25.21 16.88
N THR D 357 -33.81 25.01 17.74
CA THR D 357 -32.72 25.97 17.82
C THR D 357 -31.61 25.50 16.89
N GLU D 358 -31.20 26.38 15.98
CA GLU D 358 -30.08 26.04 15.13
C GLU D 358 -28.74 26.42 15.74
N GLN D 359 -28.70 27.36 16.70
CA GLN D 359 -27.46 27.95 17.19
C GLN D 359 -27.55 28.17 18.70
N GLY D 360 -26.63 27.54 19.44
CA GLY D 360 -26.56 27.71 20.87
C GLY D 360 -25.70 28.88 21.31
N PRO D 361 -25.35 28.93 22.59
CA PRO D 361 -24.49 30.00 23.07
C PRO D 361 -23.04 29.79 22.64
N GLN D 362 -22.17 30.73 22.99
CA GLN D 362 -20.72 30.55 22.92
C GLN D 362 -20.20 29.93 24.22
N ILE D 363 -18.95 29.46 24.18
CA ILE D 363 -18.53 28.52 25.21
C ILE D 363 -18.38 29.21 26.56
N ASP D 364 -17.97 30.47 26.56
CA ASP D 364 -17.77 31.17 27.83
C ASP D 364 -17.60 32.65 27.52
N LYS D 365 -17.48 33.43 28.59
CA LYS D 365 -17.45 34.89 28.44
C LYS D 365 -16.18 35.36 27.76
N LYS D 366 -15.04 34.74 28.09
CA LYS D 366 -13.79 35.12 27.44
C LYS D 366 -13.93 35.02 25.93
N GLN D 367 -14.64 34.00 25.46
CA GLN D 367 -14.90 33.87 24.03
C GLN D 367 -15.93 34.87 23.53
N TYR D 368 -17.04 34.99 24.26
CA TYR D 368 -18.07 36.00 23.99
C TYR D 368 -17.46 37.39 23.78
N ASN D 369 -16.62 37.85 24.71
CA ASN D 369 -16.03 39.18 24.55
C ASN D 369 -15.15 39.26 23.32
N LYS D 370 -14.22 38.32 23.17
CA LYS D 370 -13.28 38.36 22.06
C LYS D 370 -13.99 38.46 20.72
N ILE D 371 -15.20 37.91 20.60
CA ILE D 371 -15.86 38.00 19.32
C ILE D 371 -16.49 39.36 19.14
N LEU D 372 -17.19 39.85 20.17
CA LEU D 372 -17.74 41.21 20.12
C LEU D 372 -16.65 42.23 19.82
N GLU D 373 -15.57 42.21 20.60
CA GLU D 373 -14.45 43.10 20.34
C GLU D 373 -14.03 43.02 18.89
N LEU D 374 -14.19 41.87 18.26
CA LEU D 374 -13.85 41.76 16.83
C LEU D 374 -14.97 42.28 15.93
N ILE D 375 -16.24 42.03 16.25
CA ILE D 375 -17.32 42.57 15.43
C ILE D 375 -17.21 44.09 15.39
N GLN D 376 -17.12 44.72 16.58
CA GLN D 376 -16.97 46.17 16.65
C GLN D 376 -15.65 46.63 16.04
N SER D 377 -14.61 45.79 16.09
CA SER D 377 -13.40 46.04 15.31
C SER D 377 -13.74 46.28 13.85
N GLY D 378 -14.35 45.28 13.18
CA GLY D 378 -14.64 45.41 11.77
C GLY D 378 -15.67 46.48 11.44
N VAL D 379 -16.64 46.70 12.33
CA VAL D 379 -17.59 47.78 12.10
C VAL D 379 -16.87 49.11 12.09
N ALA D 380 -15.72 49.21 12.77
CA ALA D 380 -14.93 50.43 12.84
C ALA D 380 -13.81 50.48 11.80
N GLU D 381 -13.91 49.65 10.76
CA GLU D 381 -12.95 49.70 9.66
C GLU D 381 -13.67 49.73 8.31
N GLY D 382 -14.96 50.06 8.33
CA GLY D 382 -15.69 50.23 7.10
C GLY D 382 -16.26 48.93 6.56
N ALA D 383 -16.70 48.06 7.46
CA ALA D 383 -17.43 46.87 7.07
C ALA D 383 -18.93 47.11 7.25
N LYS D 384 -19.72 46.82 6.22
CA LYS D 384 -21.17 47.08 6.30
C LYS D 384 -21.82 45.96 7.10
N LEU D 385 -22.12 46.22 8.36
CA LEU D 385 -22.87 45.28 9.18
C LEU D 385 -24.24 45.10 8.56
N GLU D 386 -24.53 43.89 8.09
CA GLU D 386 -25.83 43.62 7.49
C GLU D 386 -26.85 43.13 8.50
N CYS D 387 -26.42 42.40 9.52
CA CYS D 387 -27.23 42.13 10.70
C CYS D 387 -26.31 41.61 11.82
N GLY D 388 -26.92 41.33 12.98
CA GLY D 388 -26.19 40.83 14.13
C GLY D 388 -25.25 41.88 14.70
N GLY D 389 -24.17 41.42 15.33
CA GLY D 389 -23.14 42.30 15.82
C GLY D 389 -23.32 42.75 17.26
N LYS D 390 -24.23 42.12 17.99
CA LYS D 390 -24.50 42.43 19.38
C LYS D 390 -24.90 41.11 20.07
N GLY D 391 -24.74 41.07 21.38
CA GLY D 391 -25.16 39.89 22.11
C GLY D 391 -26.65 39.65 22.02
N LEU D 392 -27.13 38.57 22.64
CA LEU D 392 -28.55 38.25 22.58
C LEU D 392 -29.23 38.44 23.94
N GLY D 393 -29.03 37.52 24.89
CA GLY D 393 -29.70 37.59 26.17
C GLY D 393 -28.99 38.50 27.16
N ARG D 394 -29.50 38.48 28.39
CA ARG D 394 -28.73 38.94 29.53
C ARG D 394 -27.86 37.82 30.06
N LYS D 395 -28.44 36.65 30.30
CA LYS D 395 -27.69 35.50 30.79
C LYS D 395 -27.26 34.58 29.63
N GLY D 396 -26.20 33.82 29.85
CA GLY D 396 -25.60 32.98 28.83
C GLY D 396 -24.50 33.68 28.05
N PHE D 397 -24.21 33.13 26.88
CA PHE D 397 -23.18 33.72 26.00
C PHE D 397 -23.69 33.76 24.55
N PHE D 398 -24.91 34.25 24.34
CA PHE D 398 -25.56 34.20 23.03
C PHE D 398 -25.24 35.45 22.20
N ILE D 399 -24.87 35.23 20.94
CA ILE D 399 -24.48 36.29 20.01
C ILE D 399 -25.38 36.21 18.78
N GLU D 400 -26.07 37.31 18.48
CA GLU D 400 -26.86 37.43 17.27
C GLU D 400 -26.03 37.01 16.06
N PRO D 401 -26.55 36.12 15.21
CA PRO D 401 -25.85 35.79 13.95
C PRO D 401 -25.65 37.05 13.12
N THR D 402 -24.38 37.39 12.87
CA THR D 402 -24.00 38.64 12.24
C THR D 402 -23.38 38.41 10.87
N VAL D 403 -23.71 39.29 9.91
CA VAL D 403 -23.18 39.26 8.54
C VAL D 403 -22.50 40.58 8.25
N PHE D 404 -21.33 40.51 7.63
CA PHE D 404 -20.56 41.69 7.23
C PHE D 404 -20.45 41.75 5.71
N SER D 405 -20.28 42.95 5.18
CA SER D 405 -20.19 43.16 3.74
C SER D 405 -18.99 44.02 3.39
N ASN D 406 -18.55 43.92 2.14
CA ASN D 406 -17.45 44.71 1.59
C ASN D 406 -16.21 44.62 2.47
N VAL D 407 -15.91 43.41 2.91
CA VAL D 407 -14.71 43.16 3.69
C VAL D 407 -13.50 43.17 2.75
N THR D 408 -12.54 44.05 3.03
CA THR D 408 -11.31 44.00 2.24
C THR D 408 -10.33 43.03 2.86
N ASP D 409 -9.30 42.67 2.08
CA ASP D 409 -8.27 41.76 2.55
C ASP D 409 -7.64 42.24 3.84
N ASP D 410 -7.40 43.54 3.93
CA ASP D 410 -6.58 44.05 5.02
C ASP D 410 -7.40 44.52 6.21
N MET D 411 -8.73 44.36 6.20
CA MET D 411 -9.50 44.52 7.43
C MET D 411 -9.00 43.55 8.48
N ARG D 412 -9.04 43.99 9.74
CA ARG D 412 -8.60 43.10 10.82
C ARG D 412 -9.43 41.83 10.81
N ILE D 413 -10.75 42.00 10.85
CA ILE D 413 -11.75 40.95 10.76
C ILE D 413 -11.44 39.91 9.70
N ALA D 414 -10.76 40.29 8.63
CA ALA D 414 -10.37 39.30 7.63
C ALA D 414 -9.09 38.58 8.00
N LYS D 415 -8.07 39.32 8.45
CA LYS D 415 -6.77 38.71 8.71
C LYS D 415 -6.80 37.73 9.87
N GLU D 416 -7.77 37.86 10.76
CA GLU D 416 -7.90 37.04 11.95
C GLU D 416 -9.24 36.32 11.92
N GLU D 417 -9.20 34.99 11.93
CA GLU D 417 -10.43 34.22 11.95
C GLU D 417 -11.21 34.48 13.24
N ILE D 418 -12.53 34.53 13.12
CA ILE D 418 -13.43 34.86 14.22
C ILE D 418 -14.22 33.62 14.58
N PHE D 419 -13.98 33.09 15.76
CA PHE D 419 -14.46 31.76 16.12
C PHE D 419 -15.91 31.78 16.58
N GLY D 420 -16.75 32.57 15.93
CA GLY D 420 -18.16 32.62 16.28
C GLY D 420 -19.02 32.91 15.07
N PRO D 421 -20.31 33.23 15.31
CA PRO D 421 -21.30 33.38 14.23
C PRO D 421 -21.16 34.70 13.47
N VAL D 422 -20.01 34.86 12.81
CA VAL D 422 -19.72 36.05 12.03
C VAL D 422 -19.38 35.60 10.62
N GLN D 423 -20.25 35.92 9.68
CA GLN D 423 -20.07 35.61 8.27
C GLN D 423 -19.50 36.84 7.59
N GLU D 424 -18.33 36.72 6.96
CA GLU D 424 -17.69 37.86 6.30
C GLU D 424 -17.58 37.57 4.81
N ILE D 425 -18.33 38.31 4.00
CA ILE D 425 -18.44 38.05 2.58
C ILE D 425 -17.56 39.04 1.82
N LEU D 426 -16.52 38.53 1.18
CA LEU D 426 -15.62 39.31 0.35
C LEU D 426 -16.02 39.17 -1.11
N ARG D 427 -15.40 39.99 -1.96
CA ARG D 427 -15.75 40.09 -3.37
C ARG D 427 -14.54 39.69 -4.20
N PHE D 428 -14.78 39.06 -5.35
CA PHE D 428 -13.71 38.74 -6.29
C PHE D 428 -14.26 38.71 -7.71
N LYS D 429 -13.37 38.94 -8.67
CA LYS D 429 -13.77 39.11 -10.07
C LYS D 429 -13.04 38.14 -11.00
N THR D 430 -11.82 37.71 -10.63
CA THR D 430 -11.02 36.82 -11.47
C THR D 430 -10.53 35.59 -10.68
N MET D 431 -10.39 34.48 -11.40
CA MET D 431 -10.03 33.21 -10.75
C MET D 431 -8.65 33.26 -10.13
N ASP D 432 -7.65 33.74 -10.88
CA ASP D 432 -6.31 33.80 -10.32
C ASP D 432 -6.22 34.81 -9.18
N GLU D 433 -7.01 35.88 -9.25
CA GLU D 433 -7.15 36.79 -8.11
C GLU D 433 -7.53 36.02 -6.84
N VAL D 434 -8.71 35.41 -6.86
CA VAL D 434 -9.25 34.74 -5.69
C VAL D 434 -8.35 33.62 -5.22
N ILE D 435 -7.48 33.11 -6.08
CA ILE D 435 -6.60 32.01 -5.67
C ILE D 435 -5.43 32.55 -4.84
N GLU D 436 -4.75 33.59 -5.34
CA GLU D 436 -3.61 34.12 -4.60
C GLU D 436 -4.06 34.74 -3.27
N ARG D 437 -5.26 35.34 -3.27
CA ARG D 437 -5.84 35.93 -2.07
C ARG D 437 -6.10 34.88 -0.98
N ALA D 438 -6.90 33.86 -1.31
CA ALA D 438 -7.11 32.76 -0.37
C ALA D 438 -5.80 32.12 0.02
N ASN D 439 -4.87 32.04 -0.92
CA ASN D 439 -3.60 31.35 -0.69
C ASN D 439 -2.79 32.02 0.43
N ASN D 440 -2.67 33.35 0.40
CA ASN D 440 -1.73 33.97 1.33
C ASN D 440 -2.23 33.78 2.76
N SER D 441 -1.33 33.30 3.62
CA SER D 441 -1.70 32.62 4.85
C SER D 441 -0.48 32.14 5.60
N ASP D 442 -0.57 32.17 6.91
CA ASP D 442 0.35 31.42 7.76
C ASP D 442 0.21 29.93 7.52
N PHE D 443 0.90 29.11 8.32
CA PHE D 443 0.66 27.67 8.30
C PHE D 443 -0.81 27.39 8.61
N GLY D 444 -1.36 26.38 7.96
CA GLY D 444 -2.73 26.00 8.24
C GLY D 444 -3.75 26.66 7.33
N LEU D 445 -4.55 25.83 6.65
CA LEU D 445 -5.44 26.29 5.60
C LEU D 445 -6.25 25.14 5.02
N VAL D 446 -7.57 25.30 5.00
CA VAL D 446 -8.47 24.39 4.28
C VAL D 446 -9.33 25.23 3.36
N ALA D 447 -9.71 24.64 2.22
CA ALA D 447 -10.37 25.39 1.16
C ALA D 447 -11.65 24.69 0.73
N ALA D 448 -12.62 25.48 0.28
CA ALA D 448 -13.90 24.96 -0.20
C ALA D 448 -14.34 25.80 -1.38
N VAL D 449 -14.63 25.14 -2.53
CA VAL D 449 -15.06 25.82 -3.74
C VAL D 449 -16.39 25.27 -4.20
N PHE D 450 -17.21 26.16 -4.73
CA PHE D 450 -18.51 25.79 -5.28
C PHE D 450 -18.53 26.23 -6.73
N THR D 451 -18.44 25.28 -7.64
CA THR D 451 -18.50 25.59 -9.04
C THR D 451 -19.05 24.38 -9.76
N ASN D 452 -19.56 24.62 -10.96
CA ASN D 452 -19.87 23.53 -11.86
C ASN D 452 -18.87 23.39 -12.98
N ASP D 453 -18.20 24.47 -13.39
CA ASP D 453 -17.10 24.33 -14.36
C ASP D 453 -16.05 23.40 -13.76
N ILE D 454 -15.88 22.23 -14.39
CA ILE D 454 -14.90 21.29 -13.87
C ILE D 454 -13.50 21.85 -14.04
N ASN D 455 -13.25 22.61 -15.11
CA ASN D 455 -11.92 23.22 -15.22
C ASN D 455 -11.68 24.18 -14.08
N LYS D 456 -12.70 24.93 -13.66
CA LYS D 456 -12.53 25.82 -12.53
C LYS D 456 -12.20 25.02 -11.25
N ALA D 457 -12.95 23.96 -10.97
CA ALA D 457 -12.66 23.16 -9.78
C ALA D 457 -11.23 22.59 -9.81
N LEU D 458 -10.82 22.05 -10.95
CA LEU D 458 -9.49 21.46 -11.06
C LEU D 458 -8.39 22.49 -10.82
N THR D 459 -8.46 23.66 -11.47
CA THR D 459 -7.38 24.63 -11.29
C THR D 459 -7.30 25.08 -9.85
N VAL D 460 -8.46 25.36 -9.24
CA VAL D 460 -8.47 25.96 -7.91
C VAL D 460 -7.99 24.95 -6.88
N SER D 461 -8.55 23.74 -6.93
CA SER D 461 -8.27 22.78 -5.87
C SER D 461 -6.83 22.30 -5.94
N SER D 462 -6.21 22.31 -7.12
CA SER D 462 -4.78 22.05 -7.21
C SER D 462 -3.99 23.25 -6.71
N ALA D 463 -4.48 24.47 -6.98
CA ALA D 463 -3.75 25.69 -6.64
C ALA D 463 -3.78 26.03 -5.15
N MET D 464 -4.84 25.66 -4.43
CA MET D 464 -4.89 25.97 -3.00
C MET D 464 -3.76 25.25 -2.27
N GLN D 465 -3.00 26.00 -1.48
CA GLN D 465 -2.00 25.40 -0.58
C GLN D 465 -2.70 24.94 0.70
N ALA D 466 -3.66 24.03 0.55
CA ALA D 466 -4.43 23.53 1.67
C ALA D 466 -4.21 22.04 1.82
N GLY D 467 -4.64 21.50 2.96
CA GLY D 467 -4.46 20.08 3.18
C GLY D 467 -5.74 19.32 2.97
N THR D 468 -6.83 20.08 2.89
CA THR D 468 -8.18 19.56 2.68
C THR D 468 -8.93 20.53 1.78
N VAL D 469 -9.57 20.00 0.74
CA VAL D 469 -10.28 20.81 -0.25
C VAL D 469 -11.62 20.16 -0.58
N TRP D 470 -12.68 20.93 -0.50
CA TRP D 470 -14.04 20.42 -0.66
C TRP D 470 -14.63 21.02 -1.92
N ILE D 471 -14.88 20.19 -2.92
CA ILE D 471 -15.53 20.63 -4.15
C ILE D 471 -17.03 20.47 -3.95
N ASN D 472 -17.73 21.59 -3.85
CA ASN D 472 -19.18 21.66 -3.71
C ASN D 472 -19.67 21.01 -2.40
N CYS D 473 -19.07 21.43 -1.26
CA CYS D 473 -19.50 21.02 0.08
C CYS D 473 -18.57 21.52 1.19
N TYR D 474 -18.89 21.20 2.46
CA TYR D 474 -17.94 21.14 3.57
C TYR D 474 -18.36 19.99 4.48
N ASN D 475 -17.40 19.51 5.29
CA ASN D 475 -17.67 18.55 6.35
C ASN D 475 -16.84 18.95 7.56
N ALA D 476 -17.17 18.36 8.71
CA ALA D 476 -16.45 18.67 9.95
C ALA D 476 -15.03 18.11 9.91
N GLY D 496 -7.81 9.60 7.31
CA GLY D 496 -8.34 8.49 8.08
C GLY D 496 -7.30 7.46 8.46
N GLU D 497 -6.90 6.65 7.48
CA GLU D 497 -5.77 5.76 7.65
C GLU D 497 -4.44 6.49 7.78
N PHE D 498 -4.36 7.75 7.32
CA PHE D 498 -3.19 8.55 7.62
C PHE D 498 -3.08 8.88 9.10
N GLY D 499 -4.17 8.77 9.86
CA GLY D 499 -4.12 8.97 11.30
C GLY D 499 -3.45 7.83 12.04
N LEU D 500 -3.20 6.71 11.37
CA LEU D 500 -2.60 5.55 12.02
C LEU D 500 -1.08 5.63 12.04
N ARG D 501 -0.47 5.97 10.91
CA ARG D 501 0.98 6.11 10.89
C ARG D 501 1.45 6.97 12.05
N GLU D 502 0.74 8.05 12.32
CA GLU D 502 1.11 8.93 13.41
C GLU D 502 0.71 8.41 14.79
N TYR D 503 0.55 7.10 14.97
CA TYR D 503 0.50 6.54 16.32
C TYR D 503 1.34 5.28 16.42
N SER D 504 2.17 5.00 15.42
CA SER D 504 3.07 3.86 15.41
C SER D 504 4.44 4.29 14.90
N GLU D 505 5.44 3.48 15.23
CA GLU D 505 6.81 3.63 14.74
C GLU D 505 7.24 2.36 14.02
N VAL D 506 8.19 2.52 13.11
CA VAL D 506 8.61 1.46 12.22
C VAL D 506 9.86 0.80 12.79
N LYS D 507 9.75 -0.48 13.11
CA LYS D 507 10.87 -1.31 13.49
C LYS D 507 11.28 -2.12 12.27
N THR D 508 12.60 -2.18 12.00
CA THR D 508 13.13 -2.80 10.80
C THR D 508 14.06 -3.93 11.18
N VAL D 509 13.81 -5.11 10.65
CA VAL D 509 14.65 -6.28 10.91
C VAL D 509 15.23 -6.74 9.59
N THR D 510 16.54 -7.00 9.58
CA THR D 510 17.24 -7.52 8.42
C THR D 510 18.01 -8.75 8.83
N VAL D 511 17.77 -9.86 8.13
CA VAL D 511 18.42 -11.12 8.46
C VAL D 511 19.31 -11.48 7.29
N LYS D 512 20.44 -12.12 7.59
CA LYS D 512 21.32 -12.58 6.53
C LYS D 512 20.93 -13.99 6.14
N ILE D 513 20.81 -14.23 4.83
CA ILE D 513 20.31 -15.49 4.28
C ILE D 513 21.41 -16.17 3.47
N PRO D 514 21.42 -17.52 3.41
CA PRO D 514 22.54 -18.22 2.74
C PRO D 514 22.67 -17.97 1.22
N GLN D 515 21.58 -18.06 0.45
CA GLN D 515 21.66 -17.80 -0.99
C GLN D 515 20.35 -17.20 -1.48
N LYS D 516 20.39 -15.91 -1.84
CA LYS D 516 19.20 -15.17 -2.21
C LYS D 516 18.65 -15.61 -3.57
N ASN D 517 17.32 -15.63 -3.69
CA ASN D 517 16.65 -16.06 -4.92
C ASN D 517 15.44 -15.18 -5.18
N SER D 518 14.93 -15.27 -6.41
CA SER D 518 13.71 -14.57 -6.77
C SER D 518 12.49 -15.20 -6.09
#